data_7EOG
# 
_entry.id   7EOG 
# 
_audit_conform.dict_name       mmcif_pdbx.dic 
_audit_conform.dict_version    5.392 
_audit_conform.dict_location   http://mmcif.pdb.org/dictionaries/ascii/mmcif_pdbx.dic 
# 
loop_
_database_2.database_id 
_database_2.database_code 
_database_2.pdbx_database_accession 
_database_2.pdbx_DOI 
PDB   7EOG         pdb_00007eog 10.2210/pdb7eog/pdb 
WWPDB D_1300021882 ?            ?                   
# 
loop_
_pdbx_audit_revision_history.ordinal 
_pdbx_audit_revision_history.data_content_type 
_pdbx_audit_revision_history.major_revision 
_pdbx_audit_revision_history.minor_revision 
_pdbx_audit_revision_history.revision_date 
1 'Structure model' 1 0 2021-11-24 
2 'Structure model' 1 1 2022-02-16 
3 'Structure model' 1 2 2024-05-29 
# 
_pdbx_audit_revision_details.ordinal             1 
_pdbx_audit_revision_details.revision_ordinal    1 
_pdbx_audit_revision_details.data_content_type   'Structure model' 
_pdbx_audit_revision_details.provider            repository 
_pdbx_audit_revision_details.type                'Initial release' 
_pdbx_audit_revision_details.description         ? 
_pdbx_audit_revision_details.details             ? 
# 
loop_
_pdbx_audit_revision_group.ordinal 
_pdbx_audit_revision_group.revision_ordinal 
_pdbx_audit_revision_group.data_content_type 
_pdbx_audit_revision_group.group 
1 2 'Structure model' 'Database references' 
2 3 'Structure model' 'Data collection'     
# 
loop_
_pdbx_audit_revision_category.ordinal 
_pdbx_audit_revision_category.revision_ordinal 
_pdbx_audit_revision_category.data_content_type 
_pdbx_audit_revision_category.category 
1 2 'Structure model' citation        
2 2 'Structure model' citation_author 
3 3 'Structure model' chem_comp_atom  
4 3 'Structure model' chem_comp_bond  
# 
loop_
_pdbx_audit_revision_item.ordinal 
_pdbx_audit_revision_item.revision_ordinal 
_pdbx_audit_revision_item.data_content_type 
_pdbx_audit_revision_item.item 
1 2 'Structure model' '_citation.journal_volume'          
2 2 'Structure model' '_citation.page_first'              
3 2 'Structure model' '_citation.page_last'               
4 2 'Structure model' '_citation_author.identifier_ORCID' 
# 
_pdbx_database_status.status_code                     REL 
_pdbx_database_status.status_code_sf                  REL 
_pdbx_database_status.status_code_mr                  ? 
_pdbx_database_status.entry_id                        7EOG 
_pdbx_database_status.recvd_initial_deposition_date   2021-04-22 
_pdbx_database_status.SG_entry                        N 
_pdbx_database_status.deposit_site                    PDBJ 
_pdbx_database_status.process_site                    PDBJ 
_pdbx_database_status.status_code_cs                  ? 
_pdbx_database_status.status_code_nmr_data            ? 
_pdbx_database_status.methods_development_category    ? 
_pdbx_database_status.pdb_format_compatible           Y 
# 
loop_
_audit_author.name 
_audit_author.pdbx_ordinal 
_audit_author.identifier_ORCID 
'Huang, K.Y.' 1 0000-0002-7508-5446 
'Ren, A.M.'   2 0000-0002-5420-4899 
# 
_citation.abstract                  ? 
_citation.abstract_id_CAS           ? 
_citation.book_id_ISBN              ? 
_citation.book_publisher            ? 
_citation.book_publisher_city       ? 
_citation.book_title                ? 
_citation.coordinate_linkage        ? 
_citation.country                   US 
_citation.database_id_Medline       ? 
_citation.details                   ? 
_citation.id                        primary 
_citation.journal_abbrev            Nat.Chem.Biol. 
_citation.journal_id_ASTM           ? 
_citation.journal_id_CSD            ? 
_citation.journal_id_ISSN           1552-4469 
_citation.journal_full              ? 
_citation.journal_issue             ? 
_citation.journal_volume            17 
_citation.language                  ? 
_citation.page_first                1289 
_citation.page_last                 1295 
_citation.title                     'Structure-based investigation of fluorogenic Pepper aptamer.' 
_citation.year                      2021 
_citation.database_id_CSD           ? 
_citation.pdbx_database_id_DOI      10.1038/s41589-021-00884-6 
_citation.pdbx_database_id_PubMed   34725509 
_citation.pdbx_database_id_patent   ? 
_citation.unpublished_flag          ? 
# 
loop_
_citation_author.citation_id 
_citation_author.name 
_citation_author.ordinal 
_citation_author.identifier_ORCID 
primary 'Huang, K.' 1 ? 
primary 'Chen, X.'  2 ? 
primary 'Li, C.'    3 ? 
primary 'Song, Q.'  4 ? 
primary 'Li, H.'    5 ? 
primary 'Zhu, L.'   6 ? 
primary 'Yang, Y.'  7 ? 
primary 'Ren, A.'   8 ? 
# 
loop_
_entity.id 
_entity.type 
_entity.src_method 
_entity.pdbx_description 
_entity.formula_weight 
_entity.pdbx_number_of_molecules 
_entity.pdbx_ec 
_entity.pdbx_mutation 
_entity.pdbx_fragment 
_entity.details 
1 polymer     man 'Pepper (49-MER)'                                                                        15428.166 1   ? ? ? ? 
2 non-polymer syn "GUANOSINE-5'-TRIPHOSPHATE"                                                              523.180   1   ? ? ? ? 
3 non-polymer syn '4-[(~{Z})-1-cyano-2-[4-[2-hydroxyethyl(methyl)amino]phenyl]ethenyl]benzenecarbonitrile' 303.358   1   ? ? ? ? 
4 non-polymer syn 'MAGNESIUM ION'                                                                          24.305    5   ? ? ? ? 
5 non-polymer syn 'IRIDIUM HEXAMMINE ION'                                                                  294.400   3   ? ? ? ? 
6 water       nat water                                                                                    18.015    193 ? ? ? ? 
# 
_entity_poly.entity_id                      1 
_entity_poly.type                           polyribonucleotide 
_entity_poly.nstd_linkage                   no 
_entity_poly.nstd_monomer                   no 
_entity_poly.pdbx_seq_one_letter_code       GCGCACUGGCGCUGCGCCUUCGGGCGCCAAUCGUAGCGUGUCGGCGCC 
_entity_poly.pdbx_seq_one_letter_code_can   GCGCACUGGCGCUGCGCCUUCGGGCGCCAAUCGUAGCGUGUCGGCGCC 
_entity_poly.pdbx_strand_id                 A 
_entity_poly.pdbx_target_identifier         ? 
# 
loop_
_pdbx_entity_nonpoly.entity_id 
_pdbx_entity_nonpoly.name 
_pdbx_entity_nonpoly.comp_id 
2 "GUANOSINE-5'-TRIPHOSPHATE"                                                              GTP 
3 '4-[(~{Z})-1-cyano-2-[4-[2-hydroxyethyl(methyl)amino]phenyl]ethenyl]benzenecarbonitrile' J8F 
4 'MAGNESIUM ION'                                                                          MG  
5 'IRIDIUM HEXAMMINE ION'                                                                  IRI 
6 water                                                                                    HOH 
# 
loop_
_entity_poly_seq.entity_id 
_entity_poly_seq.num 
_entity_poly_seq.mon_id 
_entity_poly_seq.hetero 
1 1  G n 
1 2  C n 
1 3  G n 
1 4  C n 
1 5  A n 
1 6  C n 
1 7  U n 
1 8  G n 
1 9  G n 
1 10 C n 
1 11 G n 
1 12 C n 
1 13 U n 
1 14 G n 
1 15 C n 
1 16 G n 
1 17 C n 
1 18 C n 
1 19 U n 
1 20 U n 
1 21 C n 
1 22 G n 
1 23 G n 
1 24 G n 
1 25 C n 
1 26 G n 
1 27 C n 
1 28 C n 
1 29 A n 
1 30 A n 
1 31 U n 
1 32 C n 
1 33 G n 
1 34 U n 
1 35 A n 
1 36 G n 
1 37 C n 
1 38 G n 
1 39 U n 
1 40 G n 
1 41 U n 
1 42 C n 
1 43 G n 
1 44 G n 
1 45 C n 
1 46 G n 
1 47 C n 
1 48 C n 
# 
_entity_src_gen.entity_id                          1 
_entity_src_gen.pdbx_src_id                        1 
_entity_src_gen.pdbx_alt_source_flag               sample 
_entity_src_gen.pdbx_seq_type                      'Biological sequence' 
_entity_src_gen.pdbx_beg_seq_num                   1 
_entity_src_gen.pdbx_end_seq_num                   48 
_entity_src_gen.gene_src_common_name               ? 
_entity_src_gen.gene_src_genus                     ? 
_entity_src_gen.pdbx_gene_src_gene                 ? 
_entity_src_gen.gene_src_species                   ? 
_entity_src_gen.gene_src_strain                    ? 
_entity_src_gen.gene_src_tissue                    ? 
_entity_src_gen.gene_src_tissue_fraction           ? 
_entity_src_gen.gene_src_details                   ? 
_entity_src_gen.pdbx_gene_src_fragment             ? 
_entity_src_gen.pdbx_gene_src_scientific_name      'synthetic construct' 
_entity_src_gen.pdbx_gene_src_ncbi_taxonomy_id     32630 
_entity_src_gen.pdbx_gene_src_variant              ? 
_entity_src_gen.pdbx_gene_src_cell_line            ? 
_entity_src_gen.pdbx_gene_src_atcc                 ? 
_entity_src_gen.pdbx_gene_src_organ                ? 
_entity_src_gen.pdbx_gene_src_organelle            ? 
_entity_src_gen.pdbx_gene_src_cell                 ? 
_entity_src_gen.pdbx_gene_src_cellular_location    ? 
_entity_src_gen.host_org_common_name               ? 
_entity_src_gen.pdbx_host_org_scientific_name      'in vitro transcription vector pT7-TP(deltai)' 
_entity_src_gen.pdbx_host_org_ncbi_taxonomy_id     905931 
_entity_src_gen.host_org_genus                     ? 
_entity_src_gen.pdbx_host_org_gene                 ? 
_entity_src_gen.pdbx_host_org_organ                ? 
_entity_src_gen.host_org_species                   ? 
_entity_src_gen.pdbx_host_org_tissue               ? 
_entity_src_gen.pdbx_host_org_tissue_fraction      ? 
_entity_src_gen.pdbx_host_org_strain               ? 
_entity_src_gen.pdbx_host_org_variant              ? 
_entity_src_gen.pdbx_host_org_cell_line            ? 
_entity_src_gen.pdbx_host_org_atcc                 ? 
_entity_src_gen.pdbx_host_org_culture_collection   ? 
_entity_src_gen.pdbx_host_org_cell                 ? 
_entity_src_gen.pdbx_host_org_organelle            ? 
_entity_src_gen.pdbx_host_org_cellular_location    ? 
_entity_src_gen.pdbx_host_org_vector_type          ? 
_entity_src_gen.pdbx_host_org_vector               ? 
_entity_src_gen.host_org_details                   ? 
_entity_src_gen.expression_system_id               ? 
_entity_src_gen.plasmid_name                       ? 
_entity_src_gen.plasmid_details                    ? 
_entity_src_gen.pdbx_description                   ? 
# 
loop_
_chem_comp.id 
_chem_comp.type 
_chem_comp.mon_nstd_flag 
_chem_comp.name 
_chem_comp.pdbx_synonyms 
_chem_comp.formula 
_chem_comp.formula_weight 
A   'RNA linking' y "ADENOSINE-5'-MONOPHOSPHATE"                                                             ? 'C10 H14 N5 O7 P'   
347.221 
C   'RNA linking' y "CYTIDINE-5'-MONOPHOSPHATE"                                                              ? 'C9 H14 N3 O8 P'    
323.197 
G   'RNA linking' y "GUANOSINE-5'-MONOPHOSPHATE"                                                             ? 'C10 H14 N5 O8 P'   
363.221 
GTP non-polymer   n "GUANOSINE-5'-TRIPHOSPHATE"                                                              ? 'C10 H16 N5 O14 P3' 
523.180 
HOH non-polymer   . WATER                                                                                    ? 'H2 O'              
18.015  
IRI non-polymer   . 'IRIDIUM HEXAMMINE ION'                                                                  ? 'H18 Ir N6 3'       
294.400 
J8F non-polymer   . '4-[(~{Z})-1-cyano-2-[4-[2-hydroxyethyl(methyl)amino]phenyl]ethenyl]benzenecarbonitrile' ? 'C19 H17 N3 O'      
303.358 
MG  non-polymer   . 'MAGNESIUM ION'                                                                          ? 'Mg 2'              
24.305  
U   'RNA linking' y "URIDINE-5'-MONOPHOSPHATE"                                                               ? 'C9 H13 N2 O9 P'    
324.181 
# 
loop_
_pdbx_poly_seq_scheme.asym_id 
_pdbx_poly_seq_scheme.entity_id 
_pdbx_poly_seq_scheme.seq_id 
_pdbx_poly_seq_scheme.mon_id 
_pdbx_poly_seq_scheme.ndb_seq_num 
_pdbx_poly_seq_scheme.pdb_seq_num 
_pdbx_poly_seq_scheme.auth_seq_num 
_pdbx_poly_seq_scheme.pdb_mon_id 
_pdbx_poly_seq_scheme.auth_mon_id 
_pdbx_poly_seq_scheme.pdb_strand_id 
_pdbx_poly_seq_scheme.pdb_ins_code 
_pdbx_poly_seq_scheme.hetero 
A 1 1  G 1  2  2  G G A . n 
A 1 2  C 2  3  3  C C A . n 
A 1 3  G 3  4  4  G G A . n 
A 1 4  C 4  5  5  C C A . n 
A 1 5  A 5  6  6  A A A . n 
A 1 6  C 6  7  7  C C A . n 
A 1 7  U 7  8  8  U U A . n 
A 1 8  G 8  9  9  G G A . n 
A 1 9  G 9  10 10 G G A . n 
A 1 10 C 10 11 11 C C A . n 
A 1 11 G 11 12 12 G G A . n 
A 1 12 C 12 13 13 C C A . n 
A 1 13 U 13 14 14 U U A . n 
A 1 14 G 14 15 15 G G A . n 
A 1 15 C 15 16 16 C C A . n 
A 1 16 G 16 17 17 G G A . n 
A 1 17 C 17 18 18 C C A . n 
A 1 18 C 18 19 19 C C A . n 
A 1 19 U 19 20 20 U U A . n 
A 1 20 U 20 21 21 U U A . n 
A 1 21 C 21 22 22 C C A . n 
A 1 22 G 22 23 23 G G A . n 
A 1 23 G 23 24 24 G G A . n 
A 1 24 G 24 25 25 G G A . n 
A 1 25 C 25 26 26 C C A . n 
A 1 26 G 26 27 27 G G A . n 
A 1 27 C 27 28 28 C C A . n 
A 1 28 C 28 29 29 C C A . n 
A 1 29 A 29 30 30 A A A . n 
A 1 30 A 30 31 31 A A A . n 
A 1 31 U 31 32 32 U U A . n 
A 1 32 C 32 33 33 C C A . n 
A 1 33 G 33 34 34 G G A . n 
A 1 34 U 34 35 35 U U A . n 
A 1 35 A 35 36 36 A A A . n 
A 1 36 G 36 37 37 G G A . n 
A 1 37 C 37 38 38 C C A . n 
A 1 38 G 38 39 39 G G A . n 
A 1 39 U 39 40 40 U U A . n 
A 1 40 G 40 41 41 G G A . n 
A 1 41 U 41 42 42 U U A . n 
A 1 42 C 42 43 43 C C A . n 
A 1 43 G 43 44 44 G G A . n 
A 1 44 G 44 45 45 G G A . n 
A 1 45 C 45 46 46 C C A . n 
A 1 46 G 46 47 47 G G A . n 
A 1 47 C 47 48 48 C C A . n 
A 1 48 C 48 49 49 C C A . n 
# 
loop_
_pdbx_nonpoly_scheme.asym_id 
_pdbx_nonpoly_scheme.entity_id 
_pdbx_nonpoly_scheme.mon_id 
_pdbx_nonpoly_scheme.ndb_seq_num 
_pdbx_nonpoly_scheme.pdb_seq_num 
_pdbx_nonpoly_scheme.auth_seq_num 
_pdbx_nonpoly_scheme.pdb_mon_id 
_pdbx_nonpoly_scheme.auth_mon_id 
_pdbx_nonpoly_scheme.pdb_strand_id 
_pdbx_nonpoly_scheme.pdb_ins_code 
B 2 GTP 1   101 1   GTP GTP A . 
C 3 J8F 1   102 1   J8F LIG A . 
D 4 MG  1   103 1   MG  MG  A . 
E 4 MG  1   104 2   MG  MG  A . 
F 4 MG  1   105 3   MG  MG  A . 
G 4 MG  1   106 4   MG  MG  A . 
H 4 MG  1   107 5   MG  MG  A . 
I 5 IRI 1   108 1   IRI IRI A . 
J 5 IRI 1   109 2   IRI IRI A . 
K 5 IRI 1   110 3   IRI IRI A . 
L 6 HOH 1   201 113 HOH HOH A . 
L 6 HOH 2   202 140 HOH HOH A . 
L 6 HOH 3   203 143 HOH HOH A . 
L 6 HOH 4   204 104 HOH HOH A . 
L 6 HOH 5   205 130 HOH HOH A . 
L 6 HOH 6   206 156 HOH HOH A . 
L 6 HOH 7   207 70  HOH HOH A . 
L 6 HOH 8   208 175 HOH HOH A . 
L 6 HOH 9   209 176 HOH HOH A . 
L 6 HOH 10  210 170 HOH HOH A . 
L 6 HOH 11  211 168 HOH HOH A . 
L 6 HOH 12  212 55  HOH HOH A . 
L 6 HOH 13  213 185 HOH HOH A . 
L 6 HOH 14  214 120 HOH HOH A . 
L 6 HOH 15  215 182 HOH HOH A . 
L 6 HOH 16  216 189 HOH HOH A . 
L 6 HOH 17  217 179 HOH HOH A . 
L 6 HOH 18  218 98  HOH HOH A . 
L 6 HOH 19  219 60  HOH HOH A . 
L 6 HOH 20  220 171 HOH HOH A . 
L 6 HOH 21  221 57  HOH HOH A . 
L 6 HOH 22  222 58  HOH HOH A . 
L 6 HOH 23  223 8   HOH HOH A . 
L 6 HOH 24  224 65  HOH HOH A . 
L 6 HOH 25  225 164 HOH HOH A . 
L 6 HOH 26  226 177 HOH HOH A . 
L 6 HOH 27  227 19  HOH HOH A . 
L 6 HOH 28  228 173 HOH HOH A . 
L 6 HOH 29  229 131 HOH HOH A . 
L 6 HOH 30  230 133 HOH HOH A . 
L 6 HOH 31  231 73  HOH HOH A . 
L 6 HOH 32  232 105 HOH HOH A . 
L 6 HOH 33  233 159 HOH HOH A . 
L 6 HOH 34  234 72  HOH HOH A . 
L 6 HOH 35  235 39  HOH HOH A . 
L 6 HOH 36  236 88  HOH HOH A . 
L 6 HOH 37  237 86  HOH HOH A . 
L 6 HOH 38  238 162 HOH HOH A . 
L 6 HOH 39  239 13  HOH HOH A . 
L 6 HOH 40  240 63  HOH HOH A . 
L 6 HOH 41  241 165 HOH HOH A . 
L 6 HOH 42  242 48  HOH HOH A . 
L 6 HOH 43  243 62  HOH HOH A . 
L 6 HOH 44  244 52  HOH HOH A . 
L 6 HOH 45  245 12  HOH HOH A . 
L 6 HOH 46  246 76  HOH HOH A . 
L 6 HOH 47  247 42  HOH HOH A . 
L 6 HOH 48  248 20  HOH HOH A . 
L 6 HOH 49  249 49  HOH HOH A . 
L 6 HOH 50  250 93  HOH HOH A . 
L 6 HOH 51  251 132 HOH HOH A . 
L 6 HOH 52  252 61  HOH HOH A . 
L 6 HOH 53  253 37  HOH HOH A . 
L 6 HOH 54  254 107 HOH HOH A . 
L 6 HOH 55  255 152 HOH HOH A . 
L 6 HOH 56  256 50  HOH HOH A . 
L 6 HOH 57  257 74  HOH HOH A . 
L 6 HOH 58  258 190 HOH HOH A . 
L 6 HOH 59  259 183 HOH HOH A . 
L 6 HOH 60  260 83  HOH HOH A . 
L 6 HOH 61  261 43  HOH HOH A . 
L 6 HOH 62  262 95  HOH HOH A . 
L 6 HOH 63  263 153 HOH HOH A . 
L 6 HOH 64  264 94  HOH HOH A . 
L 6 HOH 65  265 84  HOH HOH A . 
L 6 HOH 66  266 115 HOH HOH A . 
L 6 HOH 67  267 51  HOH HOH A . 
L 6 HOH 68  268 91  HOH HOH A . 
L 6 HOH 69  269 166 HOH HOH A . 
L 6 HOH 70  270 66  HOH HOH A . 
L 6 HOH 71  271 27  HOH HOH A . 
L 6 HOH 72  272 26  HOH HOH A . 
L 6 HOH 73  273 10  HOH HOH A . 
L 6 HOH 74  274 82  HOH HOH A . 
L 6 HOH 75  275 4   HOH HOH A . 
L 6 HOH 76  276 16  HOH HOH A . 
L 6 HOH 77  277 22  HOH HOH A . 
L 6 HOH 78  278 2   HOH HOH A . 
L 6 HOH 79  279 14  HOH HOH A . 
L 6 HOH 80  280 172 HOH HOH A . 
L 6 HOH 81  281 126 HOH HOH A . 
L 6 HOH 82  282 81  HOH HOH A . 
L 6 HOH 83  283 31  HOH HOH A . 
L 6 HOH 84  284 169 HOH HOH A . 
L 6 HOH 85  285 33  HOH HOH A . 
L 6 HOH 86  286 1   HOH HOH A . 
L 6 HOH 87  287 30  HOH HOH A . 
L 6 HOH 88  288 87  HOH HOH A . 
L 6 HOH 89  289 90  HOH HOH A . 
L 6 HOH 90  290 75  HOH HOH A . 
L 6 HOH 91  291 54  HOH HOH A . 
L 6 HOH 92  292 99  HOH HOH A . 
L 6 HOH 93  293 45  HOH HOH A . 
L 6 HOH 94  294 34  HOH HOH A . 
L 6 HOH 95  295 44  HOH HOH A . 
L 6 HOH 96  296 5   HOH HOH A . 
L 6 HOH 97  297 23  HOH HOH A . 
L 6 HOH 98  298 146 HOH HOH A . 
L 6 HOH 99  299 148 HOH HOH A . 
L 6 HOH 100 300 118 HOH HOH A . 
L 6 HOH 101 301 46  HOH HOH A . 
L 6 HOH 102 302 158 HOH HOH A . 
L 6 HOH 103 303 3   HOH HOH A . 
L 6 HOH 104 304 192 HOH HOH A . 
L 6 HOH 105 305 125 HOH HOH A . 
L 6 HOH 106 306 9   HOH HOH A . 
L 6 HOH 107 307 56  HOH HOH A . 
L 6 HOH 108 308 11  HOH HOH A . 
L 6 HOH 109 309 18  HOH HOH A . 
L 6 HOH 110 310 15  HOH HOH A . 
L 6 HOH 111 311 96  HOH HOH A . 
L 6 HOH 112 312 17  HOH HOH A . 
L 6 HOH 113 313 122 HOH HOH A . 
L 6 HOH 114 314 114 HOH HOH A . 
L 6 HOH 115 315 64  HOH HOH A . 
L 6 HOH 116 316 121 HOH HOH A . 
L 6 HOH 117 317 142 HOH HOH A . 
L 6 HOH 118 318 154 HOH HOH A . 
L 6 HOH 119 319 155 HOH HOH A . 
L 6 HOH 120 320 47  HOH HOH A . 
L 6 HOH 121 321 6   HOH HOH A . 
L 6 HOH 122 322 144 HOH HOH A . 
L 6 HOH 123 323 160 HOH HOH A . 
L 6 HOH 124 324 59  HOH HOH A . 
L 6 HOH 125 325 29  HOH HOH A . 
L 6 HOH 126 326 102 HOH HOH A . 
L 6 HOH 127 327 24  HOH HOH A . 
L 6 HOH 128 328 178 HOH HOH A . 
L 6 HOH 129 329 68  HOH HOH A . 
L 6 HOH 130 330 35  HOH HOH A . 
L 6 HOH 131 331 129 HOH HOH A . 
L 6 HOH 132 332 103 HOH HOH A . 
L 6 HOH 133 333 40  HOH HOH A . 
L 6 HOH 134 334 134 HOH HOH A . 
L 6 HOH 135 335 128 HOH HOH A . 
L 6 HOH 136 336 80  HOH HOH A . 
L 6 HOH 137 337 136 HOH HOH A . 
L 6 HOH 138 338 21  HOH HOH A . 
L 6 HOH 139 339 41  HOH HOH A . 
L 6 HOH 140 340 25  HOH HOH A . 
L 6 HOH 141 341 67  HOH HOH A . 
L 6 HOH 142 342 181 HOH HOH A . 
L 6 HOH 143 343 127 HOH HOH A . 
L 6 HOH 144 344 108 HOH HOH A . 
L 6 HOH 145 345 151 HOH HOH A . 
L 6 HOH 146 346 36  HOH HOH A . 
L 6 HOH 147 347 111 HOH HOH A . 
L 6 HOH 148 348 167 HOH HOH A . 
L 6 HOH 149 349 157 HOH HOH A . 
L 6 HOH 150 350 28  HOH HOH A . 
L 6 HOH 151 351 77  HOH HOH A . 
L 6 HOH 152 352 123 HOH HOH A . 
L 6 HOH 153 353 38  HOH HOH A . 
L 6 HOH 154 354 32  HOH HOH A . 
L 6 HOH 155 355 112 HOH HOH A . 
L 6 HOH 156 356 137 HOH HOH A . 
L 6 HOH 157 357 100 HOH HOH A . 
L 6 HOH 158 358 110 HOH HOH A . 
L 6 HOH 159 359 92  HOH HOH A . 
L 6 HOH 160 360 101 HOH HOH A . 
L 6 HOH 161 361 71  HOH HOH A . 
L 6 HOH 162 362 135 HOH HOH A . 
L 6 HOH 163 363 141 HOH HOH A . 
L 6 HOH 164 364 53  HOH HOH A . 
L 6 HOH 165 365 191 HOH HOH A . 
L 6 HOH 166 366 149 HOH HOH A . 
L 6 HOH 167 367 7   HOH HOH A . 
L 6 HOH 168 368 124 HOH HOH A . 
L 6 HOH 169 369 145 HOH HOH A . 
L 6 HOH 170 370 109 HOH HOH A . 
L 6 HOH 171 371 150 HOH HOH A . 
L 6 HOH 172 372 116 HOH HOH A . 
L 6 HOH 173 373 117 HOH HOH A . 
L 6 HOH 174 374 78  HOH HOH A . 
L 6 HOH 175 375 139 HOH HOH A . 
L 6 HOH 176 376 163 HOH HOH A . 
L 6 HOH 177 377 69  HOH HOH A . 
L 6 HOH 178 378 138 HOH HOH A . 
L 6 HOH 179 379 79  HOH HOH A . 
L 6 HOH 180 380 184 HOH HOH A . 
L 6 HOH 181 381 147 HOH HOH A . 
L 6 HOH 182 382 106 HOH HOH A . 
L 6 HOH 183 383 89  HOH HOH A . 
L 6 HOH 184 384 161 HOH HOH A . 
L 6 HOH 185 385 180 HOH HOH A . 
L 6 HOH 186 386 85  HOH HOH A . 
L 6 HOH 187 387 119 HOH HOH A . 
L 6 HOH 188 388 187 HOH HOH A . 
L 6 HOH 189 389 186 HOH HOH A . 
L 6 HOH 190 390 188 HOH HOH A . 
L 6 HOH 191 391 97  HOH HOH A . 
L 6 HOH 192 392 174 HOH HOH A . 
L 6 HOH 193 393 193 HOH HOH A . 
# 
loop_
_software.citation_id 
_software.classification 
_software.compiler_name 
_software.compiler_version 
_software.contact_author 
_software.contact_author_email 
_software.date 
_software.description 
_software.dependencies 
_software.hardware 
_software.language 
_software.location 
_software.mods 
_software.name 
_software.os 
_software.os_version 
_software.type 
_software.version 
_software.pdbx_ordinal 
? 'data scaling'    ? ? ? ? ? ? ? ? ? ? ? HKL-2000    ? ? ? .         1 
? refinement        ? ? ? ? ? ? ? ? ? ? ? PHENIX      ? ? ? 1.14_3260 2 
? 'data extraction' ? ? ? ? ? ? ? ? ? ? ? PDB_EXTRACT ? ? ? 3.27      3 
? 'data reduction'  ? ? ? ? ? ? ? ? ? ? ? HKL-3000    ? ? ? .         4 
? phasing           ? ? ? ? ? ? ? ? ? ? ? PHASER      ? ? ? .         5 
# 
_cell.angle_alpha                  90.000 
_cell.angle_alpha_esd              ? 
_cell.angle_beta                   128.110 
_cell.angle_beta_esd               ? 
_cell.angle_gamma                  90.000 
_cell.angle_gamma_esd              ? 
_cell.entry_id                     7EOG 
_cell.details                      ? 
_cell.formula_units_Z              ? 
_cell.length_a                     92.925 
_cell.length_a_esd                 ? 
_cell.length_b                     34.771 
_cell.length_b_esd                 ? 
_cell.length_c                     58.552 
_cell.length_c_esd                 ? 
_cell.volume                       ? 
_cell.volume_esd                   ? 
_cell.Z_PDB                        4 
_cell.reciprocal_angle_alpha       ? 
_cell.reciprocal_angle_beta        ? 
_cell.reciprocal_angle_gamma       ? 
_cell.reciprocal_angle_alpha_esd   ? 
_cell.reciprocal_angle_beta_esd    ? 
_cell.reciprocal_angle_gamma_esd   ? 
_cell.reciprocal_length_a          ? 
_cell.reciprocal_length_b          ? 
_cell.reciprocal_length_c          ? 
_cell.reciprocal_length_a_esd      ? 
_cell.reciprocal_length_b_esd      ? 
_cell.reciprocal_length_c_esd      ? 
_cell.pdbx_unique_axis             ? 
# 
_symmetry.entry_id                         7EOG 
_symmetry.cell_setting                     ? 
_symmetry.Int_Tables_number                5 
_symmetry.space_group_name_Hall            ? 
_symmetry.space_group_name_H-M             'C 1 2 1' 
_symmetry.pdbx_full_space_group_name_H-M   ? 
# 
_exptl.absorpt_coefficient_mu     ? 
_exptl.absorpt_correction_T_max   ? 
_exptl.absorpt_correction_T_min   ? 
_exptl.absorpt_correction_type    ? 
_exptl.absorpt_process_details    ? 
_exptl.entry_id                   7EOG 
_exptl.crystals_number            1 
_exptl.details                    ? 
_exptl.method                     'X-RAY DIFFRACTION' 
_exptl.method_details             ? 
# 
_exptl_crystal.colour                      ? 
_exptl_crystal.density_diffrn              ? 
_exptl_crystal.density_Matthews            2.41 
_exptl_crystal.density_method              ? 
_exptl_crystal.density_percent_sol         49.01 
_exptl_crystal.description                 ? 
_exptl_crystal.F_000                       ? 
_exptl_crystal.id                          1 
_exptl_crystal.preparation                 ? 
_exptl_crystal.size_max                    ? 
_exptl_crystal.size_mid                    ? 
_exptl_crystal.size_min                    ? 
_exptl_crystal.size_rad                    ? 
_exptl_crystal.colour_lustre               ? 
_exptl_crystal.colour_modifier             ? 
_exptl_crystal.colour_primary              ? 
_exptl_crystal.density_meas                ? 
_exptl_crystal.density_meas_esd            ? 
_exptl_crystal.density_meas_gt             ? 
_exptl_crystal.density_meas_lt             ? 
_exptl_crystal.density_meas_temp           ? 
_exptl_crystal.density_meas_temp_esd       ? 
_exptl_crystal.density_meas_temp_gt        ? 
_exptl_crystal.density_meas_temp_lt        ? 
_exptl_crystal.pdbx_crystal_image_url      ? 
_exptl_crystal.pdbx_crystal_image_format   ? 
_exptl_crystal.pdbx_mosaicity              ? 
_exptl_crystal.pdbx_mosaicity_esd          ? 
# 
_exptl_crystal_grow.apparatus       ? 
_exptl_crystal_grow.atmosphere      ? 
_exptl_crystal_grow.crystal_id      1 
_exptl_crystal_grow.details         ? 
_exptl_crystal_grow.method          'VAPOR DIFFUSION, SITTING DROP' 
_exptl_crystal_grow.method_ref      ? 
_exptl_crystal_grow.pH              ? 
_exptl_crystal_grow.pressure        ? 
_exptl_crystal_grow.pressure_esd    ? 
_exptl_crystal_grow.seeding         ? 
_exptl_crystal_grow.seeding_ref     ? 
_exptl_crystal_grow.temp            289 
_exptl_crystal_grow.temp_details    ? 
_exptl_crystal_grow.temp_esd        ? 
_exptl_crystal_grow.time            ? 
_exptl_crystal_grow.pdbx_details    
'0.1 M ammonium chloride, 0.005 M magnesium chloride, 0.025 M HEPES, pH 7.0, 1.25 M 1,6-hexanediol, 40% MPD' 
_exptl_crystal_grow.pdbx_pH_range   ? 
# 
_diffrn.ambient_environment              ? 
_diffrn.ambient_temp                     100 
_diffrn.ambient_temp_details             ? 
_diffrn.ambient_temp_esd                 ? 
_diffrn.crystal_id                       1 
_diffrn.crystal_support                  ? 
_diffrn.crystal_treatment                ? 
_diffrn.details                          ? 
_diffrn.id                               1 
_diffrn.ambient_pressure                 ? 
_diffrn.ambient_pressure_esd             ? 
_diffrn.ambient_pressure_gt              ? 
_diffrn.ambient_pressure_lt              ? 
_diffrn.ambient_temp_gt                  ? 
_diffrn.ambient_temp_lt                  ? 
_diffrn.pdbx_serial_crystal_experiment   N 
# 
_diffrn_detector.details                      ? 
_diffrn_detector.detector                     PIXEL 
_diffrn_detector.diffrn_id                    1 
_diffrn_detector.type                         'DECTRIS PILATUS 6M' 
_diffrn_detector.area_resol_mean              ? 
_diffrn_detector.dtime                        ? 
_diffrn_detector.pdbx_frames_total            ? 
_diffrn_detector.pdbx_collection_time_total   ? 
_diffrn_detector.pdbx_collection_date         2019-01-04 
_diffrn_detector.pdbx_frequency               ? 
# 
_diffrn_radiation.collimation                      ? 
_diffrn_radiation.diffrn_id                        1 
_diffrn_radiation.filter_edge                      ? 
_diffrn_radiation.inhomogeneity                    ? 
_diffrn_radiation.monochromator                    ? 
_diffrn_radiation.polarisn_norm                    ? 
_diffrn_radiation.polarisn_ratio                   ? 
_diffrn_radiation.probe                            ? 
_diffrn_radiation.type                             ? 
_diffrn_radiation.xray_symbol                      ? 
_diffrn_radiation.wavelength_id                    1 
_diffrn_radiation.pdbx_monochromatic_or_laue_m_l   M 
_diffrn_radiation.pdbx_wavelength_list             ? 
_diffrn_radiation.pdbx_wavelength                  ? 
_diffrn_radiation.pdbx_diffrn_protocol             'SINGLE WAVELENGTH' 
_diffrn_radiation.pdbx_analyzer                    ? 
_diffrn_radiation.pdbx_scattering_type             x-ray 
# 
_diffrn_radiation_wavelength.id           1 
_diffrn_radiation_wavelength.wavelength   1.102 
_diffrn_radiation_wavelength.wt           1.0 
# 
_diffrn_source.current                     ? 
_diffrn_source.details                     ? 
_diffrn_source.diffrn_id                   1 
_diffrn_source.power                       ? 
_diffrn_source.size                        ? 
_diffrn_source.source                      SYNCHROTRON 
_diffrn_source.target                      ? 
_diffrn_source.type                        'SSRF BEAMLINE BL19U1' 
_diffrn_source.voltage                     ? 
_diffrn_source.take-off_angle              ? 
_diffrn_source.pdbx_wavelength_list        1.102 
_diffrn_source.pdbx_wavelength             ? 
_diffrn_source.pdbx_synchrotron_beamline   BL19U1 
_diffrn_source.pdbx_synchrotron_site       SSRF 
# 
_reflns.B_iso_Wilson_estimate                          ? 
_reflns.entry_id                                       7EOG 
_reflns.data_reduction_details                         ? 
_reflns.data_reduction_method                          ? 
_reflns.d_resolution_high                              1.500 
_reflns.d_resolution_low                               50.000 
_reflns.details                                        ? 
_reflns.limit_h_max                                    ? 
_reflns.limit_h_min                                    ? 
_reflns.limit_k_max                                    ? 
_reflns.limit_k_min                                    ? 
_reflns.limit_l_max                                    ? 
_reflns.limit_l_min                                    ? 
_reflns.number_all                                     ? 
_reflns.number_obs                                     41597 
_reflns.observed_criterion                             ? 
_reflns.observed_criterion_F_max                       ? 
_reflns.observed_criterion_F_min                       ? 
_reflns.observed_criterion_I_max                       ? 
_reflns.observed_criterion_I_min                       ? 
_reflns.observed_criterion_sigma_F                     ? 
_reflns.observed_criterion_sigma_I                     ? 
_reflns.percent_possible_obs                           91.300 
_reflns.R_free_details                                 ? 
_reflns.Rmerge_F_all                                   ? 
_reflns.Rmerge_F_obs                                   ? 
_reflns.Friedel_coverage                               ? 
_reflns.number_gt                                      ? 
_reflns.threshold_expression                           ? 
_reflns.pdbx_redundancy                                6.600 
_reflns.pdbx_Rmerge_I_obs                              0.102 
_reflns.pdbx_Rmerge_I_all                              ? 
_reflns.pdbx_Rsym_value                                ? 
_reflns.pdbx_netI_over_av_sigmaI                       ? 
_reflns.pdbx_netI_over_sigmaI                          4.300 
_reflns.pdbx_res_netI_over_av_sigmaI_2                 ? 
_reflns.pdbx_res_netI_over_sigmaI_2                    ? 
_reflns.pdbx_chi_squared                               0.993 
_reflns.pdbx_scaling_rejects                           ? 
_reflns.pdbx_d_res_high_opt                            ? 
_reflns.pdbx_d_res_low_opt                             ? 
_reflns.pdbx_d_res_opt_method                          ? 
_reflns.phase_calculation_details                      ? 
_reflns.pdbx_Rrim_I_all                                0.110 
_reflns.pdbx_Rpim_I_all                                0.041 
_reflns.pdbx_d_opt                                     ? 
_reflns.pdbx_number_measured_all                       ? 
_reflns.pdbx_diffrn_id                                 1 
_reflns.pdbx_ordinal                                   1 
_reflns.pdbx_CC_half                                   ? 
_reflns.pdbx_CC_star                                   ? 
_reflns.pdbx_R_split                                   ? 
_reflns.pdbx_aniso_diffraction_limit_axis_1_ortho[1]   ? 
_reflns.pdbx_aniso_diffraction_limit_axis_1_ortho[2]   ? 
_reflns.pdbx_aniso_diffraction_limit_axis_1_ortho[3]   ? 
_reflns.pdbx_aniso_diffraction_limit_axis_2_ortho[1]   ? 
_reflns.pdbx_aniso_diffraction_limit_axis_2_ortho[2]   ? 
_reflns.pdbx_aniso_diffraction_limit_axis_2_ortho[3]   ? 
_reflns.pdbx_aniso_diffraction_limit_axis_3_ortho[1]   ? 
_reflns.pdbx_aniso_diffraction_limit_axis_3_ortho[2]   ? 
_reflns.pdbx_aniso_diffraction_limit_axis_3_ortho[3]   ? 
_reflns.pdbx_aniso_diffraction_limit_1                 ? 
_reflns.pdbx_aniso_diffraction_limit_2                 ? 
_reflns.pdbx_aniso_diffraction_limit_3                 ? 
_reflns.pdbx_aniso_B_tensor_eigenvector_1_ortho[1]     ? 
_reflns.pdbx_aniso_B_tensor_eigenvector_1_ortho[2]     ? 
_reflns.pdbx_aniso_B_tensor_eigenvector_1_ortho[3]     ? 
_reflns.pdbx_aniso_B_tensor_eigenvector_2_ortho[1]     ? 
_reflns.pdbx_aniso_B_tensor_eigenvector_2_ortho[2]     ? 
_reflns.pdbx_aniso_B_tensor_eigenvector_2_ortho[3]     ? 
_reflns.pdbx_aniso_B_tensor_eigenvector_3_ortho[1]     ? 
_reflns.pdbx_aniso_B_tensor_eigenvector_3_ortho[2]     ? 
_reflns.pdbx_aniso_B_tensor_eigenvector_3_ortho[3]     ? 
_reflns.pdbx_aniso_B_tensor_eigenvalue_1               ? 
_reflns.pdbx_aniso_B_tensor_eigenvalue_2               ? 
_reflns.pdbx_aniso_B_tensor_eigenvalue_3               ? 
_reflns.pdbx_orthogonalization_convention              ? 
_reflns.pdbx_percent_possible_ellipsoidal              ? 
_reflns.pdbx_percent_possible_spherical                ? 
_reflns.pdbx_percent_possible_ellipsoidal_anomalous    ? 
_reflns.pdbx_percent_possible_spherical_anomalous      ? 
_reflns.pdbx_redundancy_anomalous                      ? 
_reflns.pdbx_CC_half_anomalous                         ? 
_reflns.pdbx_absDiff_over_sigma_anomalous              ? 
_reflns.pdbx_percent_possible_anomalous                ? 
_reflns.pdbx_observed_signal_threshold                 ? 
_reflns.pdbx_signal_type                               ? 
_reflns.pdbx_signal_details                            ? 
_reflns.pdbx_signal_software_id                        ? 
# 
loop_
_reflns_shell.d_res_high 
_reflns_shell.d_res_low 
_reflns_shell.meanI_over_sigI_all 
_reflns_shell.meanI_over_sigI_obs 
_reflns_shell.number_measured_all 
_reflns_shell.number_measured_obs 
_reflns_shell.number_possible 
_reflns_shell.number_unique_all 
_reflns_shell.number_unique_obs 
_reflns_shell.percent_possible_all 
_reflns_shell.percent_possible_obs 
_reflns_shell.Rmerge_F_all 
_reflns_shell.Rmerge_F_obs 
_reflns_shell.Rmerge_I_all 
_reflns_shell.Rmerge_I_obs 
_reflns_shell.meanI_over_sigI_gt 
_reflns_shell.meanI_over_uI_all 
_reflns_shell.meanI_over_uI_gt 
_reflns_shell.number_measured_gt 
_reflns_shell.number_unique_gt 
_reflns_shell.percent_possible_gt 
_reflns_shell.Rmerge_F_gt 
_reflns_shell.Rmerge_I_gt 
_reflns_shell.pdbx_redundancy 
_reflns_shell.pdbx_Rsym_value 
_reflns_shell.pdbx_chi_squared 
_reflns_shell.pdbx_netI_over_sigmaI_all 
_reflns_shell.pdbx_netI_over_sigmaI_obs 
_reflns_shell.pdbx_Rrim_I_all 
_reflns_shell.pdbx_Rpim_I_all 
_reflns_shell.pdbx_rejects 
_reflns_shell.pdbx_ordinal 
_reflns_shell.pdbx_diffrn_id 
_reflns_shell.pdbx_CC_half 
_reflns_shell.pdbx_CC_star 
_reflns_shell.pdbx_R_split 
_reflns_shell.pdbx_percent_possible_ellipsoidal 
_reflns_shell.pdbx_percent_possible_spherical 
_reflns_shell.pdbx_percent_possible_ellipsoidal_anomalous 
_reflns_shell.pdbx_percent_possible_spherical_anomalous 
_reflns_shell.pdbx_redundancy_anomalous 
_reflns_shell.pdbx_CC_half_anomalous 
_reflns_shell.pdbx_absDiff_over_sigma_anomalous 
_reflns_shell.pdbx_percent_possible_anomalous 
1.500 1.550  ? ? ? ? ? ? 1759 74.500 ? ? ? ? 0.726 ? ? ? ? ? ? ? ? 5.200 ? 0.577 ? ? 0.798 0.324 ? 1  1 0.695 ? ? ? ? ? ? ? ? ? ? 
1.550 1.620  ? ? ? ? ? ? 2052 87.000 ? ? ? ? 0.582 ? ? ? ? ? ? ? ? 6.100 ? 0.625 ? ? 0.632 0.242 ? 2  1 0.837 ? ? ? ? ? ? ? ? ? ? 
1.620 1.690  ? ? ? ? ? ? 2190 91.900 ? ? ? ? 0.399 ? ? ? ? ? ? ? ? 6.400 ? 0.655 ? ? 0.433 0.164 ? 3  1 0.955 ? ? ? ? ? ? ? ? ? ? 
1.690 1.780  ? ? ? ? ? ? 2114 89.200 ? ? ? ? 0.330 ? ? ? ? ? ? ? ? 6.600 ? 0.726 ? ? 0.358 0.136 ? 4  1 0.952 ? ? ? ? ? ? ? ? ? ? 
1.780 1.890  ? ? ? ? ? ? 2250 93.600 ? ? ? ? 0.267 ? ? ? ? ? ? ? ? 6.900 ? 0.800 ? ? 0.289 0.108 ? 5  1 0.960 ? ? ? ? ? ? ? ? ? ? 
1.890 2.040  ? ? ? ? ? ? 2250 95.000 ? ? ? ? 0.213 ? ? ? ? ? ? ? ? 7.000 ? 0.970 ? ? 0.230 0.085 ? 6  1 0.972 ? ? ? ? ? ? ? ? ? ? 
2.040 2.240  ? ? ? ? ? ? 2202 91.900 ? ? ? ? 0.168 ? ? ? ? ? ? ? ? 6.800 ? 1.057 ? ? 0.182 0.068 ? 7  1 0.976 ? ? ? ? ? ? ? ? ? ? 
2.240 2.560  ? ? ? ? ? ? 2310 96.800 ? ? ? ? 0.125 ? ? ? ? ? ? ? ? 7.100 ? 1.129 ? ? 0.134 0.050 ? 8  1 0.988 ? ? ? ? ? ? ? ? ? ? 
2.560 3.230  ? ? ? ? ? ? 2300 94.900 ? ? ? ? 0.081 ? ? ? ? ? ? ? ? 6.700 ? 1.333 ? ? 0.087 0.033 ? 9  1 0.997 ? ? ? ? ? ? ? ? ? ? 
3.230 50.000 ? ? ? ? ? ? 2427 97.300 ? ? ? ? 0.075 ? ? ? ? ? ? ? ? 6.800 ? 1.683 ? ? 0.081 0.031 ? 10 1 0.996 ? ? ? ? ? ? ? ? ? ? 
# 
_refine.aniso_B[1][1]                            ? 
_refine.aniso_B[1][2]                            ? 
_refine.aniso_B[1][3]                            ? 
_refine.aniso_B[2][2]                            ? 
_refine.aniso_B[2][3]                            ? 
_refine.aniso_B[3][3]                            ? 
_refine.B_iso_max                                185.170 
_refine.B_iso_mean                               30.4445 
_refine.B_iso_min                                11.940 
_refine.correlation_coeff_Fo_to_Fc               ? 
_refine.correlation_coeff_Fo_to_Fc_free          ? 
_refine.details                                  ? 
_refine.diff_density_max                         ? 
_refine.diff_density_max_esd                     ? 
_refine.diff_density_min                         ? 
_refine.diff_density_min_esd                     ? 
_refine.diff_density_rms                         ? 
_refine.diff_density_rms_esd                     ? 
_refine.entry_id                                 7EOG 
_refine.pdbx_refine_id                           'X-RAY DIFFRACTION' 
_refine.ls_abs_structure_details                 ? 
_refine.ls_abs_structure_Flack                   ? 
_refine.ls_abs_structure_Flack_esd               ? 
_refine.ls_abs_structure_Rogers                  ? 
_refine.ls_abs_structure_Rogers_esd              ? 
_refine.ls_d_res_high                            1.5000 
_refine.ls_d_res_low                             46.0730 
_refine.ls_extinction_coef                       ? 
_refine.ls_extinction_coef_esd                   ? 
_refine.ls_extinction_expression                 ? 
_refine.ls_extinction_method                     ? 
_refine.ls_goodness_of_fit_all                   ? 
_refine.ls_goodness_of_fit_all_esd               ? 
_refine.ls_goodness_of_fit_obs                   ? 
_refine.ls_goodness_of_fit_obs_esd               ? 
_refine.ls_hydrogen_treatment                    ? 
_refine.ls_matrix_type                           ? 
_refine.ls_number_constraints                    ? 
_refine.ls_number_parameters                     ? 
_refine.ls_number_reflns_all                     ? 
_refine.ls_number_reflns_obs                     41597 
_refine.ls_number_reflns_R_free                  2117 
_refine.ls_number_reflns_R_work                  39480 
_refine.ls_number_restraints                     ? 
_refine.ls_percent_reflns_obs                    90.0800 
_refine.ls_percent_reflns_R_free                 5.0900 
_refine.ls_R_factor_all                          ? 
_refine.ls_R_factor_obs                          0.1934 
_refine.ls_R_factor_R_free                       0.2182 
_refine.ls_R_factor_R_free_error                 ? 
_refine.ls_R_factor_R_free_error_details         ? 
_refine.ls_R_factor_R_work                       0.1922 
_refine.ls_R_Fsqd_factor_obs                     ? 
_refine.ls_R_I_factor_obs                        ? 
_refine.ls_redundancy_reflns_all                 ? 
_refine.ls_redundancy_reflns_obs                 ? 
_refine.ls_restrained_S_all                      ? 
_refine.ls_restrained_S_obs                      ? 
_refine.ls_shift_over_esd_max                    ? 
_refine.ls_shift_over_esd_mean                   ? 
_refine.ls_structure_factor_coef                 ? 
_refine.ls_weighting_details                     ? 
_refine.ls_weighting_scheme                      ? 
_refine.ls_wR_factor_all                         ? 
_refine.ls_wR_factor_obs                         ? 
_refine.ls_wR_factor_R_free                      ? 
_refine.ls_wR_factor_R_work                      ? 
_refine.occupancy_max                            ? 
_refine.occupancy_min                            ? 
_refine.solvent_model_details                    'FLAT BULK SOLVENT MODEL' 
_refine.solvent_model_param_bsol                 ? 
_refine.solvent_model_param_ksol                 ? 
_refine.pdbx_R_complete                          ? 
_refine.ls_R_factor_gt                           ? 
_refine.ls_goodness_of_fit_gt                    ? 
_refine.ls_goodness_of_fit_ref                   ? 
_refine.ls_shift_over_su_max                     ? 
_refine.ls_shift_over_su_max_lt                  ? 
_refine.ls_shift_over_su_mean                    ? 
_refine.ls_shift_over_su_mean_lt                 ? 
_refine.pdbx_ls_sigma_I                          ? 
_refine.pdbx_ls_sigma_F                          1.350 
_refine.pdbx_ls_sigma_Fsqd                       ? 
_refine.pdbx_data_cutoff_high_absF               ? 
_refine.pdbx_data_cutoff_high_rms_absF           ? 
_refine.pdbx_data_cutoff_low_absF                ? 
_refine.pdbx_isotropic_thermal_model             ? 
_refine.pdbx_ls_cross_valid_method               THROUGHOUT 
_refine.pdbx_method_to_determine_struct          SAD 
_refine.pdbx_starting_model                      ? 
_refine.pdbx_stereochemistry_target_values       ML 
_refine.pdbx_R_Free_selection_details            ? 
_refine.pdbx_stereochem_target_val_spec_case     ? 
_refine.pdbx_overall_ESU_R                       ? 
_refine.pdbx_overall_ESU_R_Free                  ? 
_refine.pdbx_solvent_vdw_probe_radii             1.1100 
_refine.pdbx_solvent_ion_probe_radii             ? 
_refine.pdbx_solvent_shrinkage_radii             0.9000 
_refine.pdbx_real_space_R                        ? 
_refine.pdbx_density_correlation                 ? 
_refine.pdbx_pd_number_of_powder_patterns        ? 
_refine.pdbx_pd_number_of_points                 ? 
_refine.pdbx_pd_meas_number_of_points            ? 
_refine.pdbx_pd_proc_ls_prof_R_factor            ? 
_refine.pdbx_pd_proc_ls_prof_wR_factor           ? 
_refine.pdbx_pd_Marquardt_correlation_coeff      ? 
_refine.pdbx_pd_Fsqrd_R_factor                   ? 
_refine.pdbx_pd_ls_matrix_band_width             ? 
_refine.pdbx_overall_phase_error                 21.4600 
_refine.pdbx_overall_SU_R_free_Cruickshank_DPI   ? 
_refine.pdbx_overall_SU_R_free_Blow_DPI          ? 
_refine.pdbx_overall_SU_R_Blow_DPI               ? 
_refine.pdbx_TLS_residual_ADP_flag               ? 
_refine.pdbx_diffrn_id                           1 
_refine.overall_SU_B                             ? 
_refine.overall_SU_ML                            0.1800 
_refine.overall_SU_R_Cruickshank_DPI             ? 
_refine.overall_SU_R_free                        ? 
_refine.overall_FOM_free_R_set                   ? 
_refine.overall_FOM_work_R_set                   ? 
_refine.pdbx_average_fsc_overall                 ? 
_refine.pdbx_average_fsc_work                    ? 
_refine.pdbx_average_fsc_free                    ? 
# 
_refine_hist.pdbx_refine_id                   'X-RAY DIFFRACTION' 
_refine_hist.cycle_id                         final 
_refine_hist.details                          ? 
_refine_hist.d_res_high                       1.5000 
_refine_hist.d_res_low                        46.0730 
_refine_hist.number_atoms_solvent             193 
_refine_hist.number_atoms_total               1296 
_refine_hist.number_reflns_all                ? 
_refine_hist.number_reflns_obs                ? 
_refine_hist.number_reflns_R_free             ? 
_refine_hist.number_reflns_R_work             ? 
_refine_hist.R_factor_all                     ? 
_refine_hist.R_factor_obs                     ? 
_refine_hist.R_factor_R_free                  ? 
_refine_hist.R_factor_R_work                  ? 
_refine_hist.pdbx_number_residues_total       49 
_refine_hist.pdbx_B_iso_mean_ligand           40.64 
_refine_hist.pdbx_B_iso_mean_solvent          26.84 
_refine_hist.pdbx_number_atoms_protein        0 
_refine_hist.pdbx_number_atoms_nucleic_acid   1054 
_refine_hist.pdbx_number_atoms_ligand         49 
_refine_hist.pdbx_number_atoms_lipid          ? 
_refine_hist.pdbx_number_atoms_carb           ? 
_refine_hist.pdbx_pseudo_atom_details         ? 
# 
loop_
_refine_ls_shell.pdbx_refine_id 
_refine_ls_shell.d_res_high 
_refine_ls_shell.d_res_low 
_refine_ls_shell.number_reflns_all 
_refine_ls_shell.number_reflns_obs 
_refine_ls_shell.number_reflns_R_free 
_refine_ls_shell.number_reflns_R_work 
_refine_ls_shell.percent_reflns_obs 
_refine_ls_shell.percent_reflns_R_free 
_refine_ls_shell.R_factor_all 
_refine_ls_shell.R_factor_obs 
_refine_ls_shell.R_factor_R_free 
_refine_ls_shell.R_factor_R_free_error 
_refine_ls_shell.R_factor_R_work 
_refine_ls_shell.redundancy_reflns_all 
_refine_ls_shell.redundancy_reflns_obs 
_refine_ls_shell.wR_factor_all 
_refine_ls_shell.wR_factor_obs 
_refine_ls_shell.wR_factor_R_free 
_refine_ls_shell.wR_factor_R_work 
_refine_ls_shell.pdbx_R_complete 
_refine_ls_shell.pdbx_total_number_of_bins_used 
_refine_ls_shell.pdbx_phase_error 
_refine_ls_shell.pdbx_fsc_work 
_refine_ls_shell.pdbx_fsc_free 
'X-RAY DIFFRACTION' 1.5001 1.5350  . . 85  1955 67.0000 . . . 0.3502 0.0000 0.3371 . . . . . . . . . . . 
'X-RAY DIFFRACTION' 1.5350 1.5734  . . 177 2332 81.0000 . . . 0.2918 0.0000 0.2872 . . . . . . . . . . . 
'X-RAY DIFFRACTION' 1.5734 1.6159  . . 159 2422 85.0000 . . . 0.2878 0.0000 0.2613 . . . . . . . . . . . 
'X-RAY DIFFRACTION' 1.6159 1.6635  . . 123 2654 90.0000 . . . 0.2514 0.0000 0.2308 . . . . . . . . . . . 
'X-RAY DIFFRACTION' 1.6635 1.7172  . . 155 2634 90.0000 . . . 0.1972 0.0000 0.2105 . . . . . . . . . . . 
'X-RAY DIFFRACTION' 1.7172 1.7785  . . 175 2485 87.0000 . . . 0.2271 0.0000 0.2065 . . . . . . . . . . . 
'X-RAY DIFFRACTION' 1.7785 1.8497  . . 173 2702 93.0000 . . . 0.2667 0.0000 0.1940 . . . . . . . . . . . 
'X-RAY DIFFRACTION' 1.8497 1.9339  . . 118 2823 94.0000 . . . 0.2190 0.0000 0.1977 . . . . . . . . . . . 
'X-RAY DIFFRACTION' 1.9339 2.0359  . . 191 2666 95.0000 . . . 0.2316 0.0000 0.1831 . . . . . . . . . . . 
'X-RAY DIFFRACTION' 2.0359 2.1634  . . 123 2781 94.0000 . . . 0.2369 0.0000 0.1851 . . . . . . . . . . . 
'X-RAY DIFFRACTION' 2.1634 2.3305  . . 127 2699 92.0000 . . . 0.2019 0.0000 0.1837 . . . . . . . . . . . 
'X-RAY DIFFRACTION' 2.3305 2.5650  . . 113 2841 97.0000 . . . 0.2067 0.0000 0.1897 . . . . . . . . . . . 
'X-RAY DIFFRACTION' 2.5650 2.9361  . . 173 2821 96.0000 . . . 0.2391 0.0000 0.1934 . . . . . . . . . . . 
'X-RAY DIFFRACTION' 2.9361 3.6989  . . 112 2781 94.0000 . . . 0.1856 0.0000 0.1731 . . . . . . . . . . . 
'X-RAY DIFFRACTION' 3.6989 46.0730 . . 113 2884 97.0000 . . . 0.1917 0.0000 0.1843 . . . . . . . . . . . 
# 
_struct.entry_id                     7EOG 
_struct.title                        'Crystal structure of the Pepper aptamer in complex with HBC, iridium hexammine soak' 
_struct.pdbx_model_details           ? 
_struct.pdbx_formula_weight          ? 
_struct.pdbx_formula_weight_method   ? 
_struct.pdbx_model_type_details      ? 
_struct.pdbx_CASP_flag               N 
# 
_struct_keywords.entry_id        7EOG 
_struct_keywords.text            'Fluorescent RNA, Aptamer, HBC, RNA' 
_struct_keywords.pdbx_keywords   RNA 
# 
loop_
_struct_asym.id 
_struct_asym.pdbx_blank_PDB_chainid_flag 
_struct_asym.pdbx_modified 
_struct_asym.entity_id 
_struct_asym.details 
A N N 1 ? 
B N N 2 ? 
C N N 3 ? 
D N N 4 ? 
E N N 4 ? 
F N N 4 ? 
G N N 4 ? 
H N N 4 ? 
I N N 5 ? 
J N N 5 ? 
K N N 5 ? 
L N N 6 ? 
# 
_struct_ref.id                         1 
_struct_ref.db_name                    PDB 
_struct_ref.db_code                    7EOG 
_struct_ref.pdbx_db_accession          7EOG 
_struct_ref.pdbx_db_isoform            ? 
_struct_ref.entity_id                  1 
_struct_ref.pdbx_seq_one_letter_code   ? 
_struct_ref.pdbx_align_begin           1 
# 
_struct_ref_seq.align_id                      1 
_struct_ref_seq.ref_id                        1 
_struct_ref_seq.pdbx_PDB_id_code              7EOG 
_struct_ref_seq.pdbx_strand_id                A 
_struct_ref_seq.seq_align_beg                 1 
_struct_ref_seq.pdbx_seq_align_beg_ins_code   ? 
_struct_ref_seq.seq_align_end                 48 
_struct_ref_seq.pdbx_seq_align_end_ins_code   ? 
_struct_ref_seq.pdbx_db_accession             7EOG 
_struct_ref_seq.db_align_beg                  2 
_struct_ref_seq.pdbx_db_align_beg_ins_code    ? 
_struct_ref_seq.db_align_end                  49 
_struct_ref_seq.pdbx_db_align_end_ins_code    ? 
_struct_ref_seq.pdbx_auth_seq_align_beg       2 
_struct_ref_seq.pdbx_auth_seq_align_end       49 
# 
_pdbx_struct_assembly.id                   1 
_pdbx_struct_assembly.details              author_and_software_defined_assembly 
_pdbx_struct_assembly.method_details       PISA 
_pdbx_struct_assembly.oligomeric_details   monomeric 
_pdbx_struct_assembly.oligomeric_count     1 
# 
loop_
_pdbx_struct_assembly_prop.biol_id 
_pdbx_struct_assembly_prop.type 
_pdbx_struct_assembly_prop.value 
_pdbx_struct_assembly_prop.details 
1 'ABSA (A^2)' 450  ? 
1 MORE         -9   ? 
1 'SSA (A^2)'  8300 ? 
# 
_pdbx_struct_assembly_gen.assembly_id       1 
_pdbx_struct_assembly_gen.oper_expression   1 
_pdbx_struct_assembly_gen.asym_id_list      A,B,C,D,E,F,G,H,I,J,K,L 
# 
_pdbx_struct_assembly_auth_evidence.id                     1 
_pdbx_struct_assembly_auth_evidence.assembly_id            1 
_pdbx_struct_assembly_auth_evidence.experimental_support   none 
_pdbx_struct_assembly_auth_evidence.details                ? 
# 
_pdbx_struct_oper_list.id                   1 
_pdbx_struct_oper_list.type                 'identity operation' 
_pdbx_struct_oper_list.name                 1_555 
_pdbx_struct_oper_list.symmetry_operation   x,y,z 
_pdbx_struct_oper_list.matrix[1][1]         1.0000000000 
_pdbx_struct_oper_list.matrix[1][2]         0.0000000000 
_pdbx_struct_oper_list.matrix[1][3]         0.0000000000 
_pdbx_struct_oper_list.vector[1]            0.0000000000 
_pdbx_struct_oper_list.matrix[2][1]         0.0000000000 
_pdbx_struct_oper_list.matrix[2][2]         1.0000000000 
_pdbx_struct_oper_list.matrix[2][3]         0.0000000000 
_pdbx_struct_oper_list.vector[2]            0.0000000000 
_pdbx_struct_oper_list.matrix[3][1]         0.0000000000 
_pdbx_struct_oper_list.matrix[3][2]         0.0000000000 
_pdbx_struct_oper_list.matrix[3][3]         1.0000000000 
_pdbx_struct_oper_list.vector[3]            0.0000000000 
# 
loop_
_struct_conn.id 
_struct_conn.conn_type_id 
_struct_conn.pdbx_leaving_atom_flag 
_struct_conn.pdbx_PDB_id 
_struct_conn.ptnr1_label_asym_id 
_struct_conn.ptnr1_label_comp_id 
_struct_conn.ptnr1_label_seq_id 
_struct_conn.ptnr1_label_atom_id 
_struct_conn.pdbx_ptnr1_label_alt_id 
_struct_conn.pdbx_ptnr1_PDB_ins_code 
_struct_conn.pdbx_ptnr1_standard_comp_id 
_struct_conn.ptnr1_symmetry 
_struct_conn.ptnr2_label_asym_id 
_struct_conn.ptnr2_label_comp_id 
_struct_conn.ptnr2_label_seq_id 
_struct_conn.ptnr2_label_atom_id 
_struct_conn.pdbx_ptnr2_label_alt_id 
_struct_conn.pdbx_ptnr2_PDB_ins_code 
_struct_conn.ptnr1_auth_asym_id 
_struct_conn.ptnr1_auth_comp_id 
_struct_conn.ptnr1_auth_seq_id 
_struct_conn.ptnr2_auth_asym_id 
_struct_conn.ptnr2_auth_comp_id 
_struct_conn.ptnr2_auth_seq_id 
_struct_conn.ptnr2_symmetry 
_struct_conn.pdbx_ptnr3_label_atom_id 
_struct_conn.pdbx_ptnr3_label_seq_id 
_struct_conn.pdbx_ptnr3_label_comp_id 
_struct_conn.pdbx_ptnr3_label_asym_id 
_struct_conn.pdbx_ptnr3_label_alt_id 
_struct_conn.pdbx_ptnr3_PDB_ins_code 
_struct_conn.details 
_struct_conn.pdbx_dist_value 
_struct_conn.pdbx_value_order 
_struct_conn.pdbx_role 
covale1  covale both ? A G  1  P   ? ? ? 1_555 B GTP .  "O3'" ? ? A G  2   A GTP 101 1_555 ? ? ? ? ? ? ?                       
1.628 ? ? 
metalc1  metalc ?    ? A C  6  OP2 ? ? ? 1_555 G MG  .  MG    ? ? A C  7   A MG  106 1_555 ? ? ? ? ? ? ?                       
2.066 ? ? 
metalc2  metalc ?    ? A U  7  OP2 ? ? ? 1_555 G MG  .  MG    ? ? A U  8   A MG  106 1_555 ? ? ? ? ? ? ?                       
1.990 ? ? 
metalc3  metalc ?    ? A A  29 OP2 ? ? ? 1_555 D MG  .  MG    ? ? A A  30  A MG  103 1_555 ? ? ? ? ? ? ?                       
2.080 ? ? 
metalc4  metalc ?    ? A U  31 OP2 ? ? ? 1_555 E MG  .  MG    ? ? A U  32  A MG  104 1_555 ? ? ? ? ? ? ?                       
2.074 ? ? 
metalc5  metalc ?    ? A U  41 OP2 ? ? ? 1_555 F MG  .  MG    ? ? A U  42  A MG  105 1_555 ? ? ? ? ? ? ?                       
2.054 ? ? 
metalc6  metalc ?    ? D MG .  MG  ? ? ? 1_555 L HOH .  O     ? ? A MG 103 A HOH 236 1_555 ? ? ? ? ? ? ?                       
2.151 ? ? 
metalc7  metalc ?    ? D MG .  MG  ? ? ? 1_555 L HOH .  O     ? ? A MG 103 A HOH 248 1_555 ? ? ? ? ? ? ?                       
2.151 ? ? 
metalc8  metalc ?    ? D MG .  MG  ? ? ? 1_555 L HOH .  O     ? ? A MG 103 A HOH 286 1_555 ? ? ? ? ? ? ?                       
2.152 ? ? 
metalc9  metalc ?    ? D MG .  MG  ? ? ? 1_555 L HOH .  O     ? ? A MG 103 A HOH 287 1_555 ? ? ? ? ? ? ?                       
2.052 ? ? 
metalc10 metalc ?    ? D MG .  MG  ? ? ? 1_555 L HOH .  O     ? ? A MG 103 A HOH 346 1_555 ? ? ? ? ? ? ?                       
2.167 ? ? 
metalc11 metalc ?    ? E MG .  MG  ? ? ? 1_555 L HOH .  O     ? ? A MG 104 A HOH 235 1_555 ? ? ? ? ? ? ?                       
2.218 ? ? 
metalc12 metalc ?    ? E MG .  MG  ? ? ? 1_555 L HOH .  O     ? ? A MG 104 A HOH 268 1_555 ? ? ? ? ? ? ?                       
2.094 ? ? 
metalc13 metalc ?    ? E MG .  MG  ? ? ? 1_555 L HOH .  O     ? ? A MG 104 A HOH 278 1_555 ? ? ? ? ? ? ?                       
2.106 ? ? 
metalc14 metalc ?    ? E MG .  MG  ? ? ? 1_555 L HOH .  O     ? ? A MG 104 A HOH 330 1_555 ? ? ? ? ? ? ?                       
2.108 ? ? 
metalc15 metalc ?    ? E MG .  MG  ? ? ? 1_555 L HOH .  O     ? ? A MG 104 A HOH 364 1_555 ? ? ? ? ? ? ?                       
2.199 ? ? 
metalc16 metalc ?    ? F MG .  MG  ? ? ? 1_555 L HOH .  O     ? ? A MG 105 A HOH 250 1_555 ? ? ? ? ? ? ?                       
2.095 ? ? 
metalc17 metalc ?    ? F MG .  MG  ? ? ? 1_555 L HOH .  O     ? ? A MG 105 A HOH 279 1_555 ? ? ? ? ? ? ?                       
2.139 ? ? 
metalc18 metalc ?    ? F MG .  MG  ? ? ? 1_555 L HOH .  O     ? ? A MG 105 A HOH 333 1_555 ? ? ? ? ? ? ?                       
2.169 ? ? 
metalc19 metalc ?    ? F MG .  MG  ? ? ? 1_555 L HOH .  O     ? ? A MG 105 A HOH 359 1_555 ? ? ? ? ? ? ?                       
2.075 ? ? 
metalc20 metalc ?    ? F MG .  MG  ? ? ? 1_555 L HOH .  O     ? ? A MG 105 A HOH 361 1_555 ? ? ? ? ? ? ?                       
2.165 ? ? 
metalc21 metalc ?    ? G MG .  MG  ? ? ? 1_555 L HOH .  O     ? ? A MG 106 A HOH 324 1_555 ? ? ? ? ? ? ?                       
2.135 ? ? 
metalc22 metalc ?    ? G MG .  MG  ? ? ? 1_555 L HOH .  O     ? ? A MG 106 A HOH 327 1_555 ? ? ? ? ? ? ?                       
2.068 ? ? 
metalc23 metalc ?    ? G MG .  MG  ? ? ? 1_555 L HOH .  O     ? ? A MG 106 A HOH 350 1_555 ? ? ? ? ? ? ?                       
2.218 ? ? 
metalc24 metalc ?    ? H MG .  MG  ? ? ? 1_555 L HOH .  O     ? ? A MG 107 A HOH 231 1_555 ? ? ? ? ? ? ?                       
2.288 ? ? 
metalc25 metalc ?    ? H MG .  MG  ? ? ? 1_555 L HOH .  O     ? ? A MG 107 A HOH 234 2_656 ? ? ? ? ? ? ?                       
2.090 ? ? 
metalc26 metalc ?    ? H MG .  MG  ? ? ? 1_555 L HOH .  O     ? ? A MG 107 A HOH 311 1_555 ? ? ? ? ? ? ?                       
1.922 ? ? 
metalc27 metalc ?    ? H MG .  MG  ? ? ? 1_555 L HOH .  O     ? ? A MG 107 A HOH 357 2_656 ? ? ? ? ? ? ?                       
2.111 ? ? 
metalc28 metalc ?    ? H MG .  MG  ? ? ? 1_555 L HOH .  O     ? ? A MG 107 A HOH 360 2_656 ? ? ? ? ? ? ?                       
2.071 ? ? 
metalc29 metalc ?    ? H MG .  MG  ? ? ? 1_555 L HOH .  O     ? ? A MG 107 A HOH 391 1_555 ? ? ? ? ? ? ?                       
2.057 ? ? 
hydrog1  hydrog ?    ? A G  1  N1  ? ? ? 1_555 A C   47 N3    ? ? A G  2   A C   48  1_555 ? ? ? ? ? ? WATSON-CRICK            ? ? 
? 
hydrog2  hydrog ?    ? A G  1  N2  ? ? ? 1_555 A C   47 O2    ? ? A G  2   A C   48  1_555 ? ? ? ? ? ? WATSON-CRICK            ? ? 
? 
hydrog3  hydrog ?    ? A G  1  O6  ? ? ? 1_555 A C   47 N4    ? ? A G  2   A C   48  1_555 ? ? ? ? ? ? WATSON-CRICK            ? ? 
? 
hydrog4  hydrog ?    ? A C  2  N3  ? ? ? 1_555 A G   46 N1    ? ? A C  3   A G   47  1_555 ? ? ? ? ? ? WATSON-CRICK            ? ? 
? 
hydrog5  hydrog ?    ? A C  2  N4  ? ? ? 1_555 A G   46 O6    ? ? A C  3   A G   47  1_555 ? ? ? ? ? ? WATSON-CRICK            ? ? 
? 
hydrog6  hydrog ?    ? A C  2  O2  ? ? ? 1_555 A G   46 N2    ? ? A C  3   A G   47  1_555 ? ? ? ? ? ? WATSON-CRICK            ? ? 
? 
hydrog7  hydrog ?    ? A G  3  N1  ? ? ? 1_555 A C   45 N3    ? ? A G  4   A C   46  1_555 ? ? ? ? ? ? WATSON-CRICK            ? ? 
? 
hydrog8  hydrog ?    ? A G  3  N2  ? ? ? 1_555 A C   45 O2    ? ? A G  4   A C   46  1_555 ? ? ? ? ? ? WATSON-CRICK            ? ? 
? 
hydrog9  hydrog ?    ? A G  3  O6  ? ? ? 1_555 A C   45 N4    ? ? A G  4   A C   46  1_555 ? ? ? ? ? ? WATSON-CRICK            ? ? 
? 
hydrog10 hydrog ?    ? A C  4  N3  ? ? ? 1_555 A G   44 N1    ? ? A C  5   A G   45  1_555 ? ? ? ? ? ? WATSON-CRICK            ? ? 
? 
hydrog11 hydrog ?    ? A C  4  N4  ? ? ? 1_555 A G   44 O6    ? ? A C  5   A G   45  1_555 ? ? ? ? ? ? WATSON-CRICK            ? ? 
? 
hydrog12 hydrog ?    ? A C  4  O2  ? ? ? 1_555 A G   44 N2    ? ? A C  5   A G   45  1_555 ? ? ? ? ? ? WATSON-CRICK            ? ? 
? 
hydrog13 hydrog ?    ? A C  6  N3  ? ? ? 1_555 A G   43 N1    ? ? A C  7   A G   44  1_555 ? ? ? ? ? ? WATSON-CRICK            ? ? 
? 
hydrog14 hydrog ?    ? A C  6  N4  ? ? ? 1_555 A G   43 O6    ? ? A C  7   A G   44  1_555 ? ? ? ? ? ? WATSON-CRICK            ? ? 
? 
hydrog15 hydrog ?    ? A C  6  O2  ? ? ? 1_555 A G   43 N2    ? ? A C  7   A G   44  1_555 ? ? ? ? ? ? WATSON-CRICK            ? ? 
? 
hydrog16 hydrog ?    ? A U  7  O4  ? ? ? 1_555 A G   40 N2    ? ? A U  8   A G   41  1_555 ? ? ? ? ? ? 'U-G MISPAIR'           ? ? 
? 
hydrog17 hydrog ?    ? A U  7  N3  ? ? ? 1_555 A U   41 O4    ? ? A U  8   A U   42  1_555 ? ? ? ? ? ? TYPE_16_PAIR            ? ? 
? 
hydrog18 hydrog ?    ? A U  7  O2  ? ? ? 1_555 A U   41 N3    ? ? A U  8   A U   42  1_555 ? ? ? ? ? ? TYPE_16_PAIR            ? ? 
? 
hydrog19 hydrog ?    ? A G  8  N1  ? ? ? 1_555 A C   32 O2    ? ? A G  9   A C   33  1_555 ? ? ? ? ? ? 'REVERSED WATSON-CRICK' ? ? 
? 
hydrog20 hydrog ?    ? A G  8  N2  ? ? ? 1_555 A C   32 N3    ? ? A G  9   A C   33  1_555 ? ? ? ? ? ? 'REVERSED WATSON-CRICK' ? ? 
? 
hydrog21 hydrog ?    ? A G  9  N1  ? ? ? 1_555 A U   39 O2    ? ? A G  10  A U   40  1_555 ? ? ? ? ? ? TYPE_28_PAIR            ? ? 
? 
hydrog22 hydrog ?    ? A G  9  O6  ? ? ? 1_555 A U   39 N3    ? ? A G  10  A U   40  1_555 ? ? ? ? ? ? TYPE_28_PAIR            ? ? 
? 
hydrog23 hydrog ?    ? A C  10 N3  ? ? ? 1_555 A G   38 N1    ? ? A C  11  A G   39  1_555 ? ? ? ? ? ? WATSON-CRICK            ? ? 
? 
hydrog24 hydrog ?    ? A C  10 N4  ? ? ? 1_555 A G   38 O6    ? ? A C  11  A G   39  1_555 ? ? ? ? ? ? WATSON-CRICK            ? ? 
? 
hydrog25 hydrog ?    ? A C  10 O2  ? ? ? 1_555 A G   38 N2    ? ? A C  11  A G   39  1_555 ? ? ? ? ? ? WATSON-CRICK            ? ? 
? 
hydrog26 hydrog ?    ? A G  11 N1  ? ? ? 1_555 A C   37 N3    ? ? A G  12  A C   38  1_555 ? ? ? ? ? ? WATSON-CRICK            ? ? 
? 
hydrog27 hydrog ?    ? A G  11 N2  ? ? ? 1_555 A C   37 O2    ? ? A G  12  A C   38  1_555 ? ? ? ? ? ? WATSON-CRICK            ? ? 
? 
hydrog28 hydrog ?    ? A G  11 O6  ? ? ? 1_555 A C   37 N4    ? ? A G  12  A C   38  1_555 ? ? ? ? ? ? WATSON-CRICK            ? ? 
? 
hydrog29 hydrog ?    ? A C  12 N3  ? ? ? 1_555 A G   36 N1    ? ? A C  13  A G   37  1_555 ? ? ? ? ? ? WATSON-CRICK            ? ? 
? 
hydrog30 hydrog ?    ? A C  12 N4  ? ? ? 1_555 A G   36 O6    ? ? A C  13  A G   37  1_555 ? ? ? ? ? ? WATSON-CRICK            ? ? 
? 
hydrog31 hydrog ?    ? A C  12 O2  ? ? ? 1_555 A G   36 N2    ? ? A C  13  A G   37  1_555 ? ? ? ? ? ? WATSON-CRICK            ? ? 
? 
hydrog32 hydrog ?    ? A U  13 N3  ? ? ? 1_555 A A   35 N1    ? ? A U  14  A A   36  1_555 ? ? ? ? ? ? WATSON-CRICK            ? ? 
? 
hydrog33 hydrog ?    ? A U  13 O4  ? ? ? 1_555 A A   35 N6    ? ? A U  14  A A   36  1_555 ? ? ? ? ? ? WATSON-CRICK            ? ? 
? 
hydrog34 hydrog ?    ? A G  14 N1  ? ? ? 1_555 A C   27 N3    ? ? A G  15  A C   28  1_555 ? ? ? ? ? ? WATSON-CRICK            ? ? 
? 
hydrog35 hydrog ?    ? A G  14 N2  ? ? ? 1_555 A C   27 O2    ? ? A G  15  A C   28  1_555 ? ? ? ? ? ? WATSON-CRICK            ? ? 
? 
hydrog36 hydrog ?    ? A G  14 O6  ? ? ? 1_555 A C   27 N4    ? ? A G  15  A C   28  1_555 ? ? ? ? ? ? WATSON-CRICK            ? ? 
? 
hydrog37 hydrog ?    ? A C  15 N3  ? ? ? 1_555 A G   26 N1    ? ? A C  16  A G   27  1_555 ? ? ? ? ? ? WATSON-CRICK            ? ? 
? 
hydrog38 hydrog ?    ? A C  15 N4  ? ? ? 1_555 A G   26 O6    ? ? A C  16  A G   27  1_555 ? ? ? ? ? ? WATSON-CRICK            ? ? 
? 
hydrog39 hydrog ?    ? A C  15 O2  ? ? ? 1_555 A G   26 N2    ? ? A C  16  A G   27  1_555 ? ? ? ? ? ? WATSON-CRICK            ? ? 
? 
hydrog40 hydrog ?    ? A G  16 N1  ? ? ? 1_555 A C   25 N3    ? ? A G  17  A C   26  1_555 ? ? ? ? ? ? WATSON-CRICK            ? ? 
? 
hydrog41 hydrog ?    ? A G  16 N2  ? ? ? 1_555 A C   25 O2    ? ? A G  17  A C   26  1_555 ? ? ? ? ? ? WATSON-CRICK            ? ? 
? 
hydrog42 hydrog ?    ? A G  16 O6  ? ? ? 1_555 A C   25 N4    ? ? A G  17  A C   26  1_555 ? ? ? ? ? ? WATSON-CRICK            ? ? 
? 
hydrog43 hydrog ?    ? A C  17 N3  ? ? ? 1_555 A G   24 N1    ? ? A C  18  A G   25  1_555 ? ? ? ? ? ? WATSON-CRICK            ? ? 
? 
hydrog44 hydrog ?    ? A C  17 N4  ? ? ? 1_555 A G   24 O6    ? ? A C  18  A G   25  1_555 ? ? ? ? ? ? WATSON-CRICK            ? ? 
? 
hydrog45 hydrog ?    ? A C  17 O2  ? ? ? 1_555 A G   24 N2    ? ? A C  18  A G   25  1_555 ? ? ? ? ? ? WATSON-CRICK            ? ? 
? 
hydrog46 hydrog ?    ? A C  18 N3  ? ? ? 1_555 A G   23 N1    ? ? A C  19  A G   24  1_555 ? ? ? ? ? ? WATSON-CRICK            ? ? 
? 
hydrog47 hydrog ?    ? A C  18 N4  ? ? ? 1_555 A G   23 O6    ? ? A C  19  A G   24  1_555 ? ? ? ? ? ? WATSON-CRICK            ? ? 
? 
hydrog48 hydrog ?    ? A C  18 O2  ? ? ? 1_555 A G   23 N2    ? ? A C  19  A G   24  1_555 ? ? ? ? ? ? WATSON-CRICK            ? ? 
? 
hydrog49 hydrog ?    ? A U  19 O2  ? ? ? 1_555 A G   22 N1    ? ? A U  20  A G   23  1_555 ? ? ? ? ? ? 'U-G MISPAIR'           ? ? 
? 
hydrog50 hydrog ?    ? A A  30 N6  ? ? ? 1_555 A U   34 O4    ? ? A A  31  A U   35  1_555 ? ? ? ? ? ? 'A-U PAIR'              ? ? 
? 
hydrog51 hydrog ?    ? A U  31 N3  ? ? ? 1_555 A U   34 O4    ? ? A U  32  A U   35  1_555 ? ? ? ? ? ? 'U-U MISPAIR'           ? ? 
? 
hydrog52 hydrog ?    ? A C  32 N4  ? ? ? 1_555 A U   39 O4    ? ? A C  33  A U   40  1_555 ? ? ? ? ? ? 'C-U MISPAIR'           ? ? 
? 
hydrog53 hydrog ?    ? A G  33 N2  ? ? ? 1_555 A G   38 N7    ? ? A G  34  A G   39  1_555 ? ? ? ? ? ? 'G-G MISPAIR'           ? ? 
? 
# 
loop_
_struct_conn_type.id 
_struct_conn_type.criteria 
_struct_conn_type.reference 
covale ? ? 
metalc ? ? 
hydrog ? ? 
# 
loop_
_pdbx_struct_conn_angle.id 
_pdbx_struct_conn_angle.ptnr1_label_atom_id 
_pdbx_struct_conn_angle.ptnr1_label_alt_id 
_pdbx_struct_conn_angle.ptnr1_label_asym_id 
_pdbx_struct_conn_angle.ptnr1_label_comp_id 
_pdbx_struct_conn_angle.ptnr1_label_seq_id 
_pdbx_struct_conn_angle.ptnr1_auth_atom_id 
_pdbx_struct_conn_angle.ptnr1_auth_asym_id 
_pdbx_struct_conn_angle.ptnr1_auth_comp_id 
_pdbx_struct_conn_angle.ptnr1_auth_seq_id 
_pdbx_struct_conn_angle.ptnr1_PDB_ins_code 
_pdbx_struct_conn_angle.ptnr1_symmetry 
_pdbx_struct_conn_angle.ptnr2_label_atom_id 
_pdbx_struct_conn_angle.ptnr2_label_alt_id 
_pdbx_struct_conn_angle.ptnr2_label_asym_id 
_pdbx_struct_conn_angle.ptnr2_label_comp_id 
_pdbx_struct_conn_angle.ptnr2_label_seq_id 
_pdbx_struct_conn_angle.ptnr2_auth_atom_id 
_pdbx_struct_conn_angle.ptnr2_auth_asym_id 
_pdbx_struct_conn_angle.ptnr2_auth_comp_id 
_pdbx_struct_conn_angle.ptnr2_auth_seq_id 
_pdbx_struct_conn_angle.ptnr2_PDB_ins_code 
_pdbx_struct_conn_angle.ptnr2_symmetry 
_pdbx_struct_conn_angle.ptnr3_label_atom_id 
_pdbx_struct_conn_angle.ptnr3_label_alt_id 
_pdbx_struct_conn_angle.ptnr3_label_asym_id 
_pdbx_struct_conn_angle.ptnr3_label_comp_id 
_pdbx_struct_conn_angle.ptnr3_label_seq_id 
_pdbx_struct_conn_angle.ptnr3_auth_atom_id 
_pdbx_struct_conn_angle.ptnr3_auth_asym_id 
_pdbx_struct_conn_angle.ptnr3_auth_comp_id 
_pdbx_struct_conn_angle.ptnr3_auth_seq_id 
_pdbx_struct_conn_angle.ptnr3_PDB_ins_code 
_pdbx_struct_conn_angle.ptnr3_symmetry 
_pdbx_struct_conn_angle.value 
_pdbx_struct_conn_angle.value_esd 
1  OP2 ? A C   6  ? A C   7   ? 1_555 MG ? G MG . ? A MG 106 ? 1_555 OP2 ? A U   7 ? A U   8   ? 1_555 91.5  ? 
2  OP2 ? A C   6  ? A C   7   ? 1_555 MG ? G MG . ? A MG 106 ? 1_555 O   ? L HOH . ? A HOH 324 ? 1_555 89.8  ? 
3  OP2 ? A U   7  ? A U   8   ? 1_555 MG ? G MG . ? A MG 106 ? 1_555 O   ? L HOH . ? A HOH 324 ? 1_555 174.2 ? 
4  OP2 ? A C   6  ? A C   7   ? 1_555 MG ? G MG . ? A MG 106 ? 1_555 O   ? L HOH . ? A HOH 327 ? 1_555 178.0 ? 
5  OP2 ? A U   7  ? A U   8   ? 1_555 MG ? G MG . ? A MG 106 ? 1_555 O   ? L HOH . ? A HOH 327 ? 1_555 89.6  ? 
6  O   ? L HOH .  ? A HOH 324 ? 1_555 MG ? G MG . ? A MG 106 ? 1_555 O   ? L HOH . ? A HOH 327 ? 1_555 89.0  ? 
7  OP2 ? A C   6  ? A C   7   ? 1_555 MG ? G MG . ? A MG 106 ? 1_555 O   ? L HOH . ? A HOH 350 ? 1_555 90.3  ? 
8  OP2 ? A U   7  ? A U   8   ? 1_555 MG ? G MG . ? A MG 106 ? 1_555 O   ? L HOH . ? A HOH 350 ? 1_555 89.8  ? 
9  O   ? L HOH .  ? A HOH 324 ? 1_555 MG ? G MG . ? A MG 106 ? 1_555 O   ? L HOH . ? A HOH 350 ? 1_555 84.5  ? 
10 O   ? L HOH .  ? A HOH 327 ? 1_555 MG ? G MG . ? A MG 106 ? 1_555 O   ? L HOH . ? A HOH 350 ? 1_555 88.0  ? 
11 OP2 ? A A   29 ? A A   30  ? 1_555 MG ? D MG . ? A MG 103 ? 1_555 O   ? L HOH . ? A HOH 236 ? 1_555 170.5 ? 
12 OP2 ? A A   29 ? A A   30  ? 1_555 MG ? D MG . ? A MG 103 ? 1_555 O   ? L HOH . ? A HOH 248 ? 1_555 95.3  ? 
13 O   ? L HOH .  ? A HOH 236 ? 1_555 MG ? D MG . ? A MG 103 ? 1_555 O   ? L HOH . ? A HOH 248 ? 1_555 93.8  ? 
14 OP2 ? A A   29 ? A A   30  ? 1_555 MG ? D MG . ? A MG 103 ? 1_555 O   ? L HOH . ? A HOH 286 ? 1_555 84.7  ? 
15 O   ? L HOH .  ? A HOH 236 ? 1_555 MG ? D MG . ? A MG 103 ? 1_555 O   ? L HOH . ? A HOH 286 ? 1_555 86.0  ? 
16 O   ? L HOH .  ? A HOH 248 ? 1_555 MG ? D MG . ? A MG 103 ? 1_555 O   ? L HOH . ? A HOH 286 ? 1_555 176.2 ? 
17 OP2 ? A A   29 ? A A   30  ? 1_555 MG ? D MG . ? A MG 103 ? 1_555 O   ? L HOH . ? A HOH 287 ? 1_555 92.2  ? 
18 O   ? L HOH .  ? A HOH 236 ? 1_555 MG ? D MG . ? A MG 103 ? 1_555 O   ? L HOH . ? A HOH 287 ? 1_555 90.4  ? 
19 O   ? L HOH .  ? A HOH 248 ? 1_555 MG ? D MG . ? A MG 103 ? 1_555 O   ? L HOH . ? A HOH 287 ? 1_555 90.9  ? 
20 O   ? L HOH .  ? A HOH 286 ? 1_555 MG ? D MG . ? A MG 103 ? 1_555 O   ? L HOH . ? A HOH 287 ? 1_555 92.8  ? 
21 OP2 ? A A   29 ? A A   30  ? 1_555 MG ? D MG . ? A MG 103 ? 1_555 O   ? L HOH . ? A HOH 346 ? 1_555 87.6  ? 
22 O   ? L HOH .  ? A HOH 236 ? 1_555 MG ? D MG . ? A MG 103 ? 1_555 O   ? L HOH . ? A HOH 346 ? 1_555 90.0  ? 
23 O   ? L HOH .  ? A HOH 248 ? 1_555 MG ? D MG . ? A MG 103 ? 1_555 O   ? L HOH . ? A HOH 346 ? 1_555 88.4  ? 
24 O   ? L HOH .  ? A HOH 286 ? 1_555 MG ? D MG . ? A MG 103 ? 1_555 O   ? L HOH . ? A HOH 346 ? 1_555 87.9  ? 
25 O   ? L HOH .  ? A HOH 287 ? 1_555 MG ? D MG . ? A MG 103 ? 1_555 O   ? L HOH . ? A HOH 346 ? 1_555 179.3 ? 
26 OP2 ? A U   31 ? A U   32  ? 1_555 MG ? E MG . ? A MG 104 ? 1_555 O   ? L HOH . ? A HOH 235 ? 1_555 92.1  ? 
27 OP2 ? A U   31 ? A U   32  ? 1_555 MG ? E MG . ? A MG 104 ? 1_555 O   ? L HOH . ? A HOH 268 ? 1_555 89.6  ? 
28 O   ? L HOH .  ? A HOH 235 ? 1_555 MG ? E MG . ? A MG 104 ? 1_555 O   ? L HOH . ? A HOH 268 ? 1_555 176.4 ? 
29 OP2 ? A U   31 ? A U   32  ? 1_555 MG ? E MG . ? A MG 104 ? 1_555 O   ? L HOH . ? A HOH 278 ? 1_555 178.7 ? 
30 O   ? L HOH .  ? A HOH 235 ? 1_555 MG ? E MG . ? A MG 104 ? 1_555 O   ? L HOH . ? A HOH 278 ? 1_555 87.3  ? 
31 O   ? L HOH .  ? A HOH 268 ? 1_555 MG ? E MG . ? A MG 104 ? 1_555 O   ? L HOH . ? A HOH 278 ? 1_555 91.0  ? 
32 OP2 ? A U   31 ? A U   32  ? 1_555 MG ? E MG . ? A MG 104 ? 1_555 O   ? L HOH . ? A HOH 330 ? 1_555 94.4  ? 
33 O   ? L HOH .  ? A HOH 235 ? 1_555 MG ? E MG . ? A MG 104 ? 1_555 O   ? L HOH . ? A HOH 330 ? 1_555 90.9  ? 
34 O   ? L HOH .  ? A HOH 268 ? 1_555 MG ? E MG . ? A MG 104 ? 1_555 O   ? L HOH . ? A HOH 330 ? 1_555 92.1  ? 
35 O   ? L HOH .  ? A HOH 278 ? 1_555 MG ? E MG . ? A MG 104 ? 1_555 O   ? L HOH . ? A HOH 330 ? 1_555 84.5  ? 
36 OP2 ? A U   31 ? A U   32  ? 1_555 MG ? E MG . ? A MG 104 ? 1_555 O   ? L HOH . ? A HOH 364 ? 1_555 92.2  ? 
37 O   ? L HOH .  ? A HOH 235 ? 1_555 MG ? E MG . ? A MG 104 ? 1_555 O   ? L HOH . ? A HOH 364 ? 1_555 91.5  ? 
38 O   ? L HOH .  ? A HOH 268 ? 1_555 MG ? E MG . ? A MG 104 ? 1_555 O   ? L HOH . ? A HOH 364 ? 1_555 85.3  ? 
39 O   ? L HOH .  ? A HOH 278 ? 1_555 MG ? E MG . ? A MG 104 ? 1_555 O   ? L HOH . ? A HOH 364 ? 1_555 89.0  ? 
40 O   ? L HOH .  ? A HOH 330 ? 1_555 MG ? E MG . ? A MG 104 ? 1_555 O   ? L HOH . ? A HOH 364 ? 1_555 172.9 ? 
41 OP2 ? A U   41 ? A U   42  ? 1_555 MG ? F MG . ? A MG 105 ? 1_555 O   ? L HOH . ? A HOH 250 ? 1_555 172.2 ? 
42 OP2 ? A U   41 ? A U   42  ? 1_555 MG ? F MG . ? A MG 105 ? 1_555 O   ? L HOH . ? A HOH 279 ? 1_555 89.4  ? 
43 O   ? L HOH .  ? A HOH 250 ? 1_555 MG ? F MG . ? A MG 105 ? 1_555 O   ? L HOH . ? A HOH 279 ? 1_555 88.5  ? 
44 OP2 ? A U   41 ? A U   42  ? 1_555 MG ? F MG . ? A MG 105 ? 1_555 O   ? L HOH . ? A HOH 333 ? 1_555 95.1  ? 
45 O   ? L HOH .  ? A HOH 250 ? 1_555 MG ? F MG . ? A MG 105 ? 1_555 O   ? L HOH . ? A HOH 333 ? 1_555 92.3  ? 
46 O   ? L HOH .  ? A HOH 279 ? 1_555 MG ? F MG . ? A MG 105 ? 1_555 O   ? L HOH . ? A HOH 333 ? 1_555 86.7  ? 
47 OP2 ? A U   41 ? A U   42  ? 1_555 MG ? F MG . ? A MG 105 ? 1_555 O   ? L HOH . ? A HOH 359 ? 1_555 94.2  ? 
48 O   ? L HOH .  ? A HOH 250 ? 1_555 MG ? F MG . ? A MG 105 ? 1_555 O   ? L HOH . ? A HOH 359 ? 1_555 88.4  ? 
49 O   ? L HOH .  ? A HOH 279 ? 1_555 MG ? F MG . ? A MG 105 ? 1_555 O   ? L HOH . ? A HOH 359 ? 1_555 174.8 ? 
50 O   ? L HOH .  ? A HOH 333 ? 1_555 MG ? F MG . ? A MG 105 ? 1_555 O   ? L HOH . ? A HOH 359 ? 1_555 89.3  ? 
51 OP2 ? A U   41 ? A U   42  ? 1_555 MG ? F MG . ? A MG 105 ? 1_555 O   ? L HOH . ? A HOH 361 ? 1_555 92.7  ? 
52 O   ? L HOH .  ? A HOH 250 ? 1_555 MG ? F MG . ? A MG 105 ? 1_555 O   ? L HOH . ? A HOH 361 ? 1_555 80.0  ? 
53 O   ? L HOH .  ? A HOH 279 ? 1_555 MG ? F MG . ? A MG 105 ? 1_555 O   ? L HOH . ? A HOH 361 ? 1_555 93.9  ? 
54 O   ? L HOH .  ? A HOH 333 ? 1_555 MG ? F MG . ? A MG 105 ? 1_555 O   ? L HOH . ? A HOH 361 ? 1_555 172.2 ? 
55 O   ? L HOH .  ? A HOH 359 ? 1_555 MG ? F MG . ? A MG 105 ? 1_555 O   ? L HOH . ? A HOH 361 ? 1_555 89.7  ? 
56 O   ? L HOH .  ? A HOH 231 ? 1_555 MG ? H MG . ? A MG 107 ? 1_555 O   ? L HOH . ? A HOH 234 ? 2_656 99.5  ? 
57 O   ? L HOH .  ? A HOH 231 ? 1_555 MG ? H MG . ? A MG 107 ? 1_555 O   ? L HOH . ? A HOH 311 ? 1_555 82.8  ? 
58 O   ? L HOH .  ? A HOH 234 ? 2_656 MG ? H MG . ? A MG 107 ? 1_555 O   ? L HOH . ? A HOH 311 ? 1_555 91.6  ? 
59 O   ? L HOH .  ? A HOH 231 ? 1_555 MG ? H MG . ? A MG 107 ? 1_555 O   ? L HOH . ? A HOH 357 ? 2_656 166.1 ? 
60 O   ? L HOH .  ? A HOH 234 ? 2_656 MG ? H MG . ? A MG 107 ? 1_555 O   ? L HOH . ? A HOH 357 ? 2_656 94.3  ? 
61 O   ? L HOH .  ? A HOH 311 ? 1_555 MG ? H MG . ? A MG 107 ? 1_555 O   ? L HOH . ? A HOH 357 ? 2_656 95.5  ? 
62 O   ? L HOH .  ? A HOH 231 ? 1_555 MG ? H MG . ? A MG 107 ? 1_555 O   ? L HOH . ? A HOH 360 ? 2_656 93.6  ? 
63 O   ? L HOH .  ? A HOH 234 ? 2_656 MG ? H MG . ? A MG 107 ? 1_555 O   ? L HOH . ? A HOH 360 ? 2_656 88.1  ? 
64 O   ? L HOH .  ? A HOH 311 ? 1_555 MG ? H MG . ? A MG 107 ? 1_555 O   ? L HOH . ? A HOH 360 ? 2_656 176.3 ? 
65 O   ? L HOH .  ? A HOH 357 ? 2_656 MG ? H MG . ? A MG 107 ? 1_555 O   ? L HOH . ? A HOH 360 ? 2_656 88.1  ? 
66 O   ? L HOH .  ? A HOH 231 ? 1_555 MG ? H MG . ? A MG 107 ? 1_555 O   ? L HOH . ? A HOH 391 ? 1_555 85.6  ? 
67 O   ? L HOH .  ? A HOH 234 ? 2_656 MG ? H MG . ? A MG 107 ? 1_555 O   ? L HOH . ? A HOH 391 ? 1_555 174.7 ? 
68 O   ? L HOH .  ? A HOH 311 ? 1_555 MG ? H MG . ? A MG 107 ? 1_555 O   ? L HOH . ? A HOH 391 ? 1_555 90.2  ? 
69 O   ? L HOH .  ? A HOH 357 ? 2_656 MG ? H MG . ? A MG 107 ? 1_555 O   ? L HOH . ? A HOH 391 ? 1_555 80.6  ? 
70 O   ? L HOH .  ? A HOH 360 ? 2_656 MG ? H MG . ? A MG 107 ? 1_555 O   ? L HOH . ? A HOH 391 ? 1_555 90.4  ? 
# 
_pdbx_validate_close_contact.id               1 
_pdbx_validate_close_contact.PDB_model_num    1 
_pdbx_validate_close_contact.auth_atom_id_1   O23 
_pdbx_validate_close_contact.auth_asym_id_1   A 
_pdbx_validate_close_contact.auth_comp_id_1   J8F 
_pdbx_validate_close_contact.auth_seq_id_1    102 
_pdbx_validate_close_contact.PDB_ins_code_1   ? 
_pdbx_validate_close_contact.label_alt_id_1   ? 
_pdbx_validate_close_contact.auth_atom_id_2   O 
_pdbx_validate_close_contact.auth_asym_id_2   A 
_pdbx_validate_close_contact.auth_comp_id_2   HOH 
_pdbx_validate_close_contact.auth_seq_id_2    201 
_pdbx_validate_close_contact.PDB_ins_code_2   ? 
_pdbx_validate_close_contact.label_alt_id_2   ? 
_pdbx_validate_close_contact.dist             2.13 
# 
_pdbx_validate_symm_contact.id                1 
_pdbx_validate_symm_contact.PDB_model_num     1 
_pdbx_validate_symm_contact.auth_atom_id_1    O 
_pdbx_validate_symm_contact.auth_asym_id_1    A 
_pdbx_validate_symm_contact.auth_comp_id_1    HOH 
_pdbx_validate_symm_contact.auth_seq_id_1     204 
_pdbx_validate_symm_contact.PDB_ins_code_1    ? 
_pdbx_validate_symm_contact.label_alt_id_1    ? 
_pdbx_validate_symm_contact.site_symmetry_1   1_555 
_pdbx_validate_symm_contact.auth_atom_id_2    O 
_pdbx_validate_symm_contact.auth_asym_id_2    A 
_pdbx_validate_symm_contact.auth_comp_id_2    HOH 
_pdbx_validate_symm_contact.auth_seq_id_2     319 
_pdbx_validate_symm_contact.PDB_ins_code_2    ? 
_pdbx_validate_symm_contact.label_alt_id_2    ? 
_pdbx_validate_symm_contact.site_symmetry_2   2_656 
_pdbx_validate_symm_contact.dist              2.14 
# 
_pdbx_entry_details.entry_id                 7EOG 
_pdbx_entry_details.has_ligand_of_interest   Y 
_pdbx_entry_details.compound_details         ? 
_pdbx_entry_details.source_details           ? 
_pdbx_entry_details.nonpolymer_details       ? 
_pdbx_entry_details.sequence_details         ? 
# 
loop_
_chem_comp_atom.comp_id 
_chem_comp_atom.atom_id 
_chem_comp_atom.type_symbol 
_chem_comp_atom.pdbx_aromatic_flag 
_chem_comp_atom.pdbx_stereo_config 
_chem_comp_atom.pdbx_ordinal 
A   OP3    O  N N 1   
A   P      P  N N 2   
A   OP1    O  N N 3   
A   OP2    O  N N 4   
A   "O5'"  O  N N 5   
A   "C5'"  C  N N 6   
A   "C4'"  C  N R 7   
A   "O4'"  O  N N 8   
A   "C3'"  C  N S 9   
A   "O3'"  O  N N 10  
A   "C2'"  C  N R 11  
A   "O2'"  O  N N 12  
A   "C1'"  C  N R 13  
A   N9     N  Y N 14  
A   C8     C  Y N 15  
A   N7     N  Y N 16  
A   C5     C  Y N 17  
A   C6     C  Y N 18  
A   N6     N  N N 19  
A   N1     N  Y N 20  
A   C2     C  Y N 21  
A   N3     N  Y N 22  
A   C4     C  Y N 23  
A   HOP3   H  N N 24  
A   HOP2   H  N N 25  
A   "H5'"  H  N N 26  
A   "H5''" H  N N 27  
A   "H4'"  H  N N 28  
A   "H3'"  H  N N 29  
A   "HO3'" H  N N 30  
A   "H2'"  H  N N 31  
A   "HO2'" H  N N 32  
A   "H1'"  H  N N 33  
A   H8     H  N N 34  
A   H61    H  N N 35  
A   H62    H  N N 36  
A   H2     H  N N 37  
C   OP3    O  N N 38  
C   P      P  N N 39  
C   OP1    O  N N 40  
C   OP2    O  N N 41  
C   "O5'"  O  N N 42  
C   "C5'"  C  N N 43  
C   "C4'"  C  N R 44  
C   "O4'"  O  N N 45  
C   "C3'"  C  N S 46  
C   "O3'"  O  N N 47  
C   "C2'"  C  N R 48  
C   "O2'"  O  N N 49  
C   "C1'"  C  N R 50  
C   N1     N  N N 51  
C   C2     C  N N 52  
C   O2     O  N N 53  
C   N3     N  N N 54  
C   C4     C  N N 55  
C   N4     N  N N 56  
C   C5     C  N N 57  
C   C6     C  N N 58  
C   HOP3   H  N N 59  
C   HOP2   H  N N 60  
C   "H5'"  H  N N 61  
C   "H5''" H  N N 62  
C   "H4'"  H  N N 63  
C   "H3'"  H  N N 64  
C   "HO3'" H  N N 65  
C   "H2'"  H  N N 66  
C   "HO2'" H  N N 67  
C   "H1'"  H  N N 68  
C   H41    H  N N 69  
C   H42    H  N N 70  
C   H5     H  N N 71  
C   H6     H  N N 72  
G   OP3    O  N N 73  
G   P      P  N N 74  
G   OP1    O  N N 75  
G   OP2    O  N N 76  
G   "O5'"  O  N N 77  
G   "C5'"  C  N N 78  
G   "C4'"  C  N R 79  
G   "O4'"  O  N N 80  
G   "C3'"  C  N S 81  
G   "O3'"  O  N N 82  
G   "C2'"  C  N R 83  
G   "O2'"  O  N N 84  
G   "C1'"  C  N R 85  
G   N9     N  Y N 86  
G   C8     C  Y N 87  
G   N7     N  Y N 88  
G   C5     C  Y N 89  
G   C6     C  N N 90  
G   O6     O  N N 91  
G   N1     N  N N 92  
G   C2     C  N N 93  
G   N2     N  N N 94  
G   N3     N  N N 95  
G   C4     C  Y N 96  
G   HOP3   H  N N 97  
G   HOP2   H  N N 98  
G   "H5'"  H  N N 99  
G   "H5''" H  N N 100 
G   "H4'"  H  N N 101 
G   "H3'"  H  N N 102 
G   "HO3'" H  N N 103 
G   "H2'"  H  N N 104 
G   "HO2'" H  N N 105 
G   "H1'"  H  N N 106 
G   H8     H  N N 107 
G   H1     H  N N 108 
G   H21    H  N N 109 
G   H22    H  N N 110 
GTP PG     P  N N 111 
GTP O1G    O  N N 112 
GTP O2G    O  N N 113 
GTP O3G    O  N N 114 
GTP O3B    O  N N 115 
GTP PB     P  N N 116 
GTP O1B    O  N N 117 
GTP O2B    O  N N 118 
GTP O3A    O  N N 119 
GTP PA     P  N N 120 
GTP O1A    O  N N 121 
GTP O2A    O  N N 122 
GTP "O5'"  O  N N 123 
GTP "C5'"  C  N N 124 
GTP "C4'"  C  N R 125 
GTP "O4'"  O  N N 126 
GTP "C3'"  C  N S 127 
GTP "O3'"  O  N N 128 
GTP "C2'"  C  N R 129 
GTP "O2'"  O  N N 130 
GTP "C1'"  C  N R 131 
GTP N9     N  Y N 132 
GTP C8     C  Y N 133 
GTP N7     N  Y N 134 
GTP C5     C  Y N 135 
GTP C6     C  N N 136 
GTP O6     O  N N 137 
GTP N1     N  N N 138 
GTP C2     C  N N 139 
GTP N2     N  N N 140 
GTP N3     N  N N 141 
GTP C4     C  Y N 142 
GTP HOG2   H  N N 143 
GTP HOG3   H  N N 144 
GTP HOB2   H  N N 145 
GTP HOA2   H  N N 146 
GTP "H5'"  H  N N 147 
GTP "H5''" H  N N 148 
GTP "H4'"  H  N N 149 
GTP "H3'"  H  N N 150 
GTP "HO3'" H  N N 151 
GTP "H2'"  H  N N 152 
GTP "HO2'" H  N N 153 
GTP "H1'"  H  N N 154 
GTP H8     H  N N 155 
GTP HN1    H  N N 156 
GTP HN21   H  N N 157 
GTP HN22   H  N N 158 
HOH O      O  N N 159 
HOH H1     H  N N 160 
HOH H2     H  N N 161 
IRI IR     IR N N 162 
IRI N1     N  N N 163 
IRI N2     N  N N 164 
IRI N3     N  N N 165 
IRI N4     N  N N 166 
IRI N5     N  N N 167 
IRI N6     N  N N 168 
IRI HN11   H  N N 169 
IRI HN12   H  N N 170 
IRI HN13   H  N N 171 
IRI HN21   H  N N 172 
IRI HN22   H  N N 173 
IRI HN23   H  N N 174 
IRI HN31   H  N N 175 
IRI HN32   H  N N 176 
IRI HN33   H  N N 177 
IRI HN41   H  N N 178 
IRI HN42   H  N N 179 
IRI HN43   H  N N 180 
IRI HN51   H  N N 181 
IRI HN52   H  N N 182 
IRI HN53   H  N N 183 
IRI HN61   H  N N 184 
IRI HN62   H  N N 185 
IRI HN63   H  N N 186 
J8F C10    C  N N 187 
J8F N12    N  N N 188 
J8F C13    C  Y N 189 
J8F C15    C  Y N 190 
J8F C17    C  Y N 191 
J8F C20    C  N N 192 
J8F C21    C  N N 193 
J8F C01    C  Y N 194 
J8F C02    C  Y N 195 
J8F C03    C  Y N 196 
J8F C04    C  Y N 197 
J8F C05    C  Y N 198 
J8F C06    C  Y N 199 
J8F C07    C  N N 200 
J8F C09    C  N N 201 
J8F C11    C  N N 202 
J8F C14    C  Y N 203 
J8F C16    C  Y N 204 
J8F C18    C  Y N 205 
J8F C19    C  N N 206 
J8F N08    N  N N 207 
J8F N22    N  N N 208 
J8F O23    O  N N 209 
J8F H1     H  N N 210 
J8F H2     H  N N 211 
J8F H3     H  N N 212 
J8F H4     H  N N 213 
J8F H5     H  N N 214 
J8F H6     H  N N 215 
J8F H7     H  N N 216 
J8F H8     H  N N 217 
J8F H9     H  N N 218 
J8F H10    H  N N 219 
J8F H11    H  N N 220 
J8F H12    H  N N 221 
J8F H13    H  N N 222 
J8F H14    H  N N 223 
J8F H15    H  N N 224 
J8F H16    H  N N 225 
J8F H17    H  N N 226 
MG  MG     MG N N 227 
U   OP3    O  N N 228 
U   P      P  N N 229 
U   OP1    O  N N 230 
U   OP2    O  N N 231 
U   "O5'"  O  N N 232 
U   "C5'"  C  N N 233 
U   "C4'"  C  N R 234 
U   "O4'"  O  N N 235 
U   "C3'"  C  N S 236 
U   "O3'"  O  N N 237 
U   "C2'"  C  N R 238 
U   "O2'"  O  N N 239 
U   "C1'"  C  N R 240 
U   N1     N  N N 241 
U   C2     C  N N 242 
U   O2     O  N N 243 
U   N3     N  N N 244 
U   C4     C  N N 245 
U   O4     O  N N 246 
U   C5     C  N N 247 
U   C6     C  N N 248 
U   HOP3   H  N N 249 
U   HOP2   H  N N 250 
U   "H5'"  H  N N 251 
U   "H5''" H  N N 252 
U   "H4'"  H  N N 253 
U   "H3'"  H  N N 254 
U   "HO3'" H  N N 255 
U   "H2'"  H  N N 256 
U   "HO2'" H  N N 257 
U   "H1'"  H  N N 258 
U   H3     H  N N 259 
U   H5     H  N N 260 
U   H6     H  N N 261 
# 
loop_
_chem_comp_bond.comp_id 
_chem_comp_bond.atom_id_1 
_chem_comp_bond.atom_id_2 
_chem_comp_bond.value_order 
_chem_comp_bond.pdbx_aromatic_flag 
_chem_comp_bond.pdbx_stereo_config 
_chem_comp_bond.pdbx_ordinal 
A   OP3   P      sing N N 1   
A   OP3   HOP3   sing N N 2   
A   P     OP1    doub N N 3   
A   P     OP2    sing N N 4   
A   P     "O5'"  sing N N 5   
A   OP2   HOP2   sing N N 6   
A   "O5'" "C5'"  sing N N 7   
A   "C5'" "C4'"  sing N N 8   
A   "C5'" "H5'"  sing N N 9   
A   "C5'" "H5''" sing N N 10  
A   "C4'" "O4'"  sing N N 11  
A   "C4'" "C3'"  sing N N 12  
A   "C4'" "H4'"  sing N N 13  
A   "O4'" "C1'"  sing N N 14  
A   "C3'" "O3'"  sing N N 15  
A   "C3'" "C2'"  sing N N 16  
A   "C3'" "H3'"  sing N N 17  
A   "O3'" "HO3'" sing N N 18  
A   "C2'" "O2'"  sing N N 19  
A   "C2'" "C1'"  sing N N 20  
A   "C2'" "H2'"  sing N N 21  
A   "O2'" "HO2'" sing N N 22  
A   "C1'" N9     sing N N 23  
A   "C1'" "H1'"  sing N N 24  
A   N9    C8     sing Y N 25  
A   N9    C4     sing Y N 26  
A   C8    N7     doub Y N 27  
A   C8    H8     sing N N 28  
A   N7    C5     sing Y N 29  
A   C5    C6     sing Y N 30  
A   C5    C4     doub Y N 31  
A   C6    N6     sing N N 32  
A   C6    N1     doub Y N 33  
A   N6    H61    sing N N 34  
A   N6    H62    sing N N 35  
A   N1    C2     sing Y N 36  
A   C2    N3     doub Y N 37  
A   C2    H2     sing N N 38  
A   N3    C4     sing Y N 39  
C   OP3   P      sing N N 40  
C   OP3   HOP3   sing N N 41  
C   P     OP1    doub N N 42  
C   P     OP2    sing N N 43  
C   P     "O5'"  sing N N 44  
C   OP2   HOP2   sing N N 45  
C   "O5'" "C5'"  sing N N 46  
C   "C5'" "C4'"  sing N N 47  
C   "C5'" "H5'"  sing N N 48  
C   "C5'" "H5''" sing N N 49  
C   "C4'" "O4'"  sing N N 50  
C   "C4'" "C3'"  sing N N 51  
C   "C4'" "H4'"  sing N N 52  
C   "O4'" "C1'"  sing N N 53  
C   "C3'" "O3'"  sing N N 54  
C   "C3'" "C2'"  sing N N 55  
C   "C3'" "H3'"  sing N N 56  
C   "O3'" "HO3'" sing N N 57  
C   "C2'" "O2'"  sing N N 58  
C   "C2'" "C1'"  sing N N 59  
C   "C2'" "H2'"  sing N N 60  
C   "O2'" "HO2'" sing N N 61  
C   "C1'" N1     sing N N 62  
C   "C1'" "H1'"  sing N N 63  
C   N1    C2     sing N N 64  
C   N1    C6     sing N N 65  
C   C2    O2     doub N N 66  
C   C2    N3     sing N N 67  
C   N3    C4     doub N N 68  
C   C4    N4     sing N N 69  
C   C4    C5     sing N N 70  
C   N4    H41    sing N N 71  
C   N4    H42    sing N N 72  
C   C5    C6     doub N N 73  
C   C5    H5     sing N N 74  
C   C6    H6     sing N N 75  
G   OP3   P      sing N N 76  
G   OP3   HOP3   sing N N 77  
G   P     OP1    doub N N 78  
G   P     OP2    sing N N 79  
G   P     "O5'"  sing N N 80  
G   OP2   HOP2   sing N N 81  
G   "O5'" "C5'"  sing N N 82  
G   "C5'" "C4'"  sing N N 83  
G   "C5'" "H5'"  sing N N 84  
G   "C5'" "H5''" sing N N 85  
G   "C4'" "O4'"  sing N N 86  
G   "C4'" "C3'"  sing N N 87  
G   "C4'" "H4'"  sing N N 88  
G   "O4'" "C1'"  sing N N 89  
G   "C3'" "O3'"  sing N N 90  
G   "C3'" "C2'"  sing N N 91  
G   "C3'" "H3'"  sing N N 92  
G   "O3'" "HO3'" sing N N 93  
G   "C2'" "O2'"  sing N N 94  
G   "C2'" "C1'"  sing N N 95  
G   "C2'" "H2'"  sing N N 96  
G   "O2'" "HO2'" sing N N 97  
G   "C1'" N9     sing N N 98  
G   "C1'" "H1'"  sing N N 99  
G   N9    C8     sing Y N 100 
G   N9    C4     sing Y N 101 
G   C8    N7     doub Y N 102 
G   C8    H8     sing N N 103 
G   N7    C5     sing Y N 104 
G   C5    C6     sing N N 105 
G   C5    C4     doub Y N 106 
G   C6    O6     doub N N 107 
G   C6    N1     sing N N 108 
G   N1    C2     sing N N 109 
G   N1    H1     sing N N 110 
G   C2    N2     sing N N 111 
G   C2    N3     doub N N 112 
G   N2    H21    sing N N 113 
G   N2    H22    sing N N 114 
G   N3    C4     sing N N 115 
GTP PG    O1G    doub N N 116 
GTP PG    O2G    sing N N 117 
GTP PG    O3G    sing N N 118 
GTP PG    O3B    sing N N 119 
GTP O2G   HOG2   sing N N 120 
GTP O3G   HOG3   sing N N 121 
GTP O3B   PB     sing N N 122 
GTP PB    O1B    doub N N 123 
GTP PB    O2B    sing N N 124 
GTP PB    O3A    sing N N 125 
GTP O2B   HOB2   sing N N 126 
GTP O3A   PA     sing N N 127 
GTP PA    O1A    doub N N 128 
GTP PA    O2A    sing N N 129 
GTP PA    "O5'"  sing N N 130 
GTP O2A   HOA2   sing N N 131 
GTP "O5'" "C5'"  sing N N 132 
GTP "C5'" "C4'"  sing N N 133 
GTP "C5'" "H5'"  sing N N 134 
GTP "C5'" "H5''" sing N N 135 
GTP "C4'" "O4'"  sing N N 136 
GTP "C4'" "C3'"  sing N N 137 
GTP "C4'" "H4'"  sing N N 138 
GTP "O4'" "C1'"  sing N N 139 
GTP "C3'" "O3'"  sing N N 140 
GTP "C3'" "C2'"  sing N N 141 
GTP "C3'" "H3'"  sing N N 142 
GTP "O3'" "HO3'" sing N N 143 
GTP "C2'" "O2'"  sing N N 144 
GTP "C2'" "C1'"  sing N N 145 
GTP "C2'" "H2'"  sing N N 146 
GTP "O2'" "HO2'" sing N N 147 
GTP "C1'" N9     sing N N 148 
GTP "C1'" "H1'"  sing N N 149 
GTP N9    C8     sing Y N 150 
GTP N9    C4     sing Y N 151 
GTP C8    N7     doub Y N 152 
GTP C8    H8     sing N N 153 
GTP N7    C5     sing Y N 154 
GTP C5    C6     sing N N 155 
GTP C5    C4     doub Y N 156 
GTP C6    O6     doub N N 157 
GTP C6    N1     sing N N 158 
GTP N1    C2     sing N N 159 
GTP N1    HN1    sing N N 160 
GTP C2    N2     sing N N 161 
GTP C2    N3     doub N N 162 
GTP N2    HN21   sing N N 163 
GTP N2    HN22   sing N N 164 
GTP N3    C4     sing N N 165 
HOH O     H1     sing N N 166 
HOH O     H2     sing N N 167 
IRI IR    N1     sing N N 168 
IRI IR    N2     sing N N 169 
IRI IR    N3     sing N N 170 
IRI IR    N4     sing N N 171 
IRI IR    N5     sing N N 172 
IRI IR    N6     sing N N 173 
IRI N1    HN11   sing N N 174 
IRI N1    HN12   sing N N 175 
IRI N1    HN13   sing N N 176 
IRI N2    HN21   sing N N 177 
IRI N2    HN22   sing N N 178 
IRI N2    HN23   sing N N 179 
IRI N3    HN31   sing N N 180 
IRI N3    HN32   sing N N 181 
IRI N3    HN33   sing N N 182 
IRI N4    HN41   sing N N 183 
IRI N4    HN42   sing N N 184 
IRI N4    HN43   sing N N 185 
IRI N5    HN51   sing N N 186 
IRI N5    HN52   sing N N 187 
IRI N5    HN53   sing N N 188 
IRI N6    HN61   sing N N 189 
IRI N6    HN62   sing N N 190 
IRI N6    HN63   sing N N 191 
J8F C19   C21    sing N N 192 
J8F C19   N22    sing N N 193 
J8F C21   O23    sing N N 194 
J8F C17   C18    doub Y N 195 
J8F C17   C16    sing Y N 196 
J8F N22   C16    sing N N 197 
J8F N22   C20    sing N N 198 
J8F C18   C13    sing Y N 199 
J8F C16   C15    doub Y N 200 
J8F C13   C10    sing N N 201 
J8F C13   C14    doub Y N 202 
J8F C15   C14    sing Y N 203 
J8F C10   C09    doub N Z 204 
J8F C02   C01    doub Y N 205 
J8F C02   C03    sing Y N 206 
J8F C01   C06    sing Y N 207 
J8F C09   C03    sing N N 208 
J8F C09   C11    sing N N 209 
J8F C03   C04    doub Y N 210 
J8F C06   C07    sing N N 211 
J8F C06   C05    doub Y N 212 
J8F C11   N12    trip N N 213 
J8F C07   N08    trip N N 214 
J8F C04   C05    sing Y N 215 
J8F C10   H1     sing N N 216 
J8F C15   H2     sing N N 217 
J8F C17   H3     sing N N 218 
J8F C20   H4     sing N N 219 
J8F C20   H5     sing N N 220 
J8F C20   H6     sing N N 221 
J8F C21   H7     sing N N 222 
J8F C21   H8     sing N N 223 
J8F C01   H9     sing N N 224 
J8F C02   H10    sing N N 225 
J8F C04   H11    sing N N 226 
J8F C05   H12    sing N N 227 
J8F C14   H13    sing N N 228 
J8F C18   H14    sing N N 229 
J8F C19   H15    sing N N 230 
J8F C19   H16    sing N N 231 
J8F O23   H17    sing N N 232 
U   OP3   P      sing N N 233 
U   OP3   HOP3   sing N N 234 
U   P     OP1    doub N N 235 
U   P     OP2    sing N N 236 
U   P     "O5'"  sing N N 237 
U   OP2   HOP2   sing N N 238 
U   "O5'" "C5'"  sing N N 239 
U   "C5'" "C4'"  sing N N 240 
U   "C5'" "H5'"  sing N N 241 
U   "C5'" "H5''" sing N N 242 
U   "C4'" "O4'"  sing N N 243 
U   "C4'" "C3'"  sing N N 244 
U   "C4'" "H4'"  sing N N 245 
U   "O4'" "C1'"  sing N N 246 
U   "C3'" "O3'"  sing N N 247 
U   "C3'" "C2'"  sing N N 248 
U   "C3'" "H3'"  sing N N 249 
U   "O3'" "HO3'" sing N N 250 
U   "C2'" "O2'"  sing N N 251 
U   "C2'" "C1'"  sing N N 252 
U   "C2'" "H2'"  sing N N 253 
U   "O2'" "HO2'" sing N N 254 
U   "C1'" N1     sing N N 255 
U   "C1'" "H1'"  sing N N 256 
U   N1    C2     sing N N 257 
U   N1    C6     sing N N 258 
U   C2    O2     doub N N 259 
U   C2    N3     sing N N 260 
U   N3    C4     sing N N 261 
U   N3    H3     sing N N 262 
U   C4    O4     doub N N 263 
U   C4    C5     sing N N 264 
U   C5    C6     doub N N 265 
U   C5    H5     sing N N 266 
U   C6    H6     sing N N 267 
# 
loop_
_ndb_struct_conf_na.entry_id 
_ndb_struct_conf_na.feature 
7EOG 'double helix'         
7EOG 'a-form double helix'  
7EOG tetraloop              
7EOG 'bulge loop'           
7EOG 'mismatched base pair' 
7EOG 'internal loop'        
7EOG 'triple helix'         
# 
loop_
_ndb_struct_na_base_pair.model_number 
_ndb_struct_na_base_pair.i_label_asym_id 
_ndb_struct_na_base_pair.i_label_comp_id 
_ndb_struct_na_base_pair.i_label_seq_id 
_ndb_struct_na_base_pair.i_symmetry 
_ndb_struct_na_base_pair.j_label_asym_id 
_ndb_struct_na_base_pair.j_label_comp_id 
_ndb_struct_na_base_pair.j_label_seq_id 
_ndb_struct_na_base_pair.j_symmetry 
_ndb_struct_na_base_pair.shear 
_ndb_struct_na_base_pair.stretch 
_ndb_struct_na_base_pair.stagger 
_ndb_struct_na_base_pair.buckle 
_ndb_struct_na_base_pair.propeller 
_ndb_struct_na_base_pair.opening 
_ndb_struct_na_base_pair.pair_number 
_ndb_struct_na_base_pair.pair_name 
_ndb_struct_na_base_pair.i_auth_asym_id 
_ndb_struct_na_base_pair.i_auth_seq_id 
_ndb_struct_na_base_pair.i_PDB_ins_code 
_ndb_struct_na_base_pair.j_auth_asym_id 
_ndb_struct_na_base_pair.j_auth_seq_id 
_ndb_struct_na_base_pair.j_PDB_ins_code 
_ndb_struct_na_base_pair.hbond_type_28 
_ndb_struct_na_base_pair.hbond_type_12 
1 A G 1  1_555 A C 47 1_555 -0.427 -0.184 0.115  3.541   -16.159 0.432   1  A_G2:C48_A  A 2  ? A 48 ? 19 1 
1 A C 2  1_555 A G 46 1_555 0.229  -0.126 0.017  5.138   -16.600 1.093   2  A_C3:G47_A  A 3  ? A 47 ? 19 1 
1 A G 3  1_555 A C 45 1_555 -0.190 -0.151 -0.090 -12.020 -20.753 2.465   3  A_G4:C46_A  A 4  ? A 46 ? 19 1 
1 A C 4  1_555 A G 44 1_555 0.206  -0.132 0.431  -13.268 -11.018 -1.895  4  A_C5:G45_A  A 5  ? A 45 ? 19 1 
1 A C 6  1_555 A G 43 1_555 0.302  -0.081 -0.165 -0.370  -3.316  1.631   5  A_C7:G44_A  A 7  ? A 44 ? 19 1 
1 A U 7  1_555 A U 41 1_555 2.321  -1.882 0.199  -0.623  -16.481 9.334   6  A_U8:U42_A  A 8  ? A 42 ? 16 1 
1 A G 8  1_555 A C 32 1_555 0.003  5.373  0.429  22.667  25.040  125.785 7  A_G9:C33_A  A 9  ? A 33 ? 22 2 
1 A G 9  1_555 A U 39 1_555 -2.613 -0.656 0.156  6.971   -4.655  -6.387  8  A_G10:U40_A A 10 ? A 40 ? 28 1 
1 A C 10 1_555 A G 38 1_555 0.089  -0.092 -0.150 13.495  -17.657 1.804   9  A_C11:G39_A A 11 ? A 39 ? 19 1 
1 A G 11 1_555 A C 37 1_555 -0.176 -0.142 -0.059 -4.508  -16.327 0.260   10 A_G12:C38_A A 12 ? A 38 ? 19 1 
1 A C 12 1_555 A G 36 1_555 0.085  -0.081 0.288  -6.236  -16.163 1.588   11 A_C13:G37_A A 13 ? A 37 ? 19 1 
1 A U 13 1_555 A A 35 1_555 1.033  -0.100 0.687  -9.888  -8.252  -3.451  12 A_U14:A36_A A 14 ? A 36 ? 20 1 
1 A G 14 1_555 A C 27 1_555 -0.197 -0.136 0.241  2.568   -5.754  2.037   13 A_G15:C28_A A 15 ? A 28 ? 19 1 
1 A C 15 1_555 A G 26 1_555 0.172  -0.371 -0.346 10.393  -10.429 -0.077  14 A_C16:G27_A A 16 ? A 27 ? 19 1 
1 A G 16 1_555 A C 25 1_555 -0.489 -0.465 -0.205 -0.600  -6.850  -0.487  15 A_G17:C26_A A 17 ? A 26 ? 19 1 
1 A C 17 1_555 A G 24 1_555 0.118  -0.256 -0.265 -1.273  5.023   3.844   16 A_C18:G25_A A 18 ? A 25 ? 19 1 
1 A C 18 1_555 A G 23 1_555 0.794  -0.140 -0.296 -1.669  -3.630  2.381   17 A_C19:G24_A A 19 ? A 24 ? 19 1 
1 A U 19 1_555 A G 22 1_555 1.512  -5.311 -0.165 -10.597 -10.321 -97.914 18 A_U20:G23_A A 20 ? A 23 ? ?  6 
1 A U 31 1_555 A U 34 1_555 3.522  -0.196 -0.042 37.323  15.550  -91.913 19 A_U32:U35_A A 32 ? A 35 ? ?  4 
# 
loop_
_ndb_struct_na_base_pair_step.model_number 
_ndb_struct_na_base_pair_step.i_label_asym_id_1 
_ndb_struct_na_base_pair_step.i_label_comp_id_1 
_ndb_struct_na_base_pair_step.i_label_seq_id_1 
_ndb_struct_na_base_pair_step.i_symmetry_1 
_ndb_struct_na_base_pair_step.j_label_asym_id_1 
_ndb_struct_na_base_pair_step.j_label_comp_id_1 
_ndb_struct_na_base_pair_step.j_label_seq_id_1 
_ndb_struct_na_base_pair_step.j_symmetry_1 
_ndb_struct_na_base_pair_step.i_label_asym_id_2 
_ndb_struct_na_base_pair_step.i_label_comp_id_2 
_ndb_struct_na_base_pair_step.i_label_seq_id_2 
_ndb_struct_na_base_pair_step.i_symmetry_2 
_ndb_struct_na_base_pair_step.j_label_asym_id_2 
_ndb_struct_na_base_pair_step.j_label_comp_id_2 
_ndb_struct_na_base_pair_step.j_label_seq_id_2 
_ndb_struct_na_base_pair_step.j_symmetry_2 
_ndb_struct_na_base_pair_step.shift 
_ndb_struct_na_base_pair_step.slide 
_ndb_struct_na_base_pair_step.rise 
_ndb_struct_na_base_pair_step.tilt 
_ndb_struct_na_base_pair_step.roll 
_ndb_struct_na_base_pair_step.twist 
_ndb_struct_na_base_pair_step.x_displacement 
_ndb_struct_na_base_pair_step.y_displacement 
_ndb_struct_na_base_pair_step.helical_rise 
_ndb_struct_na_base_pair_step.inclination 
_ndb_struct_na_base_pair_step.tip 
_ndb_struct_na_base_pair_step.helical_twist 
_ndb_struct_na_base_pair_step.step_number 
_ndb_struct_na_base_pair_step.step_name 
_ndb_struct_na_base_pair_step.i_auth_asym_id_1 
_ndb_struct_na_base_pair_step.i_auth_seq_id_1 
_ndb_struct_na_base_pair_step.i_PDB_ins_code_1 
_ndb_struct_na_base_pair_step.j_auth_asym_id_1 
_ndb_struct_na_base_pair_step.j_auth_seq_id_1 
_ndb_struct_na_base_pair_step.j_PDB_ins_code_1 
_ndb_struct_na_base_pair_step.i_auth_asym_id_2 
_ndb_struct_na_base_pair_step.i_auth_seq_id_2 
_ndb_struct_na_base_pair_step.i_PDB_ins_code_2 
_ndb_struct_na_base_pair_step.j_auth_asym_id_2 
_ndb_struct_na_base_pair_step.j_auth_seq_id_2 
_ndb_struct_na_base_pair_step.j_PDB_ins_code_2 
1 A G 1  1_555 A C 47 1_555 A C 2  1_555 A G 46 1_555 0.586  -1.619 3.156 2.208   6.111   34.129 -3.581  -0.668 2.863  10.297  
-3.721  34.724  1  AA_G2C3:G47C48_AA   A 2  ? A 48 ? A 3  ? A 47 ? 
1 A C 2  1_555 A G 46 1_555 A G 3  1_555 A C 45 1_555 0.302  -1.862 3.467 2.407   17.289  30.088 -5.569  -0.166 2.133  30.310  
-4.220  34.683  2  AA_C3G4:C46G47_AA   A 3  ? A 47 ? A 4  ? A 46 ? 
1 A G 3  1_555 A C 45 1_555 A C 4  1_555 A G 44 1_555 -0.314 -1.333 3.199 -3.427  9.744   35.018 -3.387  0.060  2.760  15.774  
5.547   36.463  3  AA_G4C5:G45C46_AA   A 4  ? A 46 ? A 5  ? A 45 ? 
1 A C 4  1_555 A G 44 1_555 A C 6  1_555 A G 43 1_555 -1.305 -1.674 2.891 8.835   4.780   50.874 -2.184  1.989  2.492  5.502   
-10.171 51.791  4  AA_C5C7:G44G45_AA   A 5  ? A 45 ? A 7  ? A 44 ? 
1 A C 6  1_555 A G 43 1_555 A U 7  1_555 A U 41 1_555 2.549  -0.163 3.185 6.972   3.860   62.142 -0.333  -2.134 3.410  3.723   
-6.724  62.600  5  AA_C7U8:U42G44_AA   A 7  ? A 44 ? A 8  ? A 42 ? 
1 A U 7  1_555 A U 41 1_555 A G 8  1_555 A C 32 1_555 4.947  -1.763 4.496 -34.604 19.286  -9.749 -3.254  -3.277 6.120  -37.353 
-67.019 -40.751 6  AA_U8G9:C33U42_AA   A 8  ? A 42 ? A 9  ? A 33 ? 
1 A G 8  1_555 A C 32 1_555 A G 9  1_555 A U 39 1_555 -4.538 -3.146 1.124 35.629  -29.330 27.457 -3.332  5.268  -0.682 -38.692 
-47.001 53.312  7  AA_G9G10:U40C33_AA  A 9  ? A 33 ? A 10 ? A 40 ? 
1 A C 10 1_555 A G 38 1_555 A G 11 1_555 A C 37 1_555 -0.728 -1.713 3.588 -1.967  15.405  30.903 -5.251  0.926  2.518  26.887  
3.432   34.501  8  AA_C11G12:C38G39_AA A 11 ? A 39 ? A 12 ? A 38 ? 
1 A G 11 1_555 A C 37 1_555 A C 12 1_555 A G 36 1_555 0.231  -1.516 3.232 -1.504  6.515   34.856 -3.391  -0.587 2.898  10.754  
2.482   35.472  9  AA_G12C13:G37C38_AA A 12 ? A 38 ? A 13 ? A 37 ? 
1 A C 12 1_555 A G 36 1_555 A U 13 1_555 A A 35 1_555 -0.440 -1.262 3.382 -1.033  9.556   36.006 -3.232  0.554  2.974  15.130  
1.636   37.226  10 AA_C13U14:A36G37_AA A 13 ? A 37 ? A 14 ? A 36 ? 
1 A U 13 1_555 A A 35 1_555 A G 14 1_555 A C 27 1_555 -1.405 -3.141 2.600 2.154   7.477   3.187  -23.333 10.137 -2.166 65.113  
-18.755 8.407   11 AA_U14G15:C28A36_AA A 14 ? A 36 ? A 15 ? A 28 ? 
1 A G 14 1_555 A C 27 1_555 A C 15 1_555 A G 26 1_555 -0.199 -1.855 3.067 3.836   6.418   32.931 -4.113  0.892  2.630  11.144  
-6.660  33.746  12 AA_G15C16:G27C28_AA A 15 ? A 28 ? A 16 ? A 27 ? 
1 A C 15 1_555 A G 26 1_555 A G 16 1_555 A C 25 1_555 -0.014 -1.975 3.597 -1.651  12.067  26.986 -6.371  -0.315 2.500  24.345  
3.331   29.561  13 AA_C16G17:C26G27_AA A 16 ? A 27 ? A 17 ? A 26 ? 
1 A G 16 1_555 A C 25 1_555 A C 17 1_555 A G 24 1_555 0.173  -1.896 3.361 0.218   2.351   34.757 -3.527  -0.256 3.231  3.930   
-0.365  34.834  14 AA_G17C18:G25C26_AA A 17 ? A 26 ? A 18 ? A 25 ? 
1 A C 17 1_555 A G 24 1_555 A C 18 1_555 A G 23 1_555 0.350  -2.005 3.126 4.511   4.368   33.907 -4.012  0.057  2.875  7.410   
-7.653  34.467  15 AA_C18C19:G24G25_AA A 18 ? A 25 ? A 19 ? A 24 ? 
1 A C 18 1_555 A G 23 1_555 A U 19 1_555 A G 22 1_555 -1.239 -0.841 3.080 10.995  7.088   91.825 -0.705  1.049  2.897  4.914   
-7.623  92.545  16 AA_C19U20:G23G24_AA A 19 ? A 24 ? A 20 ? A 23 ? 
# 
_pdbx_audit_support.funding_organization   'National Natural Science Foundation of China (NSFC)' 
_pdbx_audit_support.country                China 
_pdbx_audit_support.grant_number           ? 
_pdbx_audit_support.ordinal                1 
# 
loop_
_pdbx_entity_instance_feature.ordinal 
_pdbx_entity_instance_feature.comp_id 
_pdbx_entity_instance_feature.asym_id 
_pdbx_entity_instance_feature.seq_num 
_pdbx_entity_instance_feature.auth_comp_id 
_pdbx_entity_instance_feature.auth_asym_id 
_pdbx_entity_instance_feature.auth_seq_num 
_pdbx_entity_instance_feature.feature_type 
_pdbx_entity_instance_feature.details 
1 J8F ? ? J8F ? ? 'SUBJECT OF INVESTIGATION' ? 
2 MG  ? ? MG  ? ? 'SUBJECT OF INVESTIGATION' ? 
3 IRI ? ? IRI ? ? 'SUBJECT OF INVESTIGATION' ? 
# 
_atom_sites.entry_id                    7EOG 
_atom_sites.Cartn_transf_matrix[1][1]   ? 
_atom_sites.Cartn_transf_matrix[1][2]   ? 
_atom_sites.Cartn_transf_matrix[1][3]   ? 
_atom_sites.Cartn_transf_matrix[2][1]   ? 
_atom_sites.Cartn_transf_matrix[2][2]   ? 
_atom_sites.Cartn_transf_matrix[2][3]   ? 
_atom_sites.Cartn_transf_matrix[3][1]   ? 
_atom_sites.Cartn_transf_matrix[3][2]   ? 
_atom_sites.Cartn_transf_matrix[3][3]   ? 
_atom_sites.Cartn_transf_vector[1]      ? 
_atom_sites.Cartn_transf_vector[2]      ? 
_atom_sites.Cartn_transf_vector[3]      ? 
_atom_sites.fract_transf_matrix[1][1]   -0.00690904 
_atom_sites.fract_transf_matrix[1][2]   0.01031168 
_atom_sites.fract_transf_matrix[1][3]   -0.00574170 
_atom_sites.fract_transf_matrix[2][1]   -0.00301345 
_atom_sites.fract_transf_matrix[2][2]   0.01234654 
_atom_sites.fract_transf_matrix[2][3]   0.02579960 
_atom_sites.fract_transf_matrix[3][1]   0.00786284 
_atom_sites.fract_transf_matrix[3][2]   0.01859105 
_atom_sites.fract_transf_matrix[3][3]   -0.00797845 
_atom_sites.fract_transf_vector[1]      0.338997 
_atom_sites.fract_transf_vector[2]      0.515701 
_atom_sites.fract_transf_vector[3]      -0.035557 
_atom_sites.solution_primary            ? 
_atom_sites.solution_secondary          ? 
_atom_sites.solution_hydrogens          ? 
_atom_sites.special_details             ? 
# 
loop_
_atom_type.symbol 
C  
IR 
MG 
N  
O  
P  
# 
loop_
_atom_site.group_PDB 
_atom_site.id 
_atom_site.type_symbol 
_atom_site.label_atom_id 
_atom_site.label_alt_id 
_atom_site.label_comp_id 
_atom_site.label_asym_id 
_atom_site.label_entity_id 
_atom_site.label_seq_id 
_atom_site.pdbx_PDB_ins_code 
_atom_site.Cartn_x 
_atom_site.Cartn_y 
_atom_site.Cartn_z 
_atom_site.occupancy 
_atom_site.B_iso_or_equiv 
_atom_site.pdbx_formal_charge 
_atom_site.auth_seq_id 
_atom_site.auth_comp_id 
_atom_site.auth_asym_id 
_atom_site.auth_atom_id 
_atom_site.pdbx_PDB_model_num 
ATOM   1    P  P     . G   A 1 1  ? 7.034   11.850  -16.012 1.00 17.06  ? 2   G   A P     1 
ATOM   2    O  OP1   . G   A 1 1  ? 5.784   11.245  -16.546 1.00 19.99  ? 2   G   A OP1   1 
ATOM   3    O  OP2   . G   A 1 1  ? 7.211   12.056  -14.545 1.00 17.62  ? 2   G   A OP2   1 
ATOM   4    O  "O5'" . G   A 1 1  ? 8.290   11.041  -16.542 1.00 15.82  ? 2   G   A "O5'" 1 
ATOM   5    C  "C5'" . G   A 1 1  ? 8.358   10.625  -17.894 1.00 14.86  ? 2   G   A "C5'" 1 
ATOM   6    C  "C4'" . G   A 1 1  ? 9.663   9.936   -18.188 1.00 17.56  ? 2   G   A "C4'" 1 
ATOM   7    O  "O4'" . G   A 1 1  ? 10.758  10.873  -18.032 1.00 18.00  ? 2   G   A "O4'" 1 
ATOM   8    C  "C3'" . G   A 1 1  ? 10.037  8.789   -17.264 1.00 17.44  ? 2   G   A "C3'" 1 
ATOM   9    O  "O3'" . G   A 1 1  ? 9.365   7.582   -17.579 1.00 19.40  ? 2   G   A "O3'" 1 
ATOM   10   C  "C2'" . G   A 1 1  ? 11.546  8.727   -17.435 1.00 15.00  ? 2   G   A "C2'" 1 
ATOM   11   O  "O2'" . G   A 1 1  ? 11.874  8.186   -18.706 1.00 18.11  ? 2   G   A "O2'" 1 
ATOM   12   C  "C1'" . G   A 1 1  ? 11.880  10.214  -17.490 1.00 16.85  ? 2   G   A "C1'" 1 
ATOM   13   N  N9    . G   A 1 1  ? 12.121  10.754  -16.141 1.00 16.38  ? 2   G   A N9    1 
ATOM   14   C  C8    . G   A 1 1  ? 11.242  11.450  -15.352 1.00 14.91  ? 2   G   A C8    1 
ATOM   15   N  N7    . G   A 1 1  ? 11.741  11.782  -14.192 1.00 15.26  ? 2   G   A N7    1 
ATOM   16   C  C5    . G   A 1 1  ? 13.040  11.289  -14.231 1.00 13.77  ? 2   G   A C5    1 
ATOM   17   C  C6    . G   A 1 1  ? 14.081  11.339  -13.268 1.00 13.78  ? 2   G   A C6    1 
ATOM   18   O  O6    . G   A 1 1  ? 14.071  11.866  -12.148 1.00 16.74  ? 2   G   A O6    1 
ATOM   19   N  N1    . G   A 1 1  ? 15.228  10.691  -13.718 1.00 15.01  ? 2   G   A N1    1 
ATOM   20   C  C2    . G   A 1 1  ? 15.367  10.071  -14.940 1.00 14.78  ? 2   G   A C2    1 
ATOM   21   N  N2    . G   A 1 1  ? 16.548  9.489   -15.199 1.00 15.96  ? 2   G   A N2    1 
ATOM   22   N  N3    . G   A 1 1  ? 14.406  10.019  -15.845 1.00 14.78  ? 2   G   A N3    1 
ATOM   23   C  C4    . G   A 1 1  ? 13.285  10.642  -15.427 1.00 14.14  ? 2   G   A C4    1 
ATOM   24   P  P     . C   A 1 2  ? 8.803   6.627   -16.414 1.00 16.59  ? 3   C   A P     1 
ATOM   25   O  OP1   . C   A 1 2  ? 8.099   5.517   -17.102 1.00 19.88  ? 3   C   A OP1   1 
ATOM   26   O  OP2   . C   A 1 2  ? 8.098   7.384   -15.329 1.00 18.00  ? 3   C   A OP2   1 
ATOM   27   O  "O5'" . C   A 1 2  ? 10.117  6.041   -15.753 1.00 15.46  ? 3   C   A "O5'" 1 
ATOM   28   C  "C5'" . C   A 1 2  ? 10.991  5.222   -16.505 1.00 16.98  ? 3   C   A "C5'" 1 
ATOM   29   C  "C4'" . C   A 1 2  ? 12.311  5.038   -15.812 1.00 15.10  ? 3   C   A "C4'" 1 
ATOM   30   O  "O4'" . C   A 1 2  ? 12.998  6.309   -15.650 1.00 14.82  ? 3   C   A "O4'" 1 
ATOM   31   C  "C3'" . C   A 1 2  ? 12.265  4.491   -14.398 1.00 13.64  ? 3   C   A "C3'" 1 
ATOM   32   O  "O3'" . C   A 1 2  ? 11.969  3.114   -14.341 1.00 14.69  ? 3   C   A "O3'" 1 
ATOM   33   C  "C2'" . C   A 1 2  ? 13.651  4.849   -13.888 1.00 14.41  ? 3   C   A "C2'" 1 
ATOM   34   O  "O2'" . C   A 1 2  ? 14.623  3.967   -14.441 1.00 15.59  ? 3   C   A "O2'" 1 
ATOM   35   C  "C1'" . C   A 1 2  ? 13.823  6.249   -14.498 1.00 13.53  ? 3   C   A "C1'" 1 
ATOM   36   N  N1    . C   A 1 2  ? 13.350  7.243   -13.515 1.00 13.42  ? 3   C   A N1    1 
ATOM   37   C  C2    . C   A 1 2  ? 14.249  7.591   -12.515 1.00 14.04  ? 3   C   A C2    1 
ATOM   38   O  O2    . C   A 1 2  ? 15.389  7.103   -12.542 1.00 14.95  ? 3   C   A O2    1 
ATOM   39   N  N3    . C   A 1 2  ? 13.860  8.450   -11.548 1.00 14.86  ? 3   C   A N3    1 
ATOM   40   C  C4    . C   A 1 2  ? 12.617  8.927   -11.565 1.00 12.74  ? 3   C   A C4    1 
ATOM   41   N  N4    . C   A 1 2  ? 12.289  9.778   -10.589 1.00 15.51  ? 3   C   A N4    1 
ATOM   42   C  C5    . C   A 1 2  ? 11.669  8.566   -12.568 1.00 14.06  ? 3   C   A C5    1 
ATOM   43   C  C6    . C   A 1 2  ? 12.070  7.719   -13.527 1.00 13.70  ? 3   C   A C6    1 
ATOM   44   P  P     . G   A 1 3  ? 11.253  2.501   -13.035 1.00 16.26  ? 4   G   A P     1 
ATOM   45   O  OP1   . G   A 1 3  ? 10.924  1.088   -13.392 1.00 15.65  ? 4   G   A OP1   1 
ATOM   46   O  OP2   . G   A 1 3  ? 10.165  3.399   -12.583 1.00 18.45  ? 4   G   A OP2   1 
ATOM   47   O  "O5'" . G   A 1 3  ? 12.393  2.512   -11.928 1.00 15.84  ? 4   G   A "O5'" 1 
ATOM   48   C  "C5'" . G   A 1 3  ? 13.595  1.788   -12.129 1.00 16.07  ? 4   G   A "C5'" 1 
ATOM   49   C  "C4'" . G   A 1 3  ? 14.613  2.122   -11.074 1.00 15.97  ? 4   G   A "C4'" 1 
ATOM   50   O  "O4'" . G   A 1 3  ? 14.901  3.546   -11.083 1.00 17.20  ? 4   G   A "O4'" 1 
ATOM   51   C  "C3'" . G   A 1 3  ? 14.205  1.839   -9.639  1.00 17.56  ? 4   G   A "C3'" 1 
ATOM   52   O  "O3'" . G   A 1 3  ? 14.370  0.470   -9.321  1.00 17.27  ? 4   G   A "O3'" 1 
ATOM   53   C  "C2'" . G   A 1 3  ? 15.130  2.756   -8.853  1.00 14.70  ? 4   G   A "C2'" 1 
ATOM   54   O  "O2'" . G   A 1 3  ? 16.440  2.207   -8.821  1.00 17.92  ? 4   G   A "O2'" 1 
ATOM   55   C  "C1'" . G   A 1 3  ? 15.173  3.983   -9.766  1.00 18.97  ? 4   G   A "C1'" 1 
ATOM   56   N  N9    . G   A 1 3  ? 14.192  5.020   -9.403  1.00 15.00  ? 4   G   A N9    1 
ATOM   57   C  C8    . G   A 1 3  ? 13.045  5.372   -10.071 1.00 16.32  ? 4   G   A C8    1 
ATOM   58   N  N7    . G   A 1 3  ? 12.404  6.365   -9.512  1.00 17.40  ? 4   G   A N7    1 
ATOM   59   C  C5    . G   A 1 3  ? 13.187  6.682   -8.406  1.00 14.71  ? 4   G   A C5    1 
ATOM   60   C  C6    . G   A 1 3  ? 13.014  7.677   -7.407  1.00 17.53  ? 4   G   A C6    1 
ATOM   61   O  O6    . G   A 1 3  ? 12.101  8.501   -7.315  1.00 16.50  ? 4   G   A O6    1 
ATOM   62   N  N1    . G   A 1 3  ? 14.035  7.649   -6.468  1.00 16.61  ? 4   G   A N1    1 
ATOM   63   C  C2    . G   A 1 3  ? 15.097  6.784   -6.487  1.00 17.29  ? 4   G   A C2    1 
ATOM   64   N  N2    . G   A 1 3  ? 15.986  6.915   -5.493  1.00 18.86  ? 4   G   A N2    1 
ATOM   65   N  N3    . G   A 1 3  ? 15.277  5.854   -7.418  1.00 16.39  ? 4   G   A N3    1 
ATOM   66   C  C4    . G   A 1 3  ? 14.293  5.867   -8.331  1.00 16.18  ? 4   G   A C4    1 
ATOM   67   P  P     . C   A 1 4  ? 13.375  -0.284  -8.312  1.00 15.66  ? 5   C   A P     1 
ATOM   68   O  OP1   . C   A 1 4  ? 13.805  -1.706  -8.334  1.00 18.11  ? 5   C   A OP1   1 
ATOM   69   O  OP2   . C   A 1 4  ? 11.956  -0.004  -8.620  1.00 15.25  ? 5   C   A OP2   1 
ATOM   70   O  "O5'" . C   A 1 4  ? 13.732  0.355   -6.890  1.00 15.73  ? 5   C   A "O5'" 1 
ATOM   71   C  "C5'" . C   A 1 4  ? 15.036  0.155   -6.359  1.00 16.09  ? 5   C   A "C5'" 1 
ATOM   72   C  "C4'" . C   A 1 4  ? 15.253  0.948   -5.099  1.00 15.28  ? 5   C   A "C4'" 1 
ATOM   73   O  "O4'" . C   A 1 4  ? 15.101  2.352   -5.392  1.00 15.94  ? 5   C   A "O4'" 1 
ATOM   74   C  "C3'" . C   A 1 4  ? 14.273  0.674   -3.974  1.00 18.68  ? 5   C   A "C3'" 1 
ATOM   75   O  "O3'" . C   A 1 4  ? 14.707  -0.431  -3.190  1.00 20.22  ? 5   C   A "O3'" 1 
ATOM   76   C  "C2'" . C   A 1 4  ? 14.271  1.987   -3.185  1.00 15.53  ? 5   C   A "C2'" 1 
ATOM   77   O  "O2'" . C   A 1 4  ? 15.329  1.980   -2.237  1.00 19.08  ? 5   C   A "O2'" 1 
ATOM   78   C  "C1'" . C   A 1 4  ? 14.598  3.027   -4.264  1.00 14.86  ? 5   C   A "C1'" 1 
ATOM   79   N  N1    . C   A 1 4  ? 13.463  3.871   -4.702  1.00 15.52  ? 5   C   A N1    1 
ATOM   80   C  C2    . C   A 1 4  ? 13.092  4.962   -3.913  1.00 16.86  ? 5   C   A C2    1 
ATOM   81   O  O2    . C   A 1 4  ? 13.684  5.127   -2.841  1.00 17.49  ? 5   C   A O2    1 
ATOM   82   N  N3    . C   A 1 4  ? 12.086  5.777   -4.327  1.00 14.81  ? 5   C   A N3    1 
ATOM   83   C  C4    . C   A 1 4  ? 11.474  5.527   -5.491  1.00 17.22  ? 5   C   A C4    1 
ATOM   84   N  N4    . C   A 1 4  ? 10.487  6.352   -5.858  1.00 15.73  ? 5   C   A N4    1 
ATOM   85   C  C5    . C   A 1 4  ? 11.850  4.434   -6.329  1.00 15.65  ? 5   C   A C5    1 
ATOM   86   C  C6    . C   A 1 4  ? 12.845  3.646   -5.898  1.00 15.97  ? 5   C   A C6    1 
ATOM   87   P  P     . A   A 1 5  ? 13.714  -1.615  -2.735  1.00 20.32  ? 6   A   A P     1 
ATOM   88   O  OP1   . A   A 1 5  ? 14.511  -2.552  -1.891  1.00 21.44  ? 6   A   A OP1   1 
ATOM   89   O  OP2   . A   A 1 5  ? 12.973  -2.157  -3.901  1.00 17.50  ? 6   A   A OP2   1 
ATOM   90   O  "O5'" . A   A 1 5  ? 12.603  -0.894  -1.856  1.00 15.91  ? 6   A   A "O5'" 1 
ATOM   91   C  "C5'" . A   A 1 5  ? 12.921  -0.205  -0.649  1.00 17.83  ? 6   A   A "C5'" 1 
ATOM   92   C  "C4'" . A   A 1 5  ? 11.786  0.699   -0.233  1.00 18.37  ? 6   A   A "C4'" 1 
ATOM   93   O  "O4'" . A   A 1 5  ? 11.422  1.516   -1.378  1.00 14.83  ? 6   A   A "O4'" 1 
ATOM   94   C  "C3'" . A   A 1 5  ? 10.509  -0.016  0.199   1.00 18.06  ? 6   A   A "C3'" 1 
ATOM   95   O  "O3'" . A   A 1 5  ? 9.797   0.774   1.148   1.00 16.58  ? 6   A   A "O3'" 1 
ATOM   96   C  "C2'" . A   A 1 5  ? 9.706   -0.091  -1.091  1.00 15.32  ? 6   A   A "C2'" 1 
ATOM   97   O  "O2'" . A   A 1 5  ? 8.307   -0.153  -0.901  1.00 16.07  ? 6   A   A "O2'" 1 
ATOM   98   C  "C1'" . A   A 1 5  ? 10.104  1.208   -1.802  1.00 14.70  ? 6   A   A "C1'" 1 
ATOM   99   N  N9    . A   A 1 5  ? 10.128  1.048   -3.254  1.00 15.61  ? 6   A   A N9    1 
ATOM   100  C  C8    . A   A 1 5  ? 10.582  -0.023  -3.984  1.00 16.45  ? 6   A   A C8    1 
ATOM   101  N  N7    . A   A 1 5  ? 10.455  0.115   -5.284  1.00 16.04  ? 6   A   A N7    1 
ATOM   102  C  C5    . A   A 1 5  ? 9.878   1.375   -5.416  1.00 14.55  ? 6   A   A C5    1 
ATOM   103  C  C6    . A   A 1 5  ? 9.473   2.138   -6.527  1.00 17.58  ? 6   A   A C6    1 
ATOM   104  N  N6    . A   A 1 5  ? 9.609   1.752   -7.803  1.00 16.16  ? 6   A   A N6    1 
ATOM   105  N  N1    . A   A 1 5  ? 8.915   3.340   -6.281  1.00 16.05  ? 6   A   A N1    1 
ATOM   106  C  C2    . A   A 1 5  ? 8.775   3.776   -5.016  1.00 16.30  ? 6   A   A C2    1 
ATOM   107  N  N3    . A   A 1 5  ? 9.121   3.146   -3.892  1.00 15.59  ? 6   A   A N3    1 
ATOM   108  C  C4    . A   A 1 5  ? 9.665   1.954   -4.168  1.00 15.63  ? 6   A   A C4    1 
ATOM   109  P  P     . C   A 1 6  ? 10.182  0.715   2.709   1.00 16.23  ? 7   C   A P     1 
ATOM   110  O  OP1   . C   A 1 6  ? 10.883  -0.566  3.002   1.00 16.06  ? 7   C   A OP1   1 
ATOM   111  O  OP2   . C   A 1 6  ? 8.949   1.052   3.455   1.00 15.78  ? 7   C   A OP2   1 
ATOM   112  O  "O5'" . C   A 1 6  ? 11.201  1.931   2.883   1.00 16.63  ? 7   C   A "O5'" 1 
ATOM   113  C  "C5'" . C   A 1 6  ? 11.795  2.230   4.141   1.00 17.48  ? 7   C   A "C5'" 1 
ATOM   114  C  "C4'" . C   A 1 6  ? 11.756  3.714   4.406   1.00 16.73  ? 7   C   A "C4'" 1 
ATOM   115  O  "O4'" . C   A 1 6  ? 12.342  4.421   3.277   1.00 18.36  ? 7   C   A "O4'" 1 
ATOM   116  C  "C3'" . C   A 1 6  ? 10.364  4.310   4.542   1.00 14.89  ? 7   C   A "C3'" 1 
ATOM   117  O  "O3'" . C   A 1 6  ? 9.849   4.159   5.862   1.00 16.50  ? 7   C   A "O3'" 1 
ATOM   118  C  "C2'" . C   A 1 6  ? 10.583  5.762   4.141   1.00 17.57  ? 7   C   A "C2'" 1 
ATOM   119  O  "O2'" . C   A 1 6  ? 11.150  6.494   5.218   1.00 18.17  ? 7   C   A "O2'" 1 
ATOM   120  C  "C1'" . C   A 1 6  ? 11.642  5.626   3.046   1.00 16.24  ? 7   C   A "C1'" 1 
ATOM   121  N  N1    . C   A 1 6  ? 11.038  5.586   1.690   1.00 16.45  ? 7   C   A N1    1 
ATOM   122  C  C2    . C   A 1 6  ? 10.390  6.740   1.216   1.00 16.34  ? 7   C   A C2    1 
ATOM   123  O  O2    . C   A 1 6  ? 10.333  7.751   1.934   1.00 15.00  ? 7   C   A O2    1 
ATOM   124  N  N3    . C   A 1 6  ? 9.818   6.720   -0.009  1.00 15.15  ? 7   C   A N3    1 
ATOM   125  C  C4    . C   A 1 6  ? 9.897   5.638   -0.777  1.00 15.70  ? 7   C   A C4    1 
ATOM   126  N  N4    . C   A 1 6  ? 9.326   5.668   -1.989  1.00 18.21  ? 7   C   A N4    1 
ATOM   127  C  C5    . C   A 1 6  ? 10.563  4.459   -0.327  1.00 15.73  ? 7   C   A C5    1 
ATOM   128  C  C6    . C   A 1 6  ? 11.107  4.482   0.897   1.00 15.88  ? 7   C   A C6    1 
ATOM   129  P  P     . U   A 1 7  ? 8.278   3.986   6.141   1.00 16.98  ? 8   U   A P     1 
ATOM   130  O  OP1   . U   A 1 7  ? 8.100   4.139   7.613   1.00 16.23  ? 8   U   A OP1   1 
ATOM   131  O  OP2   . U   A 1 7  ? 7.746   2.767   5.469   1.00 15.97  ? 8   U   A OP2   1 
ATOM   132  O  "O5'" . U   A 1 7  ? 7.588   5.171   5.331   1.00 16.45  ? 8   U   A "O5'" 1 
ATOM   133  C  "C5'" . U   A 1 7  ? 7.565   6.517   5.773   1.00 15.44  ? 8   U   A "C5'" 1 
ATOM   134  C  "C4'" . U   A 1 7  ? 6.905   7.357   4.705   1.00 16.58  ? 8   U   A "C4'" 1 
ATOM   135  O  "O4'" . U   A 1 7  ? 7.635   7.191   3.458   1.00 16.28  ? 8   U   A "O4'" 1 
ATOM   136  C  "C3'" . U   A 1 7  ? 5.492   6.928   4.346   1.00 19.55  ? 8   U   A "C3'" 1 
ATOM   137  O  "O3'" . U   A 1 7  ? 4.516   7.423   5.234   1.00 17.70  ? 8   U   A "O3'" 1 
ATOM   138  C  "C2'" . U   A 1 7  ? 5.339   7.430   2.917   1.00 16.08  ? 8   U   A "C2'" 1 
ATOM   139  O  "O2'" . U   A 1 7  ? 5.123   8.834   2.918   1.00 17.31  ? 8   U   A "O2'" 1 
ATOM   140  C  "C1'" . U   A 1 7  ? 6.735   7.165   2.367   1.00 18.66  ? 8   U   A "C1'" 1 
ATOM   141  N  N1    . U   A 1 7  ? 6.848   5.844   1.688   1.00 15.99  ? 8   U   A N1    1 
ATOM   142  C  C2    . U   A 1 7  ? 6.522   5.780   0.343   1.00 16.32  ? 8   U   A C2    1 
ATOM   143  O  O2    . U   A 1 7  ? 6.144   6.742   -0.303  1.00 18.11  ? 8   U   A O2    1 
ATOM   144  N  N3    . U   A 1 7  ? 6.667   4.545   -0.242  1.00 15.57  ? 8   U   A N3    1 
ATOM   145  C  C4    . U   A 1 7  ? 7.087   3.383   0.374   1.00 14.39  ? 8   U   A C4    1 
ATOM   146  O  O4    . U   A 1 7  ? 7.145   2.352   -0.292  1.00 15.38  ? 8   U   A O4    1 
ATOM   147  C  C5    . U   A 1 7  ? 7.402   3.522   1.764   1.00 15.81  ? 8   U   A C5    1 
ATOM   148  C  C6    . U   A 1 7  ? 7.280   4.713   2.358   1.00 14.88  ? 8   U   A C6    1 
ATOM   149  P  P     . G   A 1 8  ? 3.724   6.396   6.173   1.00 18.71  ? 9   G   A P     1 
ATOM   150  O  OP1   . G   A 1 8  ? 2.691   7.184   6.897   1.00 20.30  ? 9   G   A OP1   1 
ATOM   151  O  OP2   . G   A 1 8  ? 4.689   5.577   6.937   1.00 16.39  ? 9   G   A OP2   1 
ATOM   152  O  "O5'" . G   A 1 8  ? 3.010   5.416   5.151   1.00 17.49  ? 9   G   A "O5'" 1 
ATOM   153  C  "C5'" . G   A 1 8  ? 2.149   5.901   4.141   1.00 17.20  ? 9   G   A "C5'" 1 
ATOM   154  C  "C4'" . G   A 1 8  ? 1.628   4.749   3.335   1.00 16.98  ? 9   G   A "C4'" 1 
ATOM   155  O  "O4'" . G   A 1 8  ? 2.750   4.046   2.702   1.00 17.14  ? 9   G   A "O4'" 1 
ATOM   156  C  "C3'" . G   A 1 8  ? 0.883   3.704   4.172   1.00 18.17  ? 9   G   A "C3'" 1 
ATOM   157  O  "O3'" . G   A 1 8  ? -0.204  3.186   3.420   1.00 20.47  ? 9   G   A "O3'" 1 
ATOM   158  C  "C2'" . G   A 1 8  ? 1.930   2.607   4.344   1.00 18.60  ? 9   G   A "C2'" 1 
ATOM   159  O  "O2'" . G   A 1 8  ? 1.413   1.326   4.656   1.00 16.96  ? 9   G   A "O2'" 1 
ATOM   160  C  "C1'" . G   A 1 8  ? 2.636   2.664   2.991   1.00 14.96  ? 9   G   A "C1'" 1 
ATOM   161  N  N9    . G   A 1 8  ? 3.937   1.973   2.962   1.00 14.34  ? 9   G   A N9    1 
ATOM   162  C  C8    . G   A 1 8  ? 4.935   1.925   3.922   1.00 14.67  ? 9   G   A C8    1 
ATOM   163  N  N7    . G   A 1 8  ? 5.947   1.140   3.631   1.00 15.05  ? 9   G   A N7    1 
ATOM   164  C  C5    . G   A 1 8  ? 5.559   0.596   2.390   1.00 15.41  ? 9   G   A C5    1 
ATOM   165  C  C6    . G   A 1 8  ? 6.215   -0.338  1.535   1.00 15.35  ? 9   G   A C6    1 
ATOM   166  O  O6    . G   A 1 8  ? 7.295   -0.914  1.715   1.00 15.77  ? 9   G   A O6    1 
ATOM   167  N  N1    . G   A 1 8  ? 5.487   -0.600  0.372   1.00 14.91  ? 9   G   A N1    1 
ATOM   168  C  C2    . G   A 1 8  ? 4.258   -0.059  0.071   1.00 14.70  ? 9   G   A C2    1 
ATOM   169  N  N2    . G   A 1 8  ? 3.711   -0.459  -1.086  1.00 14.23  ? 9   G   A N2    1 
ATOM   170  N  N3    . G   A 1 8  ? 3.624   0.803   0.853   1.00 15.02  ? 9   G   A N3    1 
ATOM   171  C  C4    . G   A 1 8  ? 4.325   1.085   1.983   1.00 15.63  ? 9   G   A C4    1 
ATOM   172  P  P     . G   A 1 9  ? -1.674  3.112   4.049   1.00 20.54  ? 10  G   A P     1 
ATOM   173  O  OP1   . G   A 1 9  ? -1.635  3.579   5.467   1.00 24.07  ? 10  G   A OP1   1 
ATOM   174  O  OP2   . G   A 1 9  ? -2.223  1.768   3.758   1.00 23.42  ? 10  G   A OP2   1 
ATOM   175  O  "O5'" . G   A 1 9  ? -2.492  4.132   3.154   1.00 20.82  ? 10  G   A "O5'" 1 
ATOM   176  C  "C5'" . G   A 1 9  ? -2.271  5.527   3.282   1.00 20.71  ? 10  G   A "C5'" 1 
ATOM   177  C  "C4'" . G   A 1 9  ? -2.240  6.189   1.933   1.00 21.18  ? 10  G   A "C4'" 1 
ATOM   178  O  "O4'" . G   A 1 9  ? -1.011  5.861   1.236   1.00 22.04  ? 10  G   A "O4'" 1 
ATOM   179  C  "C3'" . G   A 1 9  ? -3.329  5.757   0.966   1.00 22.73  ? 10  G   A "C3'" 1 
ATOM   180  O  "O3'" . G   A 1 9  ? -4.570  6.385   1.232   1.00 23.09  ? 10  G   A "O3'" 1 
ATOM   181  C  "C2'" . G   A 1 9  ? -2.734  6.135   -0.380  1.00 20.95  ? 10  G   A "C2'" 1 
ATOM   182  O  "O2'" . G   A 1 9  ? -2.853  7.537   -0.583  1.00 22.70  ? 10  G   A "O2'" 1 
ATOM   183  C  "C1'" . G   A 1 9  ? -1.257  5.793   -0.159  1.00 20.40  ? 10  G   A "C1'" 1 
ATOM   184  N  N9    . G   A 1 9  ? -0.916  4.436   -0.646  1.00 17.71  ? 10  G   A N9    1 
ATOM   185  C  C8    . G   A 1 9  ? -0.541  3.336   0.097   1.00 19.65  ? 10  G   A C8    1 
ATOM   186  N  N7    . G   A 1 9  ? -0.303  2.280   -0.637  1.00 17.85  ? 10  G   A N7    1 
ATOM   187  C  C5    . G   A 1 9  ? -0.530  2.693   -1.944  1.00 18.32  ? 10  G   A C5    1 
ATOM   188  C  C6    . G   A 1 9  ? -0.428  1.969   -3.164  1.00 20.15  ? 10  G   A C6    1 
ATOM   189  O  O6    . G   A 1 9  ? -0.101  0.781   -3.337  1.00 18.85  ? 10  G   A O6    1 
ATOM   190  N  N1    . G   A 1 9  ? -0.751  2.775   -4.255  1.00 19.23  ? 10  G   A N1    1 
ATOM   191  C  C2    . G   A 1 9  ? -1.120  4.096   -4.175  1.00 20.80  ? 10  G   A C2    1 
ATOM   192  N  N2    . G   A 1 9  ? -1.387  4.698   -5.350  1.00 21.87  ? 10  G   A N2    1 
ATOM   193  N  N3    . G   A 1 9  ? -1.216  4.780   -3.035  1.00 20.12  ? 10  G   A N3    1 
ATOM   194  C  C4    . G   A 1 9  ? -0.906  4.023   -1.966  1.00 19.95  ? 10  G   A C4    1 
ATOM   195  P  P     . C   A 1 10 ? -5.950  5.588   1.039   1.00 25.08  ? 11  C   A P     1 
ATOM   196  O  OP1   . C   A 1 10 ? -7.043  6.532   1.392   1.00 28.53  ? 11  C   A OP1   1 
ATOM   197  O  OP2   . C   A 1 10 ? -5.884  4.258   1.691   1.00 21.82  ? 11  C   A OP2   1 
ATOM   198  O  "O5'" . C   A 1 10 ? -6.029  5.321   -0.525  1.00 22.83  ? 11  C   A "O5'" 1 
ATOM   199  C  "C5'" . C   A 1 10 ? -6.139  6.401   -1.437  1.00 20.86  ? 11  C   A "C5'" 1 
ATOM   200  C  "C4'" . C   A 1 10 ? -6.001  5.928   -2.857  1.00 24.64  ? 11  C   A "C4'" 1 
ATOM   201  O  "O4'" . C   A 1 10 ? -4.677  5.368   -3.070  1.00 23.87  ? 11  C   A "O4'" 1 
ATOM   202  C  "C3'" . C   A 1 10 ? -6.928  4.800   -3.271  1.00 25.36  ? 11  C   A "C3'" 1 
ATOM   203  O  "O3'" . C   A 1 10 ? -8.254  5.231   -3.519  1.00 26.79  ? 11  C   A "O3'" 1 
ATOM   204  C  "C2'" . C   A 1 10 ? -6.208  4.240   -4.489  1.00 24.16  ? 11  C   A "C2'" 1 
ATOM   205  O  "O2'" . C   A 1 10 ? -6.356  5.114   -5.597  1.00 25.46  ? 11  C   A "O2'" 1 
ATOM   206  C  "C1'" . C   A 1 10 ? -4.753  4.327   -4.026  1.00 22.45  ? 11  C   A "C1'" 1 
ATOM   207  N  N1    . C   A 1 10 ? -4.300  3.068   -3.391  1.00 21.43  ? 11  C   A N1    1 
ATOM   208  C  C2    . C   A 1 10 ? -3.881  2.026   -4.213  1.00 21.09  ? 11  C   A C2    1 
ATOM   209  O  O2    . C   A 1 10 ? -3.917  2.192   -5.440  1.00 21.63  ? 11  C   A O2    1 
ATOM   210  N  N3    . C   A 1 10 ? -3.465  0.874   -3.644  1.00 21.90  ? 11  C   A N3    1 
ATOM   211  C  C4    . C   A 1 10 ? -3.450  0.755   -2.312  1.00 22.71  ? 11  C   A C4    1 
ATOM   212  N  N4    . C   A 1 10 ? -3.029  -0.401  -1.795  1.00 20.39  ? 11  C   A N4    1 
ATOM   213  C  C5    . C   A 1 10 ? -3.871  1.805   -1.450  1.00 20.47  ? 11  C   A C5    1 
ATOM   214  C  C6    . C   A 1 10 ? -4.282  2.938   -2.028  1.00 21.34  ? 11  C   A C6    1 
ATOM   215  P  P     . G   A 1 11 ? -9.493  4.258   -3.216  1.00 28.95  ? 12  G   A P     1 
ATOM   216  O  OP1   . G   A 1 11 ? -10.723 5.090   -3.279  1.00 32.75  ? 12  G   A OP1   1 
ATOM   217  O  OP2   . G   A 1 11 ? -9.236  3.444   -2.007  1.00 26.46  ? 12  G   A OP2   1 
ATOM   218  O  "O5'" . G   A 1 11 ? -9.506  3.269   -4.458  1.00 27.47  ? 12  G   A "O5'" 1 
ATOM   219  C  "C5'" . G   A 1 11 ? -9.694  3.769   -5.772  1.00 27.87  ? 12  G   A "C5'" 1 
ATOM   220  C  "C4'" . G   A 1 11 ? -9.570  2.674   -6.794  1.00 28.31  ? 12  G   A "C4'" 1 
ATOM   221  O  "O4'" . G   A 1 11 ? -8.197  2.206   -6.845  1.00 25.77  ? 12  G   A "O4'" 1 
ATOM   222  C  "C3'" . G   A 1 11 ? -10.371 1.412   -6.518  1.00 27.99  ? 12  G   A "C3'" 1 
ATOM   223  O  "O3'" . G   A 1 11 ? -11.738 1.518   -6.870  1.00 28.67  ? 12  G   A "O3'" 1 
ATOM   224  C  "C2'" . G   A 1 11 ? -9.615  0.371   -7.319  1.00 26.44  ? 12  G   A "C2'" 1 
ATOM   225  O  "O2'" . G   A 1 11 ? -9.897  0.522   -8.700  1.00 28.69  ? 12  G   A "O2'" 1 
ATOM   226  C  "C1'" . G   A 1 11 ? -8.176  0.813   -7.080  1.00 27.36  ? 12  G   A "C1'" 1 
ATOM   227  N  N9    . G   A 1 11 ? -7.594  0.164   -5.893  1.00 22.73  ? 12  G   A N9    1 
ATOM   228  C  C8    . G   A 1 11 ? -7.394  0.732   -4.656  1.00 24.61  ? 12  G   A C8    1 
ATOM   229  N  N7    . G   A 1 11 ? -6.840  -0.095  -3.811  1.00 24.26  ? 12  G   A N7    1 
ATOM   230  C  C5    . G   A 1 11 ? -6.669  -1.268  -4.535  1.00 22.54  ? 12  G   A C5    1 
ATOM   231  C  C6    . G   A 1 11 ? -6.123  -2.518  -4.143  1.00 23.25  ? 12  G   A C6    1 
ATOM   232  O  O6    . G   A 1 11 ? -5.660  -2.831  -3.042  1.00 22.19  ? 12  G   A O6    1 
ATOM   233  N  N1    . G   A 1 11 ? -6.144  -3.440  -5.186  1.00 22.31  ? 12  G   A N1    1 
ATOM   234  C  C2    . G   A 1 11 ? -6.631  -3.188  -6.448  1.00 23.19  ? 12  G   A C2    1 
ATOM   235  N  N2    . G   A 1 11 ? -6.567  -4.204  -7.322  1.00 23.85  ? 12  G   A N2    1 
ATOM   236  N  N3    . G   A 1 11 ? -7.147  -2.025  -6.823  1.00 22.43  ? 12  G   A N3    1 
ATOM   237  C  C4    . G   A 1 11 ? -7.130  -1.124  -5.821  1.00 23.13  ? 12  G   A C4    1 
ATOM   238  P  P     . C   A 1 12 ? -12.835 0.682   -6.047  1.00 28.73  ? 13  C   A P     1 
ATOM   239  O  OP1   . C   A 1 12 ? -14.171 1.075   -6.578  1.00 33.19  ? 13  C   A OP1   1 
ATOM   240  O  OP2   . C   A 1 12 ? -12.537 0.793   -4.596  1.00 27.92  ? 13  C   A OP2   1 
ATOM   241  O  "O5'" . C   A 1 12 ? -12.570 -0.832  -6.468  1.00 30.21  ? 13  C   A "O5'" 1 
ATOM   242  C  "C5'" . C   A 1 12 ? -12.686 -1.250  -7.820  1.00 30.21  ? 13  C   A "C5'" 1 
ATOM   243  C  "C4'" . C   A 1 12 ? -12.234 -2.678  -7.985  1.00 29.69  ? 13  C   A "C4'" 1 
ATOM   244  O  "O4'" . C   A 1 12 ? -10.837 -2.803  -7.613  1.00 26.97  ? 13  C   A "O4'" 1 
ATOM   245  C  "C3'" . C   A 1 12 ? -12.939 -3.697  -7.108  1.00 31.77  ? 13  C   A "C3'" 1 
ATOM   246  O  "O3'" . C   A 1 12 ? -14.203 -4.079  -7.623  1.00 34.15  ? 13  C   A "O3'" 1 
ATOM   247  C  "C2'" . C   A 1 12 ? -11.925 -4.833  -7.040  1.00 28.36  ? 13  C   A "C2'" 1 
ATOM   248  O  "O2'" . C   A 1 12 ? -11.955 -5.606  -8.231  1.00 31.59  ? 13  C   A "O2'" 1 
ATOM   249  C  "C1'" . C   A 1 12 ? -10.607 -4.062  -7.013  1.00 24.82  ? 13  C   A "C1'" 1 
ATOM   250  N  N1    . C   A 1 12 ? -10.099 -3.843  -5.636  1.00 26.17  ? 13  C   A N1    1 
ATOM   251  C  C2    . C   A 1 12 ? -9.440  -4.894  -4.986  1.00 24.97  ? 13  C   A C2    1 
ATOM   252  O  O2    . C   A 1 12 ? -9.311  -5.970  -5.582  1.00 24.96  ? 13  C   A O2    1 
ATOM   253  N  N3    . C   A 1 12 ? -8.957  -4.704  -3.735  1.00 22.78  ? 13  C   A N3    1 
ATOM   254  C  C4    . C   A 1 12 ? -9.118  -3.525  -3.130  1.00 25.12  ? 13  C   A C4    1 
ATOM   255  N  N4    . C   A 1 12 ? -8.624  -3.381  -1.897  1.00 22.92  ? 13  C   A N4    1 
ATOM   256  C  C5    . C   A 1 12 ? -9.782  -2.436  -3.768  1.00 24.95  ? 13  C   A C5    1 
ATOM   257  C  C6    . C   A 1 12 ? -10.249 -2.635  -5.007  1.00 27.24  ? 13  C   A C6    1 
ATOM   258  P  P     . U   A 1 13 ? -15.407 -4.446  -6.625  1.00 38.25  ? 14  U   A P     1 
ATOM   259  O  OP1   . U   A 1 13 ? -16.612 -4.724  -7.451  1.00 42.59  ? 14  U   A OP1   1 
ATOM   260  O  OP2   . U   A 1 13 ? -15.463 -3.432  -5.547  1.00 33.28  ? 14  U   A OP2   1 
ATOM   261  O  "O5'" . U   A 1 13 ? -14.965 -5.847  -6.011  1.00 35.50  ? 14  U   A "O5'" 1 
ATOM   262  C  "C5'" . U   A 1 13 ? -14.785 -6.969  -6.862  1.00 39.20  ? 14  U   A "C5'" 1 
ATOM   263  C  "C4'" . U   A 1 13 ? -14.273 -8.170  -6.108  1.00 41.09  ? 14  U   A "C4'" 1 
ATOM   264  O  "O4'" . U   A 1 13 ? -12.894 -7.962  -5.703  1.00 40.79  ? 14  U   A "O4'" 1 
ATOM   265  C  "C3'" . U   A 1 13 ? -14.986 -8.492  -4.810  1.00 42.14  ? 14  U   A "C3'" 1 
ATOM   266  O  "O3'" . U   A 1 13 ? -16.217 -9.159  -5.007  1.00 43.05  ? 14  U   A "O3'" 1 
ATOM   267  C  "C2'" . U   A 1 13 ? -13.948 -9.316  -4.063  1.00 38.63  ? 14  U   A "C2'" 1 
ATOM   268  O  "O2'" . U   A 1 13 ? -13.893 -10.638 -4.583  1.00 40.88  ? 14  U   A "O2'" 1 
ATOM   269  C  "C1'" . U   A 1 13 ? -12.661 -8.592  -4.458  1.00 38.82  ? 14  U   A "C1'" 1 
ATOM   270  N  N1    . U   A 1 13 ? -12.292 -7.551  -3.474  1.00 32.49  ? 14  U   A N1    1 
ATOM   271  C  C2    . U   A 1 13 ? -11.588 -7.945  -2.349  1.00 35.51  ? 14  U   A C2    1 
ATOM   272  O  O2    . U   A 1 13 ? -11.262 -9.108  -2.139  1.00 36.01  ? 14  U   A O2    1 
ATOM   273  N  N3    . U   A 1 13 ? -11.279 -6.920  -1.486  1.00 27.73  ? 14  U   A N3    1 
ATOM   274  C  C4    . U   A 1 13 ? -11.602 -5.584  -1.630  1.00 31.39  ? 14  U   A C4    1 
ATOM   275  O  O4    . U   A 1 13 ? -11.262 -4.770  -0.772  1.00 33.36  ? 14  U   A O4    1 
ATOM   276  C  C5    . U   A 1 13 ? -12.330 -5.266  -2.819  1.00 32.82  ? 14  U   A C5    1 
ATOM   277  C  C6    . U   A 1 13 ? -12.639 -6.237  -3.675  1.00 32.77  ? 14  U   A C6    1 
ATOM   278  P  P     . G   A 1 14 ? -17.269 -9.254  -3.801  1.00 44.47  ? 15  G   A P     1 
ATOM   279  O  OP1   . G   A 1 14 ? -18.572 -9.700  -4.359  1.00 53.44  ? 15  G   A OP1   1 
ATOM   280  O  OP2   . G   A 1 14 ? -17.190 -8.023  -2.973  1.00 40.97  ? 15  G   A OP2   1 
ATOM   281  O  "O5'" . G   A 1 14 ? -16.703 -10.446 -2.924  1.00 45.90  ? 15  G   A "O5'" 1 
ATOM   282  C  "C5'" . G   A 1 14 ? -16.526 -10.293 -1.530  1.00 42.02  ? 15  G   A "C5'" 1 
ATOM   283  C  "C4'" . G   A 1 14 ? -15.692 -11.413 -0.982  1.00 41.37  ? 15  G   A "C4'" 1 
ATOM   284  O  "O4'" . G   A 1 14 ? -14.282 -11.083 -1.097  1.00 42.67  ? 15  G   A "O4'" 1 
ATOM   285  C  "C3'" . G   A 1 14 ? -15.887 -11.700 0.491   1.00 42.86  ? 15  G   A "C3'" 1 
ATOM   286  O  "O3'" . G   A 1 14 ? -17.037 -12.489 0.732   1.00 45.61  ? 15  G   A "O3'" 1 
ATOM   287  C  "C2'" . G   A 1 14 ? -14.575 -12.372 0.869   1.00 42.56  ? 15  G   A "C2'" 1 
ATOM   288  O  "O2'" . G   A 1 14 ? -14.558 -13.714 0.407   1.00 43.94  ? 15  G   A "O2'" 1 
ATOM   289  C  "C1'" . G   A 1 14 ? -13.583 -11.569 0.029   1.00 39.99  ? 15  G   A "C1'" 1 
ATOM   290  N  N9    . G   A 1 14 ? -13.030 -10.414 0.763   1.00 33.80  ? 15  G   A N9    1 
ATOM   291  C  C8    . G   A 1 14 ? -13.268 -9.088  0.500   1.00 31.73  ? 15  G   A C8    1 
ATOM   292  N  N7    . G   A 1 14 ? -12.639 -8.277  1.308   1.00 32.60  ? 15  G   A N7    1 
ATOM   293  C  C5    . G   A 1 14 ? -11.935 -9.123  2.158   1.00 32.65  ? 15  G   A C5    1 
ATOM   294  C  C6    . G   A 1 14 ? -11.069 -8.826  3.241   1.00 28.30  ? 15  G   A C6    1 
ATOM   295  O  O6    . G   A 1 14 ? -10.742 -7.718  3.681   1.00 31.15  ? 15  G   A O6    1 
ATOM   296  N  N1    . G   A 1 14 ? -10.570 -9.985  3.830   1.00 28.86  ? 15  G   A N1    1 
ATOM   297  C  C2    . G   A 1 14 ? -10.861 -11.265 3.438   1.00 30.71  ? 15  G   A C2    1 
ATOM   298  N  N2    . G   A 1 14 ? -10.274 -12.254 4.131   1.00 31.50  ? 15  G   A N2    1 
ATOM   299  N  N3    . G   A 1 14 ? -11.665 -11.554 2.424   1.00 34.62  ? 15  G   A N3    1 
ATOM   300  C  C4    . G   A 1 14 ? -12.165 -10.444 1.836   1.00 32.57  ? 15  G   A C4    1 
ATOM   301  P  P     . C   A 1 15 ? -18.018 -12.128 1.952   1.00 49.06  ? 16  C   A P     1 
ATOM   302  O  OP1   . C   A 1 15 ? -19.239 -12.961 1.801   1.00 55.97  ? 16  C   A OP1   1 
ATOM   303  O  OP2   . C   A 1 15 ? -18.140 -10.657 2.098   1.00 44.78  ? 16  C   A OP2   1 
ATOM   304  O  "O5'" . C   A 1 15 ? -17.221 -12.657 3.217   1.00 46.44  ? 16  C   A "O5'" 1 
ATOM   305  C  "C5'" . C   A 1 15 ? -16.685 -13.967 3.219   1.00 48.19  ? 16  C   A "C5'" 1 
ATOM   306  C  "C4'" . C   A 1 15 ? -15.907 -14.224 4.476   1.00 50.35  ? 16  C   A "C4'" 1 
ATOM   307  O  "O4'" . C   A 1 15 ? -14.546 -13.727 4.335   1.00 48.14  ? 16  C   A "O4'" 1 
ATOM   308  C  "C3'" . C   A 1 15 ? -16.405 -13.504 5.713   1.00 52.96  ? 16  C   A "C3'" 1 
ATOM   309  O  "O3'" . C   A 1 15 ? -17.654 -13.978 6.211   1.00 55.37  ? 16  C   A "O3'" 1 
ATOM   310  C  "C2'" . C   A 1 15 ? -15.179 -13.579 6.617   1.00 49.43  ? 16  C   A "C2'" 1 
ATOM   311  O  "O2'" . C   A 1 15 ? -14.964 -14.903 7.085   1.00 50.73  ? 16  C   A "O2'" 1 
ATOM   312  C  "C1'" . C   A 1 15 ? -14.079 -13.274 5.595   1.00 46.84  ? 16  C   A "C1'" 1 
ATOM   313  N  N1    . C   A 1 15 ? -13.820 -11.820 5.531   1.00 40.79  ? 16  C   A N1    1 
ATOM   314  C  C2    . C   A 1 15 ? -12.832 -11.326 6.383   1.00 37.65  ? 16  C   A C2    1 
ATOM   315  O  O2    . C   A 1 15 ? -12.215 -12.135 7.089   1.00 38.72  ? 16  C   A O2    1 
ATOM   316  N  N3    . C   A 1 15 ? -12.568 -10.002 6.396   1.00 34.93  ? 16  C   A N3    1 
ATOM   317  C  C4    . C   A 1 15 ? -13.264 -9.177  5.611   1.00 33.43  ? 16  C   A C4    1 
ATOM   318  N  N4    . C   A 1 15 ? -12.975 -7.875  5.649   1.00 36.05  ? 16  C   A N4    1 
ATOM   319  C  C5    . C   A 1 15 ? -14.287 -9.648  4.743   1.00 35.72  ? 16  C   A C5    1 
ATOM   320  C  C6    . C   A 1 15 ? -14.535 -10.962 4.739   1.00 39.52  ? 16  C   A C6    1 
ATOM   321  P  P     . G   A 1 16 ? -17.824 -14.747 7.608   1.00 67.31  ? 17  G   A P     1 
ATOM   322  O  OP1   . G   A 1 16 ? -16.968 -15.961 7.571   1.00 56.15  ? 17  G   A OP1   1 
ATOM   323  O  OP2   . G   A 1 16 ? -19.290 -14.887 7.822   1.00 68.76  ? 17  G   A OP2   1 
ATOM   324  O  "O5'" . G   A 1 16 ? -17.285 -13.739 8.722   1.00 58.01  ? 17  G   A "O5'" 1 
ATOM   325  C  "C5'" . G   A 1 16 ? -17.525 -14.008 10.092  1.00 57.28  ? 17  G   A "C5'" 1 
ATOM   326  C  "C4'" . G   A 1 16 ? -16.346 -13.679 10.975  1.00 58.03  ? 17  G   A "C4'" 1 
ATOM   327  O  "O4'" . G   A 1 16 ? -15.219 -13.170 10.205  1.00 52.21  ? 17  G   A "O4'" 1 
ATOM   328  C  "C3'" . G   A 1 16 ? -16.592 -12.592 12.000  1.00 59.45  ? 17  G   A "C3'" 1 
ATOM   329  O  "O3'" . G   A 1 16 ? -17.384 -13.018 13.095  1.00 64.38  ? 17  G   A "O3'" 1 
ATOM   330  C  "C2'" . G   A 1 16 ? -15.177 -12.162 12.360  1.00 56.76  ? 17  G   A "C2'" 1 
ATOM   331  O  "O2'" . G   A 1 16 ? -14.562 -13.113 13.219  1.00 59.32  ? 17  G   A "O2'" 1 
ATOM   332  C  "C1'" . G   A 1 16 ? -14.497 -12.233 10.987  1.00 49.86  ? 17  G   A "C1'" 1 
ATOM   333  N  N9    . G   A 1 16 ? -14.515 -10.919 10.312  1.00 42.73  ? 17  G   A N9    1 
ATOM   334  C  C8    . G   A 1 16 ? -15.165 -10.571 9.153   1.00 43.22  ? 17  G   A C8    1 
ATOM   335  N  N7    . G   A 1 16 ? -14.993 -9.316  8.821   1.00 43.36  ? 17  G   A N7    1 
ATOM   336  C  C5    . G   A 1 16 ? -14.179 -8.800  9.818   1.00 40.30  ? 17  G   A C5    1 
ATOM   337  C  C6    . G   A 1 16 ? -13.653 -7.491  10.004  1.00 40.89  ? 17  G   A C6    1 
ATOM   338  O  O6    . G   A 1 16 ? -13.797 -6.479  9.300   1.00 43.92  ? 17  G   A O6    1 
ATOM   339  N  N1    . G   A 1 16 ? -12.882 -7.412  11.158  1.00 41.27  ? 17  G   A N1    1 
ATOM   340  C  C2    . G   A 1 16 ? -12.643 -8.452  12.021  1.00 40.49  ? 17  G   A C2    1 
ATOM   341  N  N2    . G   A 1 16 ? -11.871 -8.176  13.082  1.00 42.73  ? 17  G   A N2    1 
ATOM   342  N  N3    . G   A 1 16 ? -13.124 -9.671  11.860  1.00 42.22  ? 17  G   A N3    1 
ATOM   343  C  C4    . G   A 1 16 ? -13.881 -9.775  10.747  1.00 43.22  ? 17  G   A C4    1 
ATOM   344  P  P     . C   A 1 17 ? -18.652 -12.132 13.534  1.00 68.25  ? 18  C   A P     1 
ATOM   345  O  OP1   . C   A 1 17 ? -19.617 -13.000 14.257  1.00 67.28  ? 18  C   A OP1   1 
ATOM   346  O  OP2   . C   A 1 17 ? -19.104 -11.374 12.338  1.00 61.62  ? 18  C   A OP2   1 
ATOM   347  O  "O5'" . C   A 1 17 ? -18.035 -11.090 14.567  1.00 62.99  ? 18  C   A "O5'" 1 
ATOM   348  C  "C5'" . C   A 1 17 ? -17.184 -11.537 15.611  1.00 59.87  ? 18  C   A "C5'" 1 
ATOM   349  C  "C4'" . C   A 1 17 ? -16.392 -10.406 16.212  1.00 57.18  ? 18  C   A "C4'" 1 
ATOM   350  O  "O4'" . C   A 1 17 ? -15.378 -9.958  15.275  1.00 56.23  ? 18  C   A "O4'" 1 
ATOM   351  C  "C3'" . C   A 1 17 ? -17.165 -9.137  16.542  1.00 58.40  ? 18  C   A "C3'" 1 
ATOM   352  O  "O3'" . C   A 1 17 ? -17.917 -9.216  17.742  1.00 59.82  ? 18  C   A "O3'" 1 
ATOM   353  C  "C2'" . C   A 1 17 ? -16.059 -8.093  16.579  1.00 56.83  ? 18  C   A "C2'" 1 
ATOM   354  O  "O2'" . C   A 1 17 ? -15.319 -8.188  17.787  1.00 53.42  ? 18  C   A "O2'" 1 
ATOM   355  C  "C1'" . C   A 1 17 ? -15.170 -8.567  15.427  1.00 53.87  ? 18  C   A "C1'" 1 
ATOM   356  N  N1    . C   A 1 17 ? -15.524 -7.885  14.162  1.00 51.70  ? 18  C   A N1    1 
ATOM   357  C  C2    . C   A 1 17 ? -15.154 -6.540  14.013  1.00 51.38  ? 18  C   A C2    1 
ATOM   358  O  O2    . C   A 1 17 ? -14.534 -5.974  14.930  1.00 49.89  ? 18  C   A O2    1 
ATOM   359  N  N3    . C   A 1 17 ? -15.478 -5.886  12.873  1.00 47.77  ? 18  C   A N3    1 
ATOM   360  C  C4    . C   A 1 17 ? -16.141 -6.524  11.908  1.00 48.89  ? 18  C   A C4    1 
ATOM   361  N  N4    . C   A 1 17 ? -16.431 -5.837  10.803  1.00 47.87  ? 18  C   A N4    1 
ATOM   362  C  C5    . C   A 1 17 ? -16.534 -7.892  12.032  1.00 48.77  ? 18  C   A C5    1 
ATOM   363  C  C6    . C   A 1 17 ? -16.209 -8.528  13.166  1.00 49.88  ? 18  C   A C6    1 
ATOM   364  P  P     . C   A 1 18 ? -19.250 -8.327  17.914  1.00 65.31  ? 19  C   A P     1 
ATOM   365  O  OP1   . C   A 1 18 ? -19.887 -8.689  19.206  1.00 61.33  ? 19  C   A OP1   1 
ATOM   366  O  OP2   . C   A 1 18 ? -20.034 -8.403  16.657  1.00 60.17  ? 19  C   A OP2   1 
ATOM   367  O  "O5'" . C   A 1 18 ? -18.712 -6.832  18.043  1.00 61.71  ? 19  C   A "O5'" 1 
ATOM   368  C  "C5'" . C   A 1 18 ? -17.899 -6.445  19.139  1.00 57.03  ? 19  C   A "C5'" 1 
ATOM   369  C  "C4'" . C   A 1 18 ? -17.300 -5.078  18.931  1.00 60.12  ? 19  C   A "C4'" 1 
ATOM   370  O  "O4'" . C   A 1 18 ? -16.535 -5.046  17.694  1.00 59.43  ? 19  C   A "O4'" 1 
ATOM   371  C  "C3'" . C   A 1 18 ? -18.278 -3.928  18.770  1.00 61.43  ? 19  C   A "C3'" 1 
ATOM   372  O  "O3'" . C   A 1 18 ? -18.845 -3.490  19.991  1.00 64.63  ? 19  C   A "O3'" 1 
ATOM   373  C  "C2'" . C   A 1 18 ? -17.425 -2.878  18.078  1.00 60.56  ? 19  C   A "C2'" 1 
ATOM   374  O  "O2'" . C   A 1 18 ? -16.532 -2.279  19.005  1.00 58.58  ? 19  C   A "O2'" 1 
ATOM   375  C  "C1'" . C   A 1 18 ? -16.608 -3.751  17.125  1.00 59.23  ? 19  C   A "C1'" 1 
ATOM   376  N  N1    . C   A 1 18 ? -17.236 -3.845  15.784  1.00 58.11  ? 19  C   A N1    1 
ATOM   377  C  C2    . C   A 1 18 ? -17.169 -2.741  14.918  1.00 59.84  ? 19  C   A C2    1 
ATOM   378  O  O2    . C   A 1 18 ? -16.586 -1.705  15.279  1.00 61.07  ? 19  C   A O2    1 
ATOM   379  N  N3    . C   A 1 18 ? -17.742 -2.817  13.696  1.00 56.40  ? 19  C   A N3    1 
ATOM   380  C  C4    . C   A 1 18 ? -18.362 -3.933  13.317  1.00 55.13  ? 19  C   A C4    1 
ATOM   381  N  N4    . C   A 1 18 ? -18.910 -3.951  12.099  1.00 55.32  ? 19  C   A N4    1 
ATOM   382  C  C5    . C   A 1 18 ? -18.449 -5.070  14.172  1.00 54.84  ? 19  C   A C5    1 
ATOM   383  C  C6    . C   A 1 18 ? -17.880 -4.984  15.383  1.00 55.08  ? 19  C   A C6    1 
ATOM   384  P  P     . U   A 1 19 ? -20.383 -3.021  20.035  1.00 69.93  ? 20  U   A P     1 
ATOM   385  O  OP1   . U   A 1 19 ? -20.705 -2.647  21.436  1.00 68.58  ? 20  U   A OP1   1 
ATOM   386  O  OP2   . U   A 1 19 ? -21.203 -4.046  19.340  1.00 66.72  ? 20  U   A OP2   1 
ATOM   387  O  "O5'" . U   A 1 19 ? -20.403 -1.692  19.154  1.00 67.92  ? 20  U   A "O5'" 1 
ATOM   388  C  "C5'" . U   A 1 19 ? -19.701 -0.532  19.575  1.00 69.21  ? 20  U   A "C5'" 1 
ATOM   389  C  "C4'" . U   A 1 19 ? -19.678 0.531   18.505  1.00 71.65  ? 20  U   A "C4'" 1 
ATOM   390  O  "O4'" . U   A 1 19 ? -19.030 0.020   17.310  1.00 66.13  ? 20  U   A "O4'" 1 
ATOM   391  C  "C3'" . U   A 1 19 ? -21.031 1.017   18.009  1.00 75.86  ? 20  U   A "C3'" 1 
ATOM   392  O  "O3'" . U   A 1 19 ? -21.630 1.964   18.881  1.00 77.95  ? 20  U   A "O3'" 1 
ATOM   393  C  "C2'" . U   A 1 19 ? -20.700 1.570   16.628  1.00 73.77  ? 20  U   A "C2'" 1 
ATOM   394  O  "O2'" . U   A 1 19 ? -20.120 2.864   16.727  1.00 76.74  ? 20  U   A "O2'" 1 
ATOM   395  C  "C1'" . U   A 1 19 ? -19.619 0.592   16.161  1.00 70.02  ? 20  U   A "C1'" 1 
ATOM   396  N  N1    . U   A 1 19 ? -20.180 -0.493  15.323  1.00 70.84  ? 20  U   A N1    1 
ATOM   397  C  C2    . U   A 1 19 ? -20.324 -0.238  13.972  1.00 68.83  ? 20  U   A C2    1 
ATOM   398  O  O2    . U   A 1 19 ? -20.010 0.821   13.459  1.00 69.12  ? 20  U   A O2    1 
ATOM   399  N  N3    . U   A 1 19 ? -20.851 -1.275  13.244  1.00 65.92  ? 20  U   A N3    1 
ATOM   400  C  C4    . U   A 1 19 ? -21.241 -2.509  13.720  1.00 63.61  ? 20  U   A C4    1 
ATOM   401  O  O4    . U   A 1 19 ? -21.697 -3.341  12.934  1.00 63.50  ? 20  U   A O4    1 
ATOM   402  C  C5    . U   A 1 19 ? -21.062 -2.696  15.126  1.00 64.41  ? 20  U   A C5    1 
ATOM   403  C  C6    . U   A 1 19 ? -20.550 -1.704  15.862  1.00 67.60  ? 20  U   A C6    1 
ATOM   404  P  P     . U   A 1 20 ? -23.227 2.136   18.929  1.00 77.31  ? 21  U   A P     1 
ATOM   405  O  OP1   . U   A 1 20 ? -23.627 2.276   20.353  1.00 76.91  ? 21  U   A OP1   1 
ATOM   406  O  OP2   . U   A 1 20 ? -23.843 1.068   18.100  1.00 76.57  ? 21  U   A OP2   1 
ATOM   407  O  "O5'" . U   A 1 20 ? -23.478 3.522   18.187  1.00 80.06  ? 21  U   A "O5'" 1 
ATOM   408  C  "C5'" . U   A 1 20 ? -24.497 4.421   18.613  1.00 81.91  ? 21  U   A "C5'" 1 
ATOM   409  C  "C4'" . U   A 1 20 ? -24.168 5.848   18.242  1.00 83.56  ? 21  U   A "C4'" 1 
ATOM   410  O  "O4'" . U   A 1 20 ? -23.211 6.383   19.198  1.00 79.77  ? 21  U   A "O4'" 1 
ATOM   411  C  "C3'" . U   A 1 20 ? -23.542 6.033   16.860  1.00 85.10  ? 21  U   A "C3'" 1 
ATOM   412  O  "O3'" . U   A 1 20 ? -23.972 7.273   16.296  1.00 86.97  ? 21  U   A "O3'" 1 
ATOM   413  C  "C2'" . U   A 1 20 ? -22.050 6.107   17.174  1.00 81.27  ? 21  U   A "C2'" 1 
ATOM   414  O  "O2'" . U   A 1 20 ? -21.277 6.789   16.208  1.00 80.37  ? 21  U   A "O2'" 1 
ATOM   415  C  "C1'" . U   A 1 20 ? -22.053 6.831   18.518  1.00 80.96  ? 21  U   A "C1'" 1 
ATOM   416  N  N1    . U   A 1 20 ? -20.886 6.531   19.360  1.00 80.28  ? 21  U   A N1    1 
ATOM   417  C  C2    . U   A 1 20 ? -19.966 7.538   19.581  1.00 77.12  ? 21  U   A C2    1 
ATOM   418  O  O2    . U   A 1 20 ? -20.081 8.656   19.107  1.00 75.62  ? 21  U   A O2    1 
ATOM   419  N  N3    . U   A 1 20 ? -18.905 7.184   20.378  1.00 72.00  ? 21  U   A N3    1 
ATOM   420  C  C4    . U   A 1 20 ? -18.676 5.953   20.962  1.00 74.93  ? 21  U   A C4    1 
ATOM   421  O  O4    . U   A 1 20 ? -17.670 5.787   21.656  1.00 70.98  ? 21  U   A O4    1 
ATOM   422  C  C5    . U   A 1 20 ? -19.674 4.966   20.685  1.00 76.60  ? 21  U   A C5    1 
ATOM   423  C  C6    . U   A 1 20 ? -20.718 5.282   19.912  1.00 78.80  ? 21  U   A C6    1 
ATOM   424  P  P     . C   A 1 21 ? -25.151 7.298   15.202  1.00 90.06  ? 22  C   A P     1 
ATOM   425  O  OP1   . C   A 1 21 ? -25.401 8.714   14.835  1.00 86.38  ? 22  C   A OP1   1 
ATOM   426  O  OP2   . C   A 1 21 ? -26.269 6.466   15.716  1.00 85.64  ? 22  C   A OP2   1 
ATOM   427  O  "O5'" . C   A 1 21 ? -24.526 6.560   13.934  1.00 85.70  ? 22  C   A "O5'" 1 
ATOM   428  C  "C5'" . C   A 1 21 ? -23.772 7.276   12.961  1.00 82.44  ? 22  C   A "C5'" 1 
ATOM   429  C  "C4'" . C   A 1 21 ? -23.454 6.421   11.755  1.00 81.61  ? 22  C   A "C4'" 1 
ATOM   430  O  "O4'" . C   A 1 21 ? -22.916 5.145   12.205  1.00 81.18  ? 22  C   A "O4'" 1 
ATOM   431  C  "C3'" . C   A 1 21 ? -24.642 6.082   10.854  1.00 83.93  ? 22  C   A "C3'" 1 
ATOM   432  O  "O3'" . C   A 1 21 ? -24.186 5.951   9.506   1.00 85.82  ? 22  C   A "O3'" 1 
ATOM   433  C  "C2'" . C   A 1 21 ? -25.062 4.711   11.365  1.00 81.35  ? 22  C   A "C2'" 1 
ATOM   434  O  "O2'" . C   A 1 21 ? -25.783 3.934   10.432  1.00 78.41  ? 22  C   A "O2'" 1 
ATOM   435  C  "C1'" . C   A 1 21 ? -23.709 4.090   11.694  1.00 82.08  ? 22  C   A "C1'" 1 
ATOM   436  N  N1    . C   A 1 21 ? -23.757 3.018   12.700  1.00 80.75  ? 22  C   A N1    1 
ATOM   437  C  C2    . C   A 1 21 ? -23.761 1.691   12.262  1.00 78.08  ? 22  C   A C2    1 
ATOM   438  O  O2    . C   A 1 21 ? -23.731 1.459   11.045  1.00 79.64  ? 22  C   A O2    1 
ATOM   439  N  N3    . C   A 1 21 ? -23.804 0.694   13.176  1.00 76.65  ? 22  C   A N3    1 
ATOM   440  C  C4    . C   A 1 21 ? -23.837 0.984   14.477  1.00 76.91  ? 22  C   A C4    1 
ATOM   441  N  N4    . C   A 1 21 ? -23.879 -0.031  15.343  1.00 74.20  ? 22  C   A N4    1 
ATOM   442  C  C5    . C   A 1 21 ? -23.830 2.328   14.952  1.00 78.34  ? 22  C   A C5    1 
ATOM   443  C  C6    . C   A 1 21 ? -23.789 3.305   14.036  1.00 80.12  ? 22  C   A C6    1 
ATOM   444  P  P     . G   A 1 22 ? -24.654 6.992   8.375   1.00 84.10  ? 23  G   A P     1 
ATOM   445  O  OP1   . G   A 1 22 ? -25.661 7.910   8.970   1.00 79.78  ? 23  G   A OP1   1 
ATOM   446  O  OP2   . G   A 1 22 ? -24.991 6.220   7.151   1.00 81.53  ? 23  G   A OP2   1 
ATOM   447  O  "O5'" . G   A 1 22 ? -23.334 7.829   8.068   1.00 86.24  ? 23  G   A "O5'" 1 
ATOM   448  C  "C5'" . G   A 1 22 ? -22.066 7.192   8.008   1.00 82.08  ? 23  G   A "C5'" 1 
ATOM   449  C  "C4'" . G   A 1 22 ? -20.966 8.111   8.475   1.00 82.23  ? 23  G   A "C4'" 1 
ATOM   450  O  "O4'" . G   A 1 22 ? -21.133 8.401   9.884   1.00 83.35  ? 23  G   A "O4'" 1 
ATOM   451  C  "C3'" . G   A 1 22 ? -19.552 7.563   8.373   1.00 84.00  ? 23  G   A "C3'" 1 
ATOM   452  O  "O3'" . G   A 1 22 ? -19.021 7.700   7.067   1.00 87.37  ? 23  G   A "O3'" 1 
ATOM   453  C  "C2'" . G   A 1 22 ? -18.791 8.367   9.426   1.00 82.35  ? 23  G   A "C2'" 1 
ATOM   454  O  "O2'" . G   A 1 22 ? -18.378 9.620   8.902   1.00 80.11  ? 23  G   A "O2'" 1 
ATOM   455  C  "C1'" . G   A 1 22 ? -19.873 8.618   10.483  1.00 83.76  ? 23  G   A "C1'" 1 
ATOM   456  N  N9    . G   A 1 22 ? -19.743 7.770   11.687  1.00 82.10  ? 23  G   A N9    1 
ATOM   457  C  C8    . G   A 1 22 ? -19.474 8.251   12.945  1.00 80.07  ? 23  G   A C8    1 
ATOM   458  N  N7    . G   A 1 22 ? -19.412 7.324   13.858  1.00 79.24  ? 23  G   A N7    1 
ATOM   459  C  C5    . G   A 1 22 ? -19.657 6.150   13.164  1.00 81.47  ? 23  G   A C5    1 
ATOM   460  C  C6    . G   A 1 22 ? -19.713 4.815   13.640  1.00 81.46  ? 23  G   A C6    1 
ATOM   461  O  O6    . G   A 1 22 ? -19.554 4.401   14.797  1.00 78.73  ? 23  G   A O6    1 
ATOM   462  N  N1    . G   A 1 22 ? -19.987 3.918   12.612  1.00 80.02  ? 23  G   A N1    1 
ATOM   463  C  C2    . G   A 1 22 ? -20.182 4.262   11.296  1.00 79.13  ? 23  G   A C2    1 
ATOM   464  N  N2    . G   A 1 22 ? -20.436 3.244   10.462  1.00 74.33  ? 23  G   A N2    1 
ATOM   465  N  N3    . G   A 1 22 ? -20.134 5.506   10.840  1.00 81.74  ? 23  G   A N3    1 
ATOM   466  C  C4    . G   A 1 22 ? -19.865 6.400   11.819  1.00 82.36  ? 23  G   A C4    1 
ATOM   467  P  P     . G   A 1 23 ? -18.236 6.482   6.371   1.00 91.34  ? 24  G   A P     1 
ATOM   468  O  OP1   . G   A 1 23 ? -18.402 6.613   4.900   1.00 84.61  ? 24  G   A OP1   1 
ATOM   469  O  OP2   . G   A 1 23 ? -18.647 5.222   7.045   1.00 87.05  ? 24  G   A OP2   1 
ATOM   470  O  "O5'" . G   A 1 23 ? -16.708 6.771   6.717   1.00 89.40  ? 24  G   A "O5'" 1 
ATOM   471  C  "C5'" . G   A 1 23 ? -15.839 5.728   7.130   1.00 84.49  ? 24  G   A "C5'" 1 
ATOM   472  C  "C4'" . G   A 1 23 ? -15.654 5.733   8.627   1.00 80.21  ? 24  G   A "C4'" 1 
ATOM   473  O  "O4'" . G   A 1 23 ? -16.879 5.297   9.270   1.00 80.40  ? 24  G   A "O4'" 1 
ATOM   474  C  "C3'" . G   A 1 23 ? -14.589 4.793   9.167   1.00 77.18  ? 24  G   A "C3'" 1 
ATOM   475  O  "O3'" . G   A 1 23 ? -13.290 5.357   9.095   1.00 81.36  ? 24  G   A "O3'" 1 
ATOM   476  C  "C2'" . G   A 1 23 ? -15.061 4.536   10.593  1.00 74.83  ? 24  G   A "C2'" 1 
ATOM   477  O  "O2'" . G   A 1 23 ? -14.701 5.616   11.441  1.00 74.13  ? 24  G   A "O2'" 1 
ATOM   478  C  "C1'" . G   A 1 23 ? -16.579 4.542   10.423  1.00 77.31  ? 24  G   A "C1'" 1 
ATOM   479  N  N9    . G   A 1 23 ? -17.138 3.187   10.249  1.00 73.74  ? 24  G   A N9    1 
ATOM   480  C  C8    . G   A 1 23 ? -17.734 2.699   9.112   1.00 75.30  ? 24  G   A C8    1 
ATOM   481  N  N7    . G   A 1 23 ? -18.149 1.470   9.237   1.00 74.18  ? 24  G   A N7    1 
ATOM   482  C  C5    . G   A 1 23 ? -17.811 1.126   10.538  1.00 70.90  ? 24  G   A C5    1 
ATOM   483  C  C6    . G   A 1 23 ? -18.012 -0.090  11.243  1.00 66.53  ? 24  G   A C6    1 
ATOM   484  O  O6    . G   A 1 23 ? -18.544 -1.134  10.845  1.00 64.97  ? 24  G   A O6    1 
ATOM   485  N  N1    . G   A 1 23 ? -17.518 -0.017  12.539  1.00 66.73  ? 24  G   A N1    1 
ATOM   486  C  C2    . G   A 1 23 ? -16.908 1.084   13.092  1.00 68.46  ? 24  G   A C2    1 
ATOM   487  N  N2    . G   A 1 23 ? -16.498 0.949   14.363  1.00 65.14  ? 24  G   A N2    1 
ATOM   488  N  N3    . G   A 1 23 ? -16.716 2.225   12.445  1.00 70.35  ? 24  G   A N3    1 
ATOM   489  C  C4    . G   A 1 23 ? -17.189 2.176   11.181  1.00 70.77  ? 24  G   A C4    1 
ATOM   490  P  P     . G   A 1 24 ? -11.998 4.425   8.877   1.00 79.93  ? 25  G   A P     1 
ATOM   491  O  OP1   . G   A 1 24 ? -10.795 5.298   8.907   1.00 74.89  ? 25  G   A OP1   1 
ATOM   492  O  OP2   . G   A 1 24 ? -12.237 3.544   7.706   1.00 87.53  ? 25  G   A OP2   1 
ATOM   493  O  "O5'" . G   A 1 24 ? -11.958 3.522   10.184  1.00 70.64  ? 25  G   A "O5'" 1 
ATOM   494  C  "C5'" . G   A 1 24 ? -11.707 4.108   11.449  1.00 67.50  ? 25  G   A "C5'" 1 
ATOM   495  C  "C4'" . G   A 1 24 ? -11.505 3.067   12.516  1.00 64.87  ? 25  G   A "C4'" 1 
ATOM   496  O  "O4'" . G   A 1 24 ? -12.786 2.654   13.077  1.00 61.70  ? 25  G   A "O4'" 1 
ATOM   497  C  "C3'" . G   A 1 24 ? -10.898 1.747   12.080  1.00 61.54  ? 25  G   A "C3'" 1 
ATOM   498  O  "O3'" . G   A 1 24 ? -9.535  1.795   11.655  1.00 58.79  ? 25  G   A "O3'" 1 
ATOM   499  C  "C2'" . G   A 1 24 ? -11.261 0.860   13.262  1.00 54.92  ? 25  G   A "C2'" 1 
ATOM   500  O  "O2'" . G   A 1 24 ? -10.567 1.263   14.432  1.00 56.31  ? 25  G   A "O2'" 1 
ATOM   501  C  "C1'" . G   A 1 24 ? -12.710 1.287   13.455  1.00 58.72  ? 25  G   A "C1'" 1 
ATOM   502  N  N9    . G   A 1 24 ? -13.578 0.494   12.569  1.00 60.92  ? 25  G   A N9    1 
ATOM   503  C  C8    . G   A 1 24 ? -14.126 0.857   11.365  1.00 65.13  ? 25  G   A C8    1 
ATOM   504  N  N7    . G   A 1 24 ? -14.820 -0.105  10.817  1.00 66.24  ? 25  G   A N7    1 
ATOM   505  C  C5    . G   A 1 24 ? -14.705 -1.169  11.702  1.00 59.85  ? 25  G   A C5    1 
ATOM   506  C  C6    . G   A 1 24 ? -15.242 -2.483  11.649  1.00 56.49  ? 25  G   A C6    1 
ATOM   507  O  O6    . G   A 1 24 ? -15.954 -2.985  10.772  1.00 58.69  ? 25  G   A O6    1 
ATOM   508  N  N1    . G   A 1 24 ? -14.875 -3.236  12.761  1.00 52.05  ? 25  G   A N1    1 
ATOM   509  C  C2    . G   A 1 24 ? -14.091 -2.785  13.793  1.00 53.36  ? 25  G   A C2    1 
ATOM   510  N  N2    . G   A 1 24 ? -13.845 -3.657  14.783  1.00 51.96  ? 25  G   A N2    1 
ATOM   511  N  N3    . G   A 1 24 ? -13.587 -1.563  13.853  1.00 56.14  ? 25  G   A N3    1 
ATOM   512  C  C4    . G   A 1 24 ? -13.933 -0.816  12.784  1.00 58.79  ? 25  G   A C4    1 
ATOM   513  P  P     . C   A 1 25 ? -8.284  1.513   12.620  1.00 55.31  ? 26  C   A P     1 
ATOM   514  O  OP1   . C   A 1 25 ? -8.435  2.367   13.826  1.00 60.42  ? 26  C   A OP1   1 
ATOM   515  O  OP2   . C   A 1 25 ? -7.061  1.648   11.790  1.00 53.16  ? 26  C   A OP2   1 
ATOM   516  O  "O5'" . C   A 1 25 ? -8.417  -0.017  13.051  1.00 49.81  ? 26  C   A "O5'" 1 
ATOM   517  C  "C5'" . C   A 1 25 ? -8.076  -0.403  14.372  1.00 46.31  ? 26  C   A "C5'" 1 
ATOM   518  C  "C4'" . C   A 1 25 ? -8.490  -1.815  14.696  1.00 45.37  ? 26  C   A "C4'" 1 
ATOM   519  O  "O4'" . C   A 1 25 ? -9.916  -2.019  14.520  1.00 46.30  ? 26  C   A "O4'" 1 
ATOM   520  C  "C3'" . C   A 1 25 ? -7.883  -2.908  13.848  1.00 41.02  ? 26  C   A "C3'" 1 
ATOM   521  O  "O3'" . C   A 1 25 ? -6.524  -3.140  14.133  1.00 39.75  ? 26  C   A "O3'" 1 
ATOM   522  C  "C2'" . C   A 1 25 ? -8.792  -4.082  14.162  1.00 39.62  ? 26  C   A "C2'" 1 
ATOM   523  O  "O2'" . C   A 1 25 ? -8.511  -4.593  15.456  1.00 41.64  ? 26  C   A "O2'" 1 
ATOM   524  C  "C1'" . C   A 1 25 ? -10.153 -3.384  14.212  1.00 43.97  ? 26  C   A "C1'" 1 
ATOM   525  N  N1    . C   A 1 25 ? -10.870 -3.496  12.918  1.00 45.42  ? 26  C   A N1    1 
ATOM   526  C  C2    . C   A 1 25 ? -11.486 -4.717  12.618  1.00 42.62  ? 26  C   A C2    1 
ATOM   527  O  O2    . C   A 1 25 ? -11.413 -5.644  13.436  1.00 43.90  ? 26  C   A O2    1 
ATOM   528  N  N3    . C   A 1 25 ? -12.147 -4.871  11.450  1.00 42.02  ? 26  C   A N3    1 
ATOM   529  C  C4    . C   A 1 25 ? -12.209 -3.862  10.587  1.00 45.44  ? 26  C   A C4    1 
ATOM   530  N  N4    . C   A 1 25 ? -12.877 -4.060  9.447   1.00 46.56  ? 26  C   A N4    1 
ATOM   531  C  C5    . C   A 1 25 ? -11.591 -2.604  10.860  1.00 52.67  ? 26  C   A C5    1 
ATOM   532  C  C6    . C   A 1 25 ? -10.937 -2.465  12.024  1.00 49.47  ? 26  C   A C6    1 
ATOM   533  P  P     . G   A 1 26 ? -5.544  -3.571  12.944  1.00 34.15  ? 27  G   A P     1 
ATOM   534  O  OP1   . G   A 1 26 ? -4.161  -3.371  13.443  1.00 34.75  ? 27  G   A OP1   1 
ATOM   535  O  OP2   . G   A 1 26 ? -5.988  -2.935  11.678  1.00 38.16  ? 27  G   A OP2   1 
ATOM   536  O  "O5'" . G   A 1 26 ? -5.828  -5.128  12.782  1.00 32.42  ? 27  G   A "O5'" 1 
ATOM   537  C  "C5'" . G   A 1 26 ? -5.741  -5.992  13.900  1.00 32.47  ? 27  G   A "C5'" 1 
ATOM   538  C  "C4'" . G   A 1 26 ? -6.371  -7.335  13.632  1.00 29.87  ? 27  G   A "C4'" 1 
ATOM   539  O  "O4'" . G   A 1 26 ? -7.796  -7.197  13.391  1.00 30.54  ? 27  G   A "O4'" 1 
ATOM   540  C  "C3'" . G   A 1 26 ? -5.874  -8.109  12.421  1.00 27.85  ? 27  G   A "C3'" 1 
ATOM   541  O  "O3'" . G   A 1 26 ? -4.618  -8.731  12.645  1.00 22.81  ? 27  G   A "O3'" 1 
ATOM   542  C  "C2'" . G   A 1 26 ? -7.013  -9.095  12.190  1.00 26.89  ? 27  G   A "C2'" 1 
ATOM   543  O  "O2'" . G   A 1 26 ? -6.949  -10.161 13.132  1.00 28.37  ? 27  G   A "O2'" 1 
ATOM   544  C  "C1'" . G   A 1 26 ? -8.232  -8.231  12.531  1.00 29.87  ? 27  G   A "C1'" 1 
ATOM   545  N  N9    . G   A 1 26 ? -8.853  -7.633  11.332  1.00 30.38  ? 27  G   A N9    1 
ATOM   546  C  C8    . G   A 1 26 ? -8.814  -6.322  10.929  1.00 32.69  ? 27  G   A C8    1 
ATOM   547  N  N7    . G   A 1 26 ? -9.476  -6.104  9.823   1.00 31.98  ? 27  G   A N7    1 
ATOM   548  C  C5    . G   A 1 26 ? -9.986  -7.343  9.476   1.00 29.76  ? 27  G   A C5    1 
ATOM   549  C  C6    . G   A 1 26 ? -10.787 -7.743  8.371   1.00 31.08  ? 27  G   A C6    1 
ATOM   550  O  O6    . G   A 1 26 ? -11.232 -7.060  7.444   1.00 32.40  ? 27  G   A O6    1 
ATOM   551  N  N1    . G   A 1 26 ? -11.078 -9.098  8.407   1.00 31.49  ? 27  G   A N1    1 
ATOM   552  C  C2    . G   A 1 26 ? -10.654 -9.965  9.377   1.00 31.28  ? 27  G   A C2    1 
ATOM   553  N  N2    . G   A 1 26 ? -11.038 -11.238 9.229   1.00 32.73  ? 27  G   A N2    1 
ATOM   554  N  N3    . G   A 1 26 ? -9.907  -9.613  10.410  1.00 31.84  ? 27  G   A N3    1 
ATOM   555  C  C4    . G   A 1 26 ? -9.615  -8.298  10.399  1.00 30.63  ? 27  G   A C4    1 
ATOM   556  P  P     . C   A 1 27 ? -3.633  -9.088  11.426  1.00 22.57  ? 28  C   A P     1 
ATOM   557  O  OP1   . C   A 1 27 ? -2.487  -9.818  12.028  1.00 21.87  ? 28  C   A OP1   1 
ATOM   558  O  OP2   . C   A 1 27 ? -3.389  -7.873  10.593  1.00 24.20  ? 28  C   A OP2   1 
ATOM   559  O  "O5'" . C   A 1 27 ? -4.455  -10.125 10.547  1.00 20.64  ? 28  C   A "O5'" 1 
ATOM   560  C  "C5'" . C   A 1 27 ? -4.659  -11.446 11.014  1.00 20.23  ? 28  C   A "C5'" 1 
ATOM   561  C  "C4'" . C   A 1 27 ? -5.449  -12.260 10.029  1.00 22.95  ? 28  C   A "C4'" 1 
ATOM   562  O  "O4'" . C   A 1 27 ? -6.718  -11.628 9.763   1.00 26.45  ? 28  C   A "O4'" 1 
ATOM   563  C  "C3'" . C   A 1 27 ? -4.825  -12.427 8.658   1.00 22.74  ? 28  C   A "C3'" 1 
ATOM   564  O  "O3'" . C   A 1 27 ? -3.863  -13.454 8.676   1.00 23.22  ? 28  C   A "O3'" 1 
ATOM   565  C  "C2'" . C   A 1 27 ? -6.028  -12.761 7.781   1.00 22.66  ? 28  C   A "C2'" 1 
ATOM   566  O  "O2'" . C   A 1 27 ? -6.332  -14.150 7.858   1.00 22.71  ? 28  C   A "O2'" 1 
ATOM   567  C  "C1'" . C   A 1 27 ? -7.148  -11.965 8.461   1.00 23.67  ? 28  C   A "C1'" 1 
ATOM   568  N  N1    . C   A 1 27 ? -7.505  -10.720 7.748   1.00 22.14  ? 28  C   A N1    1 
ATOM   569  C  C2    . C   A 1 27 ? -8.349  -10.809 6.635   1.00 25.67  ? 28  C   A C2    1 
ATOM   570  O  O2    . C   A 1 27 ? -8.748  -11.928 6.256   1.00 27.00  ? 28  C   A O2    1 
ATOM   571  N  N3    . C   A 1 27 ? -8.700  -9.675  5.999   1.00 23.67  ? 28  C   A N3    1 
ATOM   572  C  C4    . C   A 1 27 ? -8.253  -8.494  6.426   1.00 25.82  ? 28  C   A C4    1 
ATOM   573  N  N4    . C   A 1 27 ? -8.636  -7.401  5.754   1.00 25.61  ? 28  C   A N4    1 
ATOM   574  C  C5    . C   A 1 27 ? -7.399  -8.374  7.560   1.00 23.91  ? 28  C   A C5    1 
ATOM   575  C  C6    . C   A 1 27 ? -7.059  -9.505  8.192   1.00 24.36  ? 28  C   A C6    1 
ATOM   576  P  P     . C   A 1 28 ? -2.491  -13.348 7.852   1.00 21.76  ? 29  C   A P     1 
ATOM   577  O  OP1   . C   A 1 28 ? -1.933  -11.988 8.007   1.00 18.45  ? 29  C   A OP1   1 
ATOM   578  O  OP2   . C   A 1 28 ? -2.728  -13.924 6.500   1.00 23.46  ? 29  C   A OP2   1 
ATOM   579  O  "O5'" . C   A 1 28 ? -1.550  -14.355 8.638   1.00 19.00  ? 29  C   A "O5'" 1 
ATOM   580  C  "C5'" . C   A 1 28 ? -1.428  -14.254 10.043  1.00 19.35  ? 29  C   A "C5'" 1 
ATOM   581  C  "C4'" . C   A 1 28 ? -0.303  -15.107 10.555  1.00 18.21  ? 29  C   A "C4'" 1 
ATOM   582  O  "O4'" . C   A 1 28 ? -0.591  -16.512 10.315  1.00 18.71  ? 29  C   A "O4'" 1 
ATOM   583  C  "C3'" . C   A 1 28 ? 1.057   -14.900 9.908   1.00 17.21  ? 29  C   A "C3'" 1 
ATOM   584  O  "O3'" . C   A 1 28 ? 1.717   -13.752 10.408  1.00 16.12  ? 29  C   A "O3'" 1 
ATOM   585  C  "C2'" . C   A 1 28 ? 1.755   -16.196 10.257  1.00 19.66  ? 29  C   A "C2'" 1 
ATOM   586  O  "O2'" . C   A 1 28 ? 2.100   -16.176 11.636  1.00 17.91  ? 29  C   A "O2'" 1 
ATOM   587  C  "C1'" . C   A 1 28 ? 0.611   -17.198 10.059  1.00 15.48  ? 29  C   A "C1'" 1 
ATOM   588  N  N1    . C   A 1 28 ? 0.555   -17.707 8.668   1.00 19.02  ? 29  C   A N1    1 
ATOM   589  C  C2    . C   A 1 28 ? 1.461   -18.692 8.299   1.00 20.64  ? 29  C   A C2    1 
ATOM   590  O  O2    . C   A 1 28 ? 2.277   -19.094 9.143   1.00 20.72  ? 29  C   A O2    1 
ATOM   591  N  N3    . C   A 1 28 ? 1.428   -19.174 7.035   1.00 20.55  ? 29  C   A N3    1 
ATOM   592  C  C4    . C   A 1 28 ? 0.534   -18.709 6.160   1.00 18.64  ? 29  C   A C4    1 
ATOM   593  N  N4    . C   A 1 28 ? 0.550   -19.221 4.920   1.00 23.50  ? 29  C   A N4    1 
ATOM   594  C  C5    . C   A 1 28 ? -0.407  -17.705 6.511   1.00 21.25  ? 29  C   A C5    1 
ATOM   595  C  C6    . C   A 1 28 ? -0.364  -17.241 7.773   1.00 19.29  ? 29  C   A C6    1 
ATOM   596  P  P     . A   A 1 29 ? 2.739   -12.909 9.493   1.00 17.22  ? 30  A   A P     1 
ATOM   597  O  OP1   . A   A 1 29 ? 3.304   -11.873 10.402  1.00 14.80  ? 30  A   A OP1   1 
ATOM   598  O  OP2   . A   A 1 29 ? 2.071   -12.499 8.224   1.00 17.14  ? 30  A   A OP2   1 
ATOM   599  O  "O5'" . A   A 1 29 ? 3.873   -13.954 9.076   1.00 16.50  ? 30  A   A "O5'" 1 
ATOM   600  C  "C5'" . A   A 1 29 ? 4.814   -14.432 10.025  1.00 18.30  ? 30  A   A "C5'" 1 
ATOM   601  C  "C4'" . A   A 1 29 ? 5.690   -15.499 9.422   1.00 16.00  ? 30  A   A "C4'" 1 
ATOM   602  O  "O4'" . A   A 1 29 ? 4.881   -16.635 9.012   1.00 16.41  ? 30  A   A "O4'" 1 
ATOM   603  C  "C3'" . A   A 1 29 ? 6.412   -15.111 8.146   1.00 15.74  ? 30  A   A "C3'" 1 
ATOM   604  O  "O3'" . A   A 1 29 ? 7.540   -14.288 8.362   1.00 15.86  ? 30  A   A "O3'" 1 
ATOM   605  C  "C2'" . A   A 1 29 ? 6.726   -16.464 7.533   1.00 18.10  ? 30  A   A "C2'" 1 
ATOM   606  O  "O2'" . A   A 1 29 ? 7.797   -17.088 8.223   1.00 18.37  ? 30  A   A "O2'" 1 
ATOM   607  C  "C1'" . A   A 1 29 ? 5.433   -17.214 7.840   1.00 17.93  ? 30  A   A "C1'" 1 
ATOM   608  N  N9    . A   A 1 29 ? 4.470   -17.050 6.736   1.00 18.98  ? 30  A   A N9    1 
ATOM   609  C  C8    . A   A 1 29 ? 3.329   -16.292 6.719   1.00 16.38  ? 30  A   A C8    1 
ATOM   610  N  N7    . A   A 1 29 ? 2.692   -16.336 5.573   1.00 17.99  ? 30  A   A N7    1 
ATOM   611  C  C5    . A   A 1 29 ? 3.469   -17.157 4.776   1.00 18.43  ? 30  A   A C5    1 
ATOM   612  C  C6    . A   A 1 29 ? 3.328   -17.595 3.443   1.00 17.38  ? 30  A   A C6    1 
ATOM   613  N  N6    . A   A 1 29 ? 2.313   -17.248 2.650   1.00 19.68  ? 30  A   A N6    1 
ATOM   614  N  N1    . A   A 1 29 ? 4.282   -18.410 2.955   1.00 19.35  ? 30  A   A N1    1 
ATOM   615  C  C2    . A   A 1 29 ? 5.299   -18.762 3.749   1.00 18.82  ? 30  A   A C2    1 
ATOM   616  N  N3    . A   A 1 29 ? 5.538   -18.424 5.021   1.00 19.48  ? 30  A   A N3    1 
ATOM   617  C  C4    . A   A 1 29 ? 4.572   -17.606 5.478   1.00 19.36  ? 30  A   A C4    1 
ATOM   618  P  P     . A   A 1 30 ? 7.934   -13.207 7.246   1.00 15.23  ? 31  A   A P     1 
ATOM   619  O  OP1   . A   A 1 30 ? 9.158   -12.535 7.741   1.00 15.76  ? 31  A   A OP1   1 
ATOM   620  O  OP2   . A   A 1 30 ? 6.726   -12.427 6.849   1.00 15.36  ? 31  A   A OP2   1 
ATOM   621  O  "O5'" . A   A 1 30 ? 8.258   -14.097 5.957   1.00 16.50  ? 31  A   A "O5'" 1 
ATOM   622  C  "C5'" . A   A 1 30 ? 9.441   -14.871 5.865   1.00 17.05  ? 31  A   A "C5'" 1 
ATOM   623  C  "C4'" . A   A 1 30 ? 9.569   -15.463 4.481   1.00 15.42  ? 31  A   A "C4'" 1 
ATOM   624  O  "O4'" . A   A 1 30 ? 8.392   -16.257 4.176   1.00 18.10  ? 31  A   A "O4'" 1 
ATOM   625  C  "C3'" . A   A 1 30 ? 9.613   -14.429 3.372   1.00 15.12  ? 31  A   A "C3'" 1 
ATOM   626  O  "O3'" . A   A 1 30 ? 10.905  -13.910 3.177   1.00 17.45  ? 31  A   A "O3'" 1 
ATOM   627  C  "C2'" . A   A 1 30 ? 9.066   -15.187 2.174   1.00 19.05  ? 31  A   A "C2'" 1 
ATOM   628  O  "O2'" . A   A 1 30 ? 10.068  -16.033 1.633   1.00 21.04  ? 31  A   A "O2'" 1 
ATOM   629  C  "C1'" . A   A 1 30 ? 8.001   -16.053 2.836   1.00 19.57  ? 31  A   A "C1'" 1 
ATOM   630  N  N9    . A   A 1 30 ? 6.673   -15.405 2.843   1.00 18.08  ? 31  A   A N9    1 
ATOM   631  C  C8    . A   A 1 30 ? 6.045   -14.859 3.935   1.00 16.05  ? 31  A   A C8    1 
ATOM   632  N  N7    . A   A 1 30 ? 4.858   -14.373 3.667   1.00 16.51  ? 31  A   A N7    1 
ATOM   633  C  C5    . A   A 1 30 ? 4.684   -14.616 2.317   1.00 18.31  ? 31  A   A C5    1 
ATOM   634  C  C6    . A   A 1 30 ? 3.626   -14.316 1.439   1.00 17.65  ? 31  A   A C6    1 
ATOM   635  N  N6    . A   A 1 30 ? 2.491   -13.700 1.805   1.00 19.31  ? 31  A   A N6    1 
ATOM   636  N  N1    . A   A 1 30 ? 3.772   -14.682 0.140   1.00 20.03  ? 31  A   A N1    1 
ATOM   637  C  C2    . A   A 1 30 ? 4.906   -15.299 -0.216  1.00 19.81  ? 31  A   A C2    1 
ATOM   638  N  N3    . A   A 1 30 ? 5.970   -15.629 0.518   1.00 18.84  ? 31  A   A N3    1 
ATOM   639  C  C4    . A   A 1 30 ? 5.792   -15.258 1.800   1.00 17.05  ? 31  A   A C4    1 
ATOM   640  P  P     . U   A 1 31 ? 11.086  -12.329 2.995   1.00 16.60  ? 32  U   A P     1 
ATOM   641  O  OP1   . U   A 1 31 ? 12.540  -12.127 2.884   1.00 18.70  ? 32  U   A OP1   1 
ATOM   642  O  OP2   . U   A 1 31 ? 10.317  -11.606 4.052   1.00 16.78  ? 32  U   A OP2   1 
ATOM   643  O  "O5'" . U   A 1 31 ? 10.374  -12.027 1.610   1.00 18.06  ? 32  U   A "O5'" 1 
ATOM   644  C  "C5'" . U   A 1 31 ? 10.895  -12.555 0.395   1.00 18.49  ? 32  U   A "C5'" 1 
ATOM   645  C  "C4'" . U   A 1 31 ? 9.960   -12.271 -0.743  1.00 17.53  ? 32  U   A "C4'" 1 
ATOM   646  O  "O4'" . U   A 1 31 ? 8.723   -13.000 -0.548  1.00 17.49  ? 32  U   A "O4'" 1 
ATOM   647  C  "C3'" . U   A 1 31 ? 9.511   -10.826 -0.886  1.00 16.64  ? 32  U   A "C3'" 1 
ATOM   648  O  "O3'" . U   A 1 31 ? 10.477  -10.016 -1.536  1.00 18.19  ? 32  U   A "O3'" 1 
ATOM   649  C  "C2'" . U   A 1 31 ? 8.213   -10.974 -1.673  1.00 17.50  ? 32  U   A "C2'" 1 
ATOM   650  O  "O2'" . U   A 1 31 ? 8.492   -11.190 -3.053  1.00 18.47  ? 32  U   A "O2'" 1 
ATOM   651  C  "C1'" . U   A 1 31 ? 7.640   -12.264 -1.069  1.00 16.96  ? 32  U   A "C1'" 1 
ATOM   652  N  N1    . U   A 1 31 ? 6.710   -11.935 0.036   1.00 17.45  ? 32  U   A N1    1 
ATOM   653  C  C2    . U   A 1 31 ? 5.406   -11.672 -0.342  1.00 19.06  ? 32  U   A C2    1 
ATOM   654  O  O2    . U   A 1 31 ? 5.012   -11.750 -1.496  1.00 19.04  ? 32  U   A O2    1 
ATOM   655  N  N3    . U   A 1 31 ? 4.566   -11.325 0.679   1.00 15.95  ? 32  U   A N3    1 
ATOM   656  C  C4    . U   A 1 31 ? 4.907   -11.179 2.006   1.00 16.51  ? 32  U   A C4    1 
ATOM   657  O  O4    . U   A 1 31 ? 4.027   -10.834 2.805   1.00 16.79  ? 32  U   A O4    1 
ATOM   658  C  C5    . U   A 1 31 ? 6.279   -11.459 2.322   1.00 15.59  ? 32  U   A C5    1 
ATOM   659  C  C6    . U   A 1 31 ? 7.127   -11.805 1.347   1.00 14.71  ? 32  U   A C6    1 
ATOM   660  P  P     . C   A 1 32 ? 11.168  -8.766  -0.808  1.00 18.85  ? 33  C   A P     1 
ATOM   661  O  OP1   . C   A 1 32 ? 12.540  -8.621  -1.355  1.00 20.28  ? 33  C   A OP1   1 
ATOM   662  O  OP2   . C   A 1 32 ? 11.007  -8.826  0.664   1.00 18.44  ? 33  C   A OP2   1 
ATOM   663  O  "O5'" . C   A 1 32 ? 10.371  -7.516  -1.378  1.00 18.52  ? 33  C   A "O5'" 1 
ATOM   664  C  "C5'" . C   A 1 32 ? 9.108   -7.163  -0.845  1.00 16.46  ? 33  C   A "C5'" 1 
ATOM   665  C  "C4'" . C   A 1 32 ? 9.027   -5.673  -0.622  1.00 14.83  ? 33  C   A "C4'" 1 
ATOM   666  O  "O4'" . C   A 1 32 ? 8.798   -4.987  -1.888  1.00 18.28  ? 33  C   A "O4'" 1 
ATOM   667  C  "C3'" . C   A 1 32 ? 7.901   -5.194  0.280   1.00 14.19  ? 33  C   A "C3'" 1 
ATOM   668  O  "O3'" . C   A 1 32 ? 8.259   -5.242  1.645   1.00 16.66  ? 33  C   A "O3'" 1 
ATOM   669  C  "C2'" . C   A 1 32 ? 7.676   -3.768  -0.195  1.00 14.45  ? 33  C   A "C2'" 1 
ATOM   670  O  "O2'" . C   A 1 32 ? 8.664   -2.906  0.349   1.00 15.36  ? 33  C   A "O2'" 1 
ATOM   671  C  "C1'" . C   A 1 32 ? 7.911   -3.908  -1.696  1.00 16.01  ? 33  C   A "C1'" 1 
ATOM   672  N  N1    . C   A 1 32 ? 6.643   -4.197  -2.403  1.00 16.65  ? 33  C   A N1    1 
ATOM   673  C  C2    . C   A 1 32 ? 5.700   -3.173  -2.467  1.00 15.86  ? 33  C   A C2    1 
ATOM   674  O  O2    . C   A 1 32 ? 5.967   -2.084  -1.943  1.00 15.01  ? 33  C   A O2    1 
ATOM   675  N  N3    . C   A 1 32 ? 4.526   -3.385  -3.093  1.00 16.51  ? 33  C   A N3    1 
ATOM   676  C  C4    . C   A 1 32 ? 4.273   -4.566  -3.660  1.00 15.82  ? 33  C   A C4    1 
ATOM   677  N  N4    . C   A 1 32 ? 3.088   -4.706  -4.260  1.00 16.04  ? 33  C   A N4    1 
ATOM   678  C  C5    . C   A 1 32 ? 5.218   -5.634  -3.618  1.00 15.94  ? 33  C   A C5    1 
ATOM   679  C  C6    . C   A 1 32 ? 6.380   -5.413  -2.989  1.00 16.85  ? 33  C   A C6    1 
ATOM   680  P  P     . G   A 1 33 ? 7.350   -6.066  2.682   1.00 15.64  ? 34  G   A P     1 
ATOM   681  O  OP1   . G   A 1 33 ? 7.910   -5.796  4.037   1.00 17.39  ? 34  G   A OP1   1 
ATOM   682  O  OP2   . G   A 1 33 ? 7.111   -7.464  2.222   1.00 16.56  ? 34  G   A OP2   1 
ATOM   683  O  "O5'" . G   A 1 33 ? 5.931   -5.360  2.569   1.00 14.07  ? 34  G   A "O5'" 1 
ATOM   684  C  "C5'" . G   A 1 33 ? 5.775   -3.981  2.895   1.00 13.86  ? 34  G   A "C5'" 1 
ATOM   685  C  "C4'" . G   A 1 33 ? 4.477   -3.429  2.351   1.00 14.45  ? 34  G   A "C4'" 1 
ATOM   686  O  "O4'" . G   A 1 33 ? 4.461   -3.540  0.905   1.00 16.31  ? 34  G   A "O4'" 1 
ATOM   687  C  "C3'" . G   A 1 33 ? 3.208   -4.150  2.785   1.00 16.28  ? 34  G   A "C3'" 1 
ATOM   688  O  "O3'" . G   A 1 33 ? 2.751   -3.731  4.052   1.00 16.05  ? 34  G   A "O3'" 1 
ATOM   689  C  "C2'" . G   A 1 33 ? 2.235   -3.795  1.675   1.00 16.58  ? 34  G   A "C2'" 1 
ATOM   690  O  "O2'" . G   A 1 33 ? 1.769   -2.460  1.847   1.00 16.28  ? 34  G   A "O2'" 1 
ATOM   691  C  "C1'" . G   A 1 33 ? 3.151   -3.827  0.461   1.00 15.79  ? 34  G   A "C1'" 1 
ATOM   692  N  N9    . G   A 1 33 ? 3.178   -5.133  -0.224  1.00 16.12  ? 34  G   A N9    1 
ATOM   693  C  C8    . G   A 1 33 ? 4.160   -6.099  -0.105  1.00 15.87  ? 34  G   A C8    1 
ATOM   694  N  N7    . G   A 1 33 ? 3.947   -7.133  -0.878  1.00 13.75  ? 34  G   A N7    1 
ATOM   695  C  C5    . G   A 1 33 ? 2.762   -6.840  -1.546  1.00 16.87  ? 34  G   A C5    1 
ATOM   696  C  C6    . G   A 1 33 ? 2.049   -7.584  -2.527  1.00 17.99  ? 34  G   A C6    1 
ATOM   697  O  O6    . G   A 1 33 ? 2.326   -8.701  -2.998  1.00 17.00  ? 34  G   A O6    1 
ATOM   698  N  N1    . G   A 1 33 ? 0.901   -6.914  -2.939  1.00 16.89  ? 34  G   A N1    1 
ATOM   699  C  C2    . G   A 1 33 ? 0.505   -5.679  -2.475  1.00 17.91  ? 34  G   A C2    1 
ATOM   700  N  N2    . G   A 1 33 ? -0.626  -5.176  -2.992  1.00 17.33  ? 34  G   A N2    1 
ATOM   701  N  N3    . G   A 1 33 ? 1.169   -4.971  -1.579  1.00 17.49  ? 34  G   A N3    1 
ATOM   702  C  C4    . G   A 1 33 ? 2.283   -5.601  -1.156  1.00 16.28  ? 34  G   A C4    1 
ATOM   703  P  P     . U   A 1 34 ? 1.985   -4.773  5.003   1.00 16.52  ? 35  U   A P     1 
ATOM   704  O  OP1   . U   A 1 34 ? 1.471   -3.977  6.160   1.00 16.97  ? 35  U   A OP1   1 
ATOM   705  O  OP2   . U   A 1 34 ? 2.872   -5.922  5.270   1.00 16.17  ? 35  U   A OP2   1 
ATOM   706  O  "O5'" . U   A 1 34 ? 0.764   -5.274  4.119   1.00 15.67  ? 35  U   A "O5'" 1 
ATOM   707  C  "C5'" . U   A 1 34 ? -0.343  -4.418  3.869   1.00 17.14  ? 35  U   A "C5'" 1 
ATOM   708  C  "C4'" . U   A 1 34 ? -1.302  -5.014  2.875   1.00 15.27  ? 35  U   A "C4'" 1 
ATOM   709  O  "O4'" . U   A 1 34 ? -0.628  -5.365  1.643   1.00 16.23  ? 35  U   A "O4'" 1 
ATOM   710  C  "C3'" . U   A 1 34 ? -1.977  -6.307  3.283   1.00 16.71  ? 35  U   A "C3'" 1 
ATOM   711  O  "O3'" . U   A 1 34 ? -3.003  -6.092  4.235   1.00 18.93  ? 35  U   A "O3'" 1 
ATOM   712  C  "C2'" . U   A 1 34 ? -2.464  -6.851  1.945   1.00 18.51  ? 35  U   A "C2'" 1 
ATOM   713  O  "O2'" . U   A 1 34 ? -3.645  -6.173  1.531   1.00 20.31  ? 35  U   A "O2'" 1 
ATOM   714  C  "C1'" . U   A 1 34 ? -1.319  -6.427  1.015   1.00 18.78  ? 35  U   A "C1'" 1 
ATOM   715  N  N1    . U   A 1 34 ? -0.370  -7.527  0.742   1.00 16.15  ? 35  U   A N1    1 
ATOM   716  C  C2    . U   A 1 34 ? -0.742  -8.405  -0.253  1.00 16.62  ? 35  U   A C2    1 
ATOM   717  O  O2    . U   A 1 34 ? -1.789  -8.289  -0.867  1.00 17.33  ? 35  U   A O2    1 
ATOM   718  N  N3    . U   A 1 34 ? 0.151   -9.410  -0.494  1.00 17.67  ? 35  U   A N3    1 
ATOM   719  C  C4    . U   A 1 34 ? 1.348   -9.634  0.146   1.00 18.20  ? 35  U   A C4    1 
ATOM   720  O  O4    . U   A 1 34 ? 2.035   -10.596 -0.203  1.00 19.36  ? 35  U   A O4    1 
ATOM   721  C  C5    . U   A 1 34 ? 1.671   -8.691  1.174   1.00 18.12  ? 35  U   A C5    1 
ATOM   722  C  C6    . U   A 1 34 ? 0.812   -7.690  1.429   1.00 16.30  ? 35  U   A C6    1 
ATOM   723  P  P     . A   A 1 35 ? -3.054  -6.979  5.567   1.00 18.58  ? 36  A   A P     1 
ATOM   724  O  OP1   . A   A 1 35 ? -4.110  -6.378  6.434   1.00 19.44  ? 36  A   A OP1   1 
ATOM   725  O  OP2   . A   A 1 35 ? -1.679  -7.143  6.117   1.00 16.04  ? 36  A   A OP2   1 
ATOM   726  O  "O5'" . A   A 1 35 ? -3.567  -8.383  5.045   1.00 17.93  ? 36  A   A "O5'" 1 
ATOM   727  C  "C5'" . A   A 1 35 ? -3.437  -9.564  5.816   1.00 18.90  ? 36  A   A "C5'" 1 
ATOM   728  C  "C4'" . A   A 1 35 ? -4.160  -10.694 5.136   1.00 18.83  ? 36  A   A "C4'" 1 
ATOM   729  O  "O4'" . A   A 1 35 ? -5.583  -10.424 5.159   1.00 20.25  ? 36  A   A "O4'" 1 
ATOM   730  C  "C3'" . A   A 1 35 ? -3.841  -10.871 3.660   1.00 18.63  ? 36  A   A "C3'" 1 
ATOM   731  O  "O3'" . A   A 1 35 ? -2.679  -11.638 3.452   1.00 20.29  ? 36  A   A "O3'" 1 
ATOM   732  C  "C2'" . A   A 1 35 ? -5.105  -11.521 3.121   1.00 21.11  ? 36  A   A "C2'" 1 
ATOM   733  O  "O2'" . A   A 1 35 ? -5.149  -12.888 3.499   1.00 23.47  ? 36  A   A "O2'" 1 
ATOM   734  C  "C1'" . A   A 1 35 ? -6.169  -10.800 3.932   1.00 22.05  ? 36  A   A "C1'" 1 
ATOM   735  N  N9    . A   A 1 35 ? -6.686  -9.574  3.295   1.00 24.44  ? 36  A   A N9    1 
ATOM   736  C  C8    . A   A 1 35 ? -6.409  -8.297  3.707   1.00 22.35  ? 36  A   A C8    1 
ATOM   737  N  N7    . A   A 1 35 ? -7.026  -7.374  3.013   1.00 26.06  ? 36  A   A N7    1 
ATOM   738  C  C5    . A   A 1 35 ? -7.779  -8.091  2.099   1.00 25.79  ? 36  A   A C5    1 
ATOM   739  C  C6    . A   A 1 35 ? -8.652  -7.675  1.080   1.00 28.28  ? 36  A   A C6    1 
ATOM   740  N  N6    . A   A 1 35 ? -8.922  -6.391  0.813   1.00 29.36  ? 36  A   A N6    1 
ATOM   741  N  N1    . A   A 1 35 ? -9.238  -8.641  0.343   1.00 28.55  ? 36  A   A N1    1 
ATOM   742  C  C2    . A   A 1 35 ? -8.962  -9.926  0.610   1.00 27.58  ? 36  A   A C2    1 
ATOM   743  N  N3    . A   A 1 35 ? -8.156  -10.439 1.543   1.00 28.79  ? 36  A   A N3    1 
ATOM   744  C  C4    . A   A 1 35 ? -7.587  -9.451  2.261   1.00 25.80  ? 36  A   A C4    1 
ATOM   745  P  P     . G   A 1 36 ? -1.548  -11.121 2.444   1.00 17.21  ? 37  G   A P     1 
ATOM   746  O  OP1   . G   A 1 36 ? -0.409  -12.071 2.561   1.00 19.18  ? 37  G   A OP1   1 
ATOM   747  O  OP2   . G   A 1 36 ? -1.350  -9.675  2.653   1.00 18.17  ? 37  G   A OP2   1 
ATOM   748  O  "O5'" . G   A 1 36 ? -2.195  -11.332 1.007   1.00 19.02  ? 37  G   A "O5'" 1 
ATOM   749  C  "C5'" . G   A 1 36 ? -2.531  -12.643 0.581   1.00 18.47  ? 37  G   A "C5'" 1 
ATOM   750  C  "C4'" . G   A 1 36 ? -3.535  -12.626 -0.541  1.00 18.64  ? 37  G   A "C4'" 1 
ATOM   751  O  "O4'" . G   A 1 36 ? -4.756  -11.966 -0.114  1.00 20.46  ? 37  G   A "O4'" 1 
ATOM   752  C  "C3'" . G   A 1 36 ? -3.130  -11.870 -1.794  1.00 17.57  ? 37  G   A "C3'" 1 
ATOM   753  O  "O3'" . G   A 1 36 ? -2.248  -12.625 -2.612  1.00 19.02  ? 37  G   A "O3'" 1 
ATOM   754  C  "C2'" . G   A 1 36 ? -4.479  -11.590 -2.446  1.00 18.83  ? 37  G   A "C2'" 1 
ATOM   755  O  "O2'" . G   A 1 36 ? -4.974  -12.756 -3.099  1.00 19.32  ? 37  G   A "O2'" 1 
ATOM   756  C  "C1'" . G   A 1 36 ? -5.354  -11.317 -1.217  1.00 19.65  ? 37  G   A "C1'" 1 
ATOM   757  N  N9    . G   A 1 36 ? -5.450  -9.880  -0.914  1.00 20.66  ? 37  G   A N9    1 
ATOM   758  C  C8    . G   A 1 36 ? -4.789  -9.201  0.081   1.00 20.86  ? 37  G   A C8    1 
ATOM   759  N  N7    . G   A 1 36 ? -5.084  -7.927  0.097   1.00 19.02  ? 37  G   A N7    1 
ATOM   760  C  C5    . G   A 1 36 ? -5.987  -7.757  -0.938  1.00 20.37  ? 37  G   A C5    1 
ATOM   761  C  C6    . G   A 1 36 ? -6.654  -6.590  -1.395  1.00 21.12  ? 37  G   A C6    1 
ATOM   762  O  O6    . G   A 1 36 ? -6.575  -5.433  -0.952  1.00 19.89  ? 37  G   A O6    1 
ATOM   763  N  N1    . G   A 1 36 ? -7.476  -6.870  -2.481  1.00 23.20  ? 37  G   A N1    1 
ATOM   764  C  C2    . G   A 1 36 ? -7.647  -8.115  -3.042  1.00 22.02  ? 37  G   A C2    1 
ATOM   765  N  N2    . G   A 1 36 ? -8.491  -8.190  -4.089  1.00 26.00  ? 37  G   A N2    1 
ATOM   766  N  N3    . G   A 1 36 ? -7.032  -9.208  -2.619  1.00 20.36  ? 37  G   A N3    1 
ATOM   767  C  C4    . G   A 1 36 ? -6.227  -8.959  -1.570  1.00 20.43  ? 37  G   A C4    1 
ATOM   768  P  P     . C   A 1 37 ? -1.167  -11.910 -3.560  1.00 19.25  ? 38  C   A P     1 
ATOM   769  O  OP1   . C   A 1 37 ? -0.322  -12.994 -4.137  1.00 20.56  ? 38  C   A OP1   1 
ATOM   770  O  OP2   . C   A 1 37 ? -0.519  -10.759 -2.866  1.00 18.58  ? 38  C   A OP2   1 
ATOM   771  O  "O5'" . C   A 1 37 ? -2.057  -11.255 -4.702  1.00 19.22  ? 38  C   A "O5'" 1 
ATOM   772  C  "C5'" . C   A 1 37 ? -2.717  -12.041 -5.677  1.00 18.76  ? 38  C   A "C5'" 1 
ATOM   773  C  "C4'" . C   A 1 37 ? -3.521  -11.176 -6.612  1.00 17.14  ? 38  C   A "C4'" 1 
ATOM   774  O  "O4'" . C   A 1 37 ? -4.642  -10.578 -5.903  1.00 21.11  ? 38  C   A "O4'" 1 
ATOM   775  C  "C3'" . C   A 1 37 ? -2.799  -9.971  -7.192  1.00 19.03  ? 38  C   A "C3'" 1 
ATOM   776  O  "O3'" . C   A 1 37 ? -1.905  -10.282 -8.241  1.00 20.89  ? 38  C   A "O3'" 1 
ATOM   777  C  "C2'" . C   A 1 37 ? -3.960  -9.091  -7.615  1.00 18.32  ? 38  C   A "C2'" 1 
ATOM   778  O  "O2'" . C   A 1 37 ? -4.589  -9.639  -8.766  1.00 21.00  ? 38  C   A "O2'" 1 
ATOM   779  C  "C1'" . C   A 1 37 ? -4.896  -9.284  -6.428  1.00 19.93  ? 38  C   A "C1'" 1 
ATOM   780  N  N1    . C   A 1 37 ? -4.634  -8.259  -5.389  1.00 19.33  ? 38  C   A N1    1 
ATOM   781  C  C2    . C   A 1 37 ? -5.266  -7.027  -5.548  1.00 23.03  ? 38  C   A C2    1 
ATOM   782  O  O2    . C   A 1 37 ? -6.015  -6.870  -6.531  1.00 22.47  ? 38  C   A O2    1 
ATOM   783  N  N3    . C   A 1 37 ? -5.042  -6.047  -4.639  1.00 21.51  ? 38  C   A N3    1 
ATOM   784  C  C4    . C   A 1 37 ? -4.222  -6.257  -3.603  1.00 19.77  ? 38  C   A C4    1 
ATOM   785  N  N4    . C   A 1 37 ? -4.033  -5.267  -2.730  1.00 19.88  ? 38  C   A N4    1 
ATOM   786  C  C5    . C   A 1 37 ? -3.550  -7.494  -3.425  1.00 16.98  ? 38  C   A C5    1 
ATOM   787  C  C6    . C   A 1 37 ? -3.777  -8.460  -4.331  1.00 18.04  ? 38  C   A C6    1 
ATOM   788  P  P     . G   A 1 38 ? -0.568  -9.417  -8.441  1.00 20.24  ? 39  G   A P     1 
ATOM   789  O  OP1   . G   A 1 38 ? 0.181   -10.102 -9.527  1.00 22.43  ? 39  G   A OP1   1 
ATOM   790  O  OP2   . G   A 1 38 ? 0.079   -9.177  -7.121  1.00 20.46  ? 39  G   A OP2   1 
ATOM   791  O  "O5'" . G   A 1 38 ? -1.086  -8.004  -8.967  1.00 20.43  ? 39  G   A "O5'" 1 
ATOM   792  C  "C5'" . G   A 1 38 ? -1.836  -7.907  -10.166 1.00 19.21  ? 39  G   A "C5'" 1 
ATOM   793  C  "C4'" . G   A 1 38 ? -2.482  -6.549  -10.318 1.00 19.85  ? 39  G   A "C4'" 1 
ATOM   794  O  "O4'" . G   A 1 38 ? -3.399  -6.298  -9.216  1.00 20.12  ? 39  G   A "O4'" 1 
ATOM   795  C  "C3'" . G   A 1 38 ? -1.561  -5.345  -10.285 1.00 20.75  ? 39  G   A "C3'" 1 
ATOM   796  O  "O3'" . G   A 1 38 ? -0.834  -5.150  -11.488 1.00 21.13  ? 39  G   A "O3'" 1 
ATOM   797  C  "C2'" . G   A 1 38 ? -2.534  -4.220  -9.962  1.00 21.39  ? 39  G   A "C2'" 1 
ATOM   798  O  "O2'" . G   A 1 38 ? -3.314  -3.901  -11.111 1.00 21.94  ? 39  G   A "O2'" 1 
ATOM   799  C  "C1'" . G   A 1 38 ? -3.441  -4.911  -8.942  1.00 19.58  ? 39  G   A "C1'" 1 
ATOM   800  N  N9    . G   A 1 38 ? -2.976  -4.678  -7.555  1.00 18.38  ? 39  G   A N9    1 
ATOM   801  C  C8    . G   A 1 38 ? -2.355  -5.557  -6.692  1.00 18.34  ? 39  G   A C8    1 
ATOM   802  N  N7    . G   A 1 38 ? -2.071  -5.008  -5.535  1.00 18.78  ? 39  G   A N7    1 
ATOM   803  C  C5    . G   A 1 38 ? -2.532  -3.697  -5.651  1.00 16.89  ? 39  G   A C5    1 
ATOM   804  C  C6    . G   A 1 38 ? -2.521  -2.602  -4.740  1.00 18.26  ? 39  G   A C6    1 
ATOM   805  O  O6    . G   A 1 38 ? -2.073  -2.572  -3.593  1.00 17.91  ? 39  G   A O6    1 
ATOM   806  N  N1    . G   A 1 38 ? -3.083  -1.445  -5.289  1.00 19.28  ? 39  G   A N1    1 
ATOM   807  C  C2    . G   A 1 38 ? -3.612  -1.365  -6.552  1.00 20.74  ? 39  G   A C2    1 
ATOM   808  N  N2    . G   A 1 38 ? -4.136  -0.194  -6.945  1.00 19.55  ? 39  G   A N2    1 
ATOM   809  N  N3    . G   A 1 38 ? -3.630  -2.371  -7.392  1.00 19.08  ? 39  G   A N3    1 
ATOM   810  C  C4    . G   A 1 38 ? -3.083  -3.492  -6.888  1.00 20.33  ? 39  G   A C4    1 
ATOM   811  P  P     . U   A 1 39 ? 0.651   -4.544  -11.440 1.00 20.59  ? 40  U   A P     1 
ATOM   812  O  OP1   . U   A 1 39 ? 1.176   -4.538  -12.828 1.00 23.43  ? 40  U   A OP1   1 
ATOM   813  O  OP2   . U   A 1 39 ? 1.454   -5.175  -10.373 1.00 22.27  ? 40  U   A OP2   1 
ATOM   814  O  "O5'" . U   A 1 39 ? 0.418   -3.024  -11.051 1.00 20.89  ? 40  U   A "O5'" 1 
ATOM   815  C  "C5'" . U   A 1 39 ? -0.365  -2.186  -11.888 1.00 19.28  ? 40  U   A "C5'" 1 
ATOM   816  C  "C4'" . U   A 1 39 ? -0.684  -0.886  -11.200 1.00 18.93  ? 40  U   A "C4'" 1 
ATOM   817  O  "O4'" . U   A 1 39 ? -1.297  -1.163  -9.918  1.00 20.74  ? 40  U   A "O4'" 1 
ATOM   818  C  "C3'" . U   A 1 39 ? 0.520   -0.024  -10.874 1.00 20.23  ? 40  U   A "C3'" 1 
ATOM   819  O  "O3'" . U   A 1 39 ? 0.896   0.778   -11.983 1.00 19.79  ? 40  U   A "O3'" 1 
ATOM   820  C  "C2'" . U   A 1 39 ? 0.054   0.785   -9.664  1.00 20.92  ? 40  U   A "C2'" 1 
ATOM   821  O  "O2'" . U   A 1 39 ? -0.677  1.928   -10.085 1.00 23.10  ? 40  U   A "O2'" 1 
ATOM   822  C  "C1'" . U   A 1 39 ? -0.915  -0.184  -8.978  1.00 21.87  ? 40  U   A "C1'" 1 
ATOM   823  N  N1    . U   A 1 39 ? -0.353  -0.874  -7.792  1.00 18.97  ? 40  U   A N1    1 
ATOM   824  C  C2    . U   A 1 39 ? -0.323  -0.156  -6.612  1.00 20.01  ? 40  U   A C2    1 
ATOM   825  O  O2    . U   A 1 39 ? -0.682  1.003   -6.545  1.00 19.67  ? 40  U   A O2    1 
ATOM   826  N  N3    . U   A 1 39 ? 0.161   -0.838  -5.525  1.00 20.21  ? 40  U   A N3    1 
ATOM   827  C  C4    . U   A 1 39 ? 0.601   -2.144  -5.501  1.00 18.87  ? 40  U   A C4    1 
ATOM   828  O  O4    . U   A 1 39 ? 1.019   -2.620  -4.445  1.00 16.72  ? 40  U   A O4    1 
ATOM   829  C  C5    . U   A 1 39 ? 0.517   -2.830  -6.762  1.00 19.11  ? 40  U   A C5    1 
ATOM   830  C  C6    . U   A 1 39 ? 0.045   -2.189  -7.835  1.00 19.06  ? 40  U   A C6    1 
ATOM   831  P  P     . G   A 1 40 ? 2.436   1.071   -12.300 1.00 21.41  ? 41  G   A P     1 
ATOM   832  O  OP1   . G   A 1 40 ? 2.459   1.763   -13.620 1.00 22.50  ? 41  G   A OP1   1 
ATOM   833  O  OP2   . G   A 1 40 ? 3.283   -0.125  -12.081 1.00 22.10  ? 41  G   A OP2   1 
ATOM   834  O  "O5'" . G   A 1 40 ? 2.823   2.144   -11.197 1.00 20.69  ? 41  G   A "O5'" 1 
ATOM   835  C  "C5'" . G   A 1 40 ? 4.051   2.860   -11.253 1.00 18.77  ? 41  G   A "C5'" 1 
ATOM   836  C  "C4'" . G   A 1 40 ? 4.380   3.383   -9.883  1.00 17.98  ? 41  G   A "C4'" 1 
ATOM   837  O  "O4'" . G   A 1 40 ? 4.650   2.258   -9.017  1.00 19.53  ? 41  G   A "O4'" 1 
ATOM   838  C  "C3'" . G   A 1 40 ? 5.578   4.330   -9.767  1.00 19.85  ? 41  G   A "C3'" 1 
ATOM   839  O  "O3'" . G   A 1 40 ? 5.154   5.541   -9.159  1.00 18.61  ? 41  G   A "O3'" 1 
ATOM   840  C  "C2'" . G   A 1 40 ? 6.570   3.591   -8.845  1.00 18.71  ? 41  G   A "C2'" 1 
ATOM   841  O  "O2'" . G   A 1 40 ? 7.230   4.439   -7.919  1.00 17.82  ? 41  G   A "O2'" 1 
ATOM   842  C  "C1'" . G   A 1 40 ? 5.674   2.599   -8.114  1.00 17.43  ? 41  G   A "C1'" 1 
ATOM   843  N  N9    . G   A 1 40 ? 6.283   1.342   -7.688  1.00 16.30  ? 41  G   A N9    1 
ATOM   844  C  C8    . G   A 1 40 ? 6.674   0.286   -8.484  1.00 17.87  ? 41  G   A C8    1 
ATOM   845  N  N7    . G   A 1 40 ? 7.111   -0.739  -7.801  1.00 16.78  ? 41  G   A N7    1 
ATOM   846  C  C5    . G   A 1 40 ? 6.956   -0.345  -6.470  1.00 15.06  ? 41  G   A C5    1 
ATOM   847  C  C6    . G   A 1 40 ? 7.250   -1.037  -5.271  1.00 16.27  ? 41  G   A C6    1 
ATOM   848  O  O6    . G   A 1 40 ? 7.712   -2.181  -5.146  1.00 19.21  ? 41  G   A O6    1 
ATOM   849  N  N1    . G   A 1 40 ? 6.948   -0.272  -4.145  1.00 16.68  ? 41  G   A N1    1 
ATOM   850  C  C2    . G   A 1 40 ? 6.426   1.002   -4.179  1.00 17.11  ? 41  G   A C2    1 
ATOM   851  N  N2    . G   A 1 40 ? 6.195   1.593   -2.991  1.00 15.35  ? 41  G   A N2    1 
ATOM   852  N  N3    . G   A 1 40 ? 6.145   1.660   -5.294  1.00 15.64  ? 41  G   A N3    1 
ATOM   853  C  C4    . G   A 1 40 ? 6.428   0.923   -6.387  1.00 16.45  ? 41  G   A C4    1 
ATOM   854  P  P     . U   A 1 41 ? 5.157   6.908   -10.006 1.00 20.40  ? 42  U   A P     1 
ATOM   855  O  OP1   . U   A 1 41 ? 4.332   6.725   -11.227 1.00 24.96  ? 42  U   A OP1   1 
ATOM   856  O  OP2   . U   A 1 41 ? 6.557   7.383   -10.143 1.00 21.73  ? 42  U   A OP2   1 
ATOM   857  O  "O5'" . U   A 1 41 ? 4.383   7.894   -9.039  1.00 20.87  ? 42  U   A "O5'" 1 
ATOM   858  C  "C5'" . U   A 1 41 ? 2.966   7.858   -8.956  1.00 20.10  ? 42  U   A "C5'" 1 
ATOM   859  C  "C4'" . U   A 1 41 ? 2.481   8.584   -7.730  1.00 21.87  ? 42  U   A "C4'" 1 
ATOM   860  O  "O4'" . U   A 1 41 ? 2.630   7.720   -6.569  1.00 21.33  ? 42  U   A "O4'" 1 
ATOM   861  C  "C3'" . U   A 1 41 ? 3.241   9.868   -7.399  1.00 23.94  ? 42  U   A "C3'" 1 
ATOM   862  O  "O3'" . U   A 1 41 ? 2.354   10.765  -6.740  1.00 25.42  ? 42  U   A "O3'" 1 
ATOM   863  C  "C2'" . U   A 1 41 ? 4.270   9.387   -6.383  1.00 21.99  ? 42  U   A "C2'" 1 
ATOM   864  O  "O2'" . U   A 1 41 ? 4.771   10.403  -5.537  1.00 20.98  ? 42  U   A "O2'" 1 
ATOM   865  C  "C1'" . U   A 1 41 ? 3.456   8.356   -5.611  1.00 20.65  ? 42  U   A "C1'" 1 
ATOM   866  N  N1    . U   A 1 41 ? 4.249   7.321   -4.933  1.00 17.79  ? 42  U   A N1    1 
ATOM   867  C  C2    . U   A 1 41 ? 4.507   7.496   -3.587  1.00 19.47  ? 42  U   A C2    1 
ATOM   868  O  O2    . U   A 1 41 ? 4.116   8.459   -2.954  1.00 19.13  ? 42  U   A O2    1 
ATOM   869  N  N3    . U   A 1 41 ? 5.241   6.493   -3.010  1.00 18.49  ? 42  U   A N3    1 
ATOM   870  C  C4    . U   A 1 41 ? 5.726   5.361   -3.634  1.00 17.00  ? 42  U   A C4    1 
ATOM   871  O  O4    . U   A 1 41 ? 6.370   4.539   -2.978  1.00 16.98  ? 42  U   A O4    1 
ATOM   872  C  C5    . U   A 1 41 ? 5.414   5.259   -5.026  1.00 16.05  ? 42  U   A C5    1 
ATOM   873  C  C6    . U   A 1 41 ? 4.698   6.219   -5.613  1.00 18.83  ? 42  U   A C6    1 
ATOM   874  P  P     . C   A 1 42 ? 1.766   12.049  -7.498  1.00 31.22  ? 43  C   A P     1 
ATOM   875  O  OP1   . C   A 1 42 ? 0.363   11.742  -7.869  1.00 30.97  ? 43  C   A OP1   1 
ATOM   876  O  OP2   . C   A 1 42 ? 2.738   12.477  -8.539  1.00 33.70  ? 43  C   A OP2   1 
ATOM   877  O  "O5'" . C   A 1 42 ? 1.744   13.158  -6.364  1.00 30.59  ? 43  C   A "O5'" 1 
ATOM   878  C  "C5'" . C   A 1 42 ? 0.777   14.194  -6.377  1.00 32.82  ? 43  C   A "C5'" 1 
ATOM   879  C  "C4'" . C   A 1 42 ? 0.882   15.031  -5.131  1.00 29.79  ? 43  C   A "C4'" 1 
ATOM   880  O  "O4'" . C   A 1 42 ? 0.428   14.270  -3.984  1.00 30.51  ? 43  C   A "O4'" 1 
ATOM   881  C  "C3'" . C   A 1 42 ? 2.287   15.451  -4.745  1.00 30.72  ? 43  C   A "C3'" 1 
ATOM   882  O  "O3'" . C   A 1 42 ? 2.776   16.541  -5.499  1.00 28.82  ? 43  C   A "O3'" 1 
ATOM   883  C  "C2'" . C   A 1 42 ? 2.149   15.732  -3.256  1.00 32.84  ? 43  C   A "C2'" 1 
ATOM   884  O  "O2'" . C   A 1 42 ? 1.518   16.986  -3.039  1.00 33.63  ? 43  C   A "O2'" 1 
ATOM   885  C  "C1'" . C   A 1 42 ? 1.181   14.626  -2.841  1.00 30.05  ? 43  C   A "C1'" 1 
ATOM   886  N  N1    . C   A 1 42 ? 1.895   13.430  -2.336  1.00 31.27  ? 43  C   A N1    1 
ATOM   887  C  C2    . C   A 1 42 ? 2.289   13.407  -0.994  1.00 29.89  ? 43  C   A C2    1 
ATOM   888  O  O2    . C   A 1 42 ? 2.024   14.383  -0.269  1.00 31.87  ? 43  C   A O2    1 
ATOM   889  N  N3    . C   A 1 42 ? 2.949   12.335  -0.504  1.00 28.24  ? 43  C   A N3    1 
ATOM   890  C  C4    . C   A 1 42 ? 3.224   11.296  -1.294  1.00 26.39  ? 43  C   A C4    1 
ATOM   891  N  N4    . C   A 1 42 ? 3.874   10.254  -0.749  1.00 23.90  ? 43  C   A N4    1 
ATOM   892  C  C5    . C   A 1 42 ? 2.840   11.297  -2.667  1.00 27.99  ? 43  C   A C5    1 
ATOM   893  C  C6    . C   A 1 42 ? 2.185   12.366  -3.148  1.00 30.59  ? 43  C   A C6    1 
ATOM   894  P  P     . G   A 1 43 ? 4.352   16.664  -5.757  1.00 30.32  ? 44  G   A P     1 
ATOM   895  O  OP1   . G   A 1 43 ? 4.599   18.013  -6.331  1.00 32.28  ? 44  G   A OP1   1 
ATOM   896  O  OP2   . G   A 1 43 ? 4.832   15.489  -6.523  1.00 31.67  ? 44  G   A OP2   1 
ATOM   897  O  "O5'" . G   A 1 43 ? 4.942   16.631  -4.282  1.00 28.69  ? 44  G   A "O5'" 1 
ATOM   898  C  "C5'" . G   A 1 43 ? 6.187   16.022  -4.000  1.00 26.19  ? 44  G   A "C5'" 1 
ATOM   899  C  "C4'" . G   A 1 43 ? 6.310   15.736  -2.526  1.00 26.64  ? 44  G   A "C4'" 1 
ATOM   900  O  "O4'" . G   A 1 43 ? 5.508   14.577  -2.174  1.00 23.23  ? 44  G   A "O4'" 1 
ATOM   901  C  "C3'" . G   A 1 43 ? 7.708   15.395  -2.046  1.00 21.08  ? 44  G   A "C3'" 1 
ATOM   902  O  "O3'" . G   A 1 43 ? 8.454   16.571  -1.780  1.00 21.20  ? 44  G   A "O3'" 1 
ATOM   903  C  "C2'" . G   A 1 43 ? 7.443   14.553  -0.808  1.00 22.43  ? 44  G   A "C2'" 1 
ATOM   904  O  "O2'" . G   A 1 43 ? 7.106   15.388  0.288   1.00 20.83  ? 44  G   A "O2'" 1 
ATOM   905  C  "C1'" . G   A 1 43 ? 6.184   13.793  -1.221  1.00 23.10  ? 44  G   A "C1'" 1 
ATOM   906  N  N9    . G   A 1 43 ? 6.491   12.495  -1.851  1.00 21.47  ? 44  G   A N9    1 
ATOM   907  C  C8    . G   A 1 43 ? 6.140   12.110  -3.121  1.00 21.06  ? 44  G   A C8    1 
ATOM   908  N  N7    . G   A 1 43 ? 6.534   10.897  -3.416  1.00 20.19  ? 44  G   A N7    1 
ATOM   909  C  C5    . G   A 1 43 ? 7.170   10.456  -2.263  1.00 19.66  ? 44  G   A C5    1 
ATOM   910  C  C6    . G   A 1 43 ? 7.794   9.208   -1.987  1.00 19.54  ? 44  G   A C6    1 
ATOM   911  O  O6    . G   A 1 43 ? 7.903   8.240   -2.754  1.00 17.86  ? 44  G   A O6    1 
ATOM   912  N  N1    . G   A 1 43 ? 8.320   9.162   -0.695  1.00 16.75  ? 44  G   A N1    1 
ATOM   913  C  C2    . G   A 1 43 ? 8.244   10.203  0.208   1.00 16.30  ? 44  G   A C2    1 
ATOM   914  N  N2    . G   A 1 43 ? 8.821   10.006  1.404   1.00 16.98  ? 44  G   A N2    1 
ATOM   915  N  N3    . G   A 1 43 ? 7.662   11.373  -0.039  1.00 19.78  ? 44  G   A N3    1 
ATOM   916  C  C4    . G   A 1 43 ? 7.150   11.428  -1.290  1.00 19.89  ? 44  G   A C4    1 
ATOM   917  P  P     . G   A 1 44 ? 10.009  16.660  -2.139  1.00 21.38  ? 45  G   A P     1 
ATOM   918  O  OP1   . G   A 1 44 ? 10.498  17.992  -1.674  1.00 24.16  ? 45  G   A OP1   1 
ATOM   919  O  OP2   . G   A 1 44 ? 10.186  16.250  -3.552  1.00 21.88  ? 45  G   A OP2   1 
ATOM   920  O  "O5'" . G   A 1 44 ? 10.683  15.537  -1.239  1.00 20.92  ? 45  G   A "O5'" 1 
ATOM   921  C  "C5'" . G   A 1 44 ? 10.809  15.686  0.166   1.00 24.56  ? 45  G   A "C5'" 1 
ATOM   922  C  "C4'" . G   A 1 44 ? 11.556  14.520  0.763   1.00 22.80  ? 45  G   A "C4'" 1 
ATOM   923  O  "O4'" . G   A 1 44 ? 10.740  13.322  0.665   1.00 20.97  ? 45  G   A "O4'" 1 
ATOM   924  C  "C3'" . G   A 1 44 ? 12.858  14.140  0.066   1.00 21.30  ? 45  G   A "C3'" 1 
ATOM   925  O  "O3'" . G   A 1 44 ? 13.954  14.936  0.484   1.00 20.11  ? 45  G   A "O3'" 1 
ATOM   926  C  "C2'" . G   A 1 44 ? 13.011  12.673  0.427   1.00 19.95  ? 45  G   A "C2'" 1 
ATOM   927  O  "O2'" . G   A 1 44 ? 13.487  12.540  1.759   1.00 22.18  ? 45  G   A "O2'" 1 
ATOM   928  C  "C1'" . G   A 1 44 ? 11.558  12.202  0.391   1.00 19.25  ? 45  G   A "C1'" 1 
ATOM   929  N  N9    . G   A 1 44 ? 11.166  11.660  -0.925  1.00 18.66  ? 45  G   A N9    1 
ATOM   930  C  C8    . G   A 1 44 ? 10.418  12.298  -1.888  1.00 19.60  ? 45  G   A C8    1 
ATOM   931  N  N7    . G   A 1 44 ? 10.217  11.570  -2.969  1.00 18.60  ? 45  G   A N7    1 
ATOM   932  C  C5    . G   A 1 44 ? 10.843  10.367  -2.660  1.00 18.09  ? 45  G   A C5    1 
ATOM   933  C  C6    . G   A 1 44 ? 10.950  9.185   -3.436  1.00 17.83  ? 45  G   A C6    1 
ATOM   934  O  O6    . G   A 1 44 ? 10.479  8.978   -4.553  1.00 17.40  ? 45  G   A O6    1 
ATOM   935  N  N1    . G   A 1 44 ? 11.678  8.192   -2.781  1.00 16.16  ? 45  G   A N1    1 
ATOM   936  C  C2    . G   A 1 44 ? 12.233  8.330   -1.530  1.00 17.49  ? 45  G   A C2    1 
ATOM   937  N  N2    . G   A 1 44 ? 12.908  7.271   -1.064  1.00 16.15  ? 45  G   A N2    1 
ATOM   938  N  N3    . G   A 1 44 ? 12.137  9.430   -0.792  1.00 17.72  ? 45  G   A N3    1 
ATOM   939  C  C4    . G   A 1 44 ? 11.431  10.400  -1.413  1.00 17.71  ? 45  G   A C4    1 
ATOM   940  P  P     . C   A 1 45 ? 15.081  15.410  -0.560  1.00 22.36  ? 46  C   A P     1 
ATOM   941  O  OP1   . C   A 1 45 ? 15.974  16.353  0.163   1.00 21.53  ? 46  C   A OP1   1 
ATOM   942  O  OP2   . C   A 1 45 ? 14.469  15.788  -1.871  1.00 22.25  ? 46  C   A OP2   1 
ATOM   943  O  "O5'" . C   A 1 45 ? 15.919  14.098  -0.869  1.00 20.99  ? 46  C   A "O5'" 1 
ATOM   944  C  "C5'" . C   A 1 45 ? 16.731  13.499  0.119   1.00 19.33  ? 46  C   A "C5'" 1 
ATOM   945  C  "C4'" . C   A 1 45 ? 17.140  12.119  -0.304  1.00 22.26  ? 46  C   A "C4'" 1 
ATOM   946  O  "O4'" . C   A 1 45 ? 15.964  11.282  -0.461  1.00 19.11  ? 46  C   A "O4'" 1 
ATOM   947  C  "C3'" . C   A 1 45 ? 17.813  12.027  -1.661  1.00 20.41  ? 46  C   A "C3'" 1 
ATOM   948  O  "O3'" . C   A 1 45 ? 19.163  12.451  -1.654  1.00 23.45  ? 46  C   A "O3'" 1 
ATOM   949  C  "C2'" . C   A 1 45 ? 17.616  10.559  -2.000  1.00 18.20  ? 46  C   A "C2'" 1 
ATOM   950  O  "O2'" . C   A 1 45 ? 18.482  9.746   -1.226  1.00 22.09  ? 46  C   A "O2'" 1 
ATOM   951  C  "C1'" . C   A 1 45 ? 16.188  10.345  -1.500  1.00 20.09  ? 46  C   A "C1'" 1 
ATOM   952  N  N1    . C   A 1 45 ? 15.213  10.577  -2.588  1.00 19.02  ? 46  C   A N1    1 
ATOM   953  C  C2    . C   A 1 45 ? 14.972  9.515   -3.465  1.00 18.88  ? 46  C   A C2    1 
ATOM   954  O  O2    . C   A 1 45 ? 15.572  8.457   -3.260  1.00 18.76  ? 46  C   A O2    1 
ATOM   955  N  N3    . C   A 1 45 ? 14.102  9.672   -4.490  1.00 18.28  ? 46  C   A N3    1 
ATOM   956  C  C4    . C   A 1 45 ? 13.492  10.840  -4.671  1.00 17.08  ? 46  C   A C4    1 
ATOM   957  N  N4    . C   A 1 45 ? 12.636  10.970  -5.688  1.00 17.79  ? 46  C   A N4    1 
ATOM   958  C  C5    . C   A 1 45 ? 13.722  11.941  -3.798  1.00 19.31  ? 46  C   A C5    1 
ATOM   959  C  C6    . C   A 1 45 ? 14.580  11.772  -2.779  1.00 18.38  ? 46  C   A C6    1 
ATOM   960  P  P     . G   A 1 46 ? 19.775  13.178  -2.950  1.00 22.36  ? 47  G   A P     1 
ATOM   961  O  OP1   . G   A 1 46 ? 21.095  13.724  -2.573  1.00 26.71  ? 47  G   A OP1   1 
ATOM   962  O  OP2   . G   A 1 46 ? 18.735  14.056  -3.540  1.00 22.44  ? 47  G   A OP2   1 
ATOM   963  O  "O5'" . G   A 1 46 ? 20.055  11.974  -3.953  1.00 22.00  ? 47  G   A "O5'" 1 
ATOM   964  C  "C5'" . G   A 1 46 ? 21.026  10.994  -3.635  1.00 19.51  ? 47  G   A "C5'" 1 
ATOM   965  C  "C4'" . G   A 1 46 ? 20.993  9.866   -4.626  1.00 21.02  ? 47  G   A "C4'" 1 
ATOM   966  O  "O4'" . G   A 1 46 ? 19.691  9.232   -4.595  1.00 22.83  ? 47  G   A "O4'" 1 
ATOM   967  C  "C3'" . G   A 1 46 ? 21.161  10.264  -6.081  1.00 20.88  ? 47  G   A "C3'" 1 
ATOM   968  O  "O3'" . G   A 1 46 ? 22.510  10.498  -6.437  1.00 22.59  ? 47  G   A "O3'" 1 
ATOM   969  C  "C2'" . G   A 1 46 ? 20.540  9.081   -6.801  1.00 20.92  ? 47  G   A "C2'" 1 
ATOM   970  O  "O2'" . G   A 1 46 ? 21.417  7.972   -6.733  1.00 22.45  ? 47  G   A "O2'" 1 
ATOM   971  C  "C1'" . G   A 1 46 ? 19.348  8.792   -5.893  1.00 20.06  ? 47  G   A "C1'" 1 
ATOM   972  N  N9    . G   A 1 46 ? 18.135  9.509   -6.332  1.00 18.45  ? 47  G   A N9    1 
ATOM   973  C  C8    . G   A 1 46 ? 17.515  10.594  -5.761  1.00 20.39  ? 47  G   A C8    1 
ATOM   974  N  N7    . G   A 1 46 ? 16.447  10.970  -6.420  1.00 16.09  ? 47  G   A N7    1 
ATOM   975  C  C5    . G   A 1 46 ? 16.360  10.076  -7.484  1.00 16.24  ? 47  G   A C5    1 
ATOM   976  C  C6    . G   A 1 46 ? 15.415  9.979   -8.538  1.00 16.08  ? 47  G   A C6    1 
ATOM   977  O  O6    . G   A 1 46 ? 14.416  10.685  -8.752  1.00 17.05  ? 47  G   A O6    1 
ATOM   978  N  N1    . G   A 1 46 ? 15.724  8.922   -9.396  1.00 15.76  ? 47  G   A N1    1 
ATOM   979  C  C2    . G   A 1 46 ? 16.803  8.075   -9.251  1.00 15.24  ? 47  G   A C2    1 
ATOM   980  N  N2    . G   A 1 46 ? 16.950  7.107   -10.172 1.00 16.84  ? 47  G   A N2    1 
ATOM   981  N  N3    . G   A 1 46 ? 17.682  8.160   -8.275  1.00 16.85  ? 47  G   A N3    1 
ATOM   982  C  C4    . G   A 1 46 ? 17.397  9.176   -7.437  1.00 17.22  ? 47  G   A C4    1 
ATOM   983  P  P     . C   A 1 47 ? 22.870  11.525  -7.620  1.00 25.64  ? 48  C   A P     1 
ATOM   984  O  OP1   . C   A 1 47 ? 24.332  11.758  -7.548  1.00 29.11  ? 48  C   A OP1   1 
ATOM   985  O  OP2   . C   A 1 47 ? 21.934  12.675  -7.590  1.00 25.40  ? 48  C   A OP2   1 
ATOM   986  O  "O5'" . C   A 1 47 ? 22.555  10.704  -8.953  1.00 20.99  ? 48  C   A "O5'" 1 
ATOM   987  C  "C5'" . C   A 1 47 ? 23.134  9.435   -9.202  1.00 23.50  ? 48  C   A "C5'" 1 
ATOM   988  C  "C4'" . C   A 1 47 ? 22.550  8.820   -10.454 1.00 20.03  ? 48  C   A "C4'" 1 
ATOM   989  O  "O4'" . C   A 1 47 ? 21.155  8.517   -10.233 1.00 19.06  ? 48  C   A "O4'" 1 
ATOM   990  C  "C3'" . C   A 1 47 ? 22.548  9.712   -11.685 1.00 19.36  ? 48  C   A "C3'" 1 
ATOM   991  O  "O3'" . C   A 1 47 ? 23.773  9.671   -12.379 1.00 22.73  ? 48  C   A "O3'" 1 
ATOM   992  C  "C2'" . C   A 1 47 ? 21.381  9.171   -12.502 1.00 21.27  ? 48  C   A "C2'" 1 
ATOM   993  O  "O2'" . C   A 1 47 ? 21.754  7.998   -13.217 1.00 19.96  ? 48  C   A "O2'" 1 
ATOM   994  C  "C1'" . C   A 1 47 ? 20.412  8.759   -11.403 1.00 20.86  ? 48  C   A "C1'" 1 
ATOM   995  N  N1    . C   A 1 47 ? 19.391  9.786   -11.113 1.00 17.05  ? 48  C   A N1    1 
ATOM   996  C  C2    . C   A 1 47 ? 18.290  9.846   -11.961 1.00 16.58  ? 48  C   A C2    1 
ATOM   997  O  O2    . C   A 1 47 ? 18.232  9.080   -12.940 1.00 16.52  ? 48  C   A O2    1 
ATOM   998  N  N3    . C   A 1 47 ? 17.322  10.737  -11.702 1.00 15.67  ? 48  C   A N3    1 
ATOM   999  C  C4    . C   A 1 47 ? 17.409  11.555  -10.651 1.00 15.85  ? 48  C   A C4    1 
ATOM   1000 N  N4    . C   A 1 47 ? 16.411  12.413  -10.459 1.00 18.48  ? 48  C   A N4    1 
ATOM   1001 C  C5    . C   A 1 47 ? 18.519  11.512  -9.762  1.00 17.87  ? 48  C   A C5    1 
ATOM   1002 C  C6    . C   A 1 47 ? 19.482  10.618  -10.024 1.00 17.82  ? 48  C   A C6    1 
ATOM   1003 P  P     . C   A 1 48 ? 24.283  10.961  -13.183 1.00 23.39  ? 49  C   A P     1 
ATOM   1004 O  OP1   . C   A 1 48 ? 25.599  10.572  -13.737 1.00 26.86  ? 49  C   A OP1   1 
ATOM   1005 O  OP2   . C   A 1 48 ? 24.151  12.159  -12.312 1.00 27.33  ? 49  C   A OP2   1 
ATOM   1006 O  "O5'" . C   A 1 48 ? 23.236  11.132  -14.370 1.00 21.94  ? 49  C   A "O5'" 1 
ATOM   1007 C  "C5'" . C   A 1 48 ? 23.245  10.246  -15.480 1.00 21.59  ? 49  C   A "C5'" 1 
ATOM   1008 C  "C4'" . C   A 1 48 ? 22.109  10.541  -16.428 1.00 21.49  ? 49  C   A "C4'" 1 
ATOM   1009 O  "O4'" . C   A 1 48 ? 20.855  10.489  -15.713 1.00 19.37  ? 49  C   A "O4'" 1 
ATOM   1010 C  "C3'" . C   A 1 48 ? 22.122  11.915  -17.083 1.00 19.86  ? 49  C   A "C3'" 1 
ATOM   1011 O  "O3'" . C   A 1 48 ? 22.912  11.920  -18.261 1.00 24.19  ? 49  C   A "O3'" 1 
ATOM   1012 C  "C2'" . C   A 1 48 ? 20.647  12.191  -17.378 1.00 20.29  ? 49  C   A "C2'" 1 
ATOM   1013 O  "O2'" . C   A 1 48 ? 20.304  11.724  -18.675 1.00 21.56  ? 49  C   A "O2'" 1 
ATOM   1014 C  "C1'" . C   A 1 48 ? 19.919  11.342  -16.322 1.00 17.15  ? 49  C   A "C1'" 1 
ATOM   1015 N  N1    . C   A 1 48 ? 19.262  12.151  -15.277 1.00 17.02  ? 49  C   A N1    1 
ATOM   1016 C  C2    . C   A 1 48 ? 17.958  12.576  -15.538 1.00 18.26  ? 49  C   A C2    1 
ATOM   1017 O  O2    . C   A 1 48 ? 17.426  12.255  -16.616 1.00 18.36  ? 49  C   A O2    1 
ATOM   1018 N  N3    . C   A 1 48 ? 17.314  13.312  -14.602 1.00 17.74  ? 49  C   A N3    1 
ATOM   1019 C  C4    . C   A 1 48 ? 17.934  13.644  -13.470 1.00 16.06  ? 49  C   A C4    1 
ATOM   1020 N  N4    . C   A 1 48 ? 17.247  14.386  -12.594 1.00 17.65  ? 49  C   A N4    1 
ATOM   1021 C  C5    . C   A 1 48 ? 19.266  13.225  -13.184 1.00 17.56  ? 49  C   A C5    1 
ATOM   1022 C  C6    . C   A 1 48 ? 19.891  12.480  -14.112 1.00 19.78  ? 49  C   A C6    1 
HETATM 1023 P  PG    . GTP B 2 .  ? 8.115   19.930  -10.094 1.00 56.98  ? 101 GTP A PG    1 
HETATM 1024 O  O1G   . GTP B 2 .  ? 9.616   19.761  -10.165 1.00 43.47  ? 101 GTP A O1G   1 
HETATM 1025 O  O2G   . GTP B 2 .  ? 7.525   19.031  -9.028  1.00 47.53  ? 101 GTP A O2G   1 
HETATM 1026 O  O3G   . GTP B 2 .  ? 7.801   21.378  -9.779  1.00 44.53  ? 101 GTP A O3G   1 
HETATM 1027 O  O3B   . GTP B 2 .  ? 7.449   19.555  -11.515 1.00 37.72  ? 101 GTP A O3B   1 
HETATM 1028 P  PB    . GTP B 2 .  ? 8.327   19.162  -12.798 1.00 34.91  ? 101 GTP A PB    1 
HETATM 1029 O  O1B   . GTP B 2 .  ? 8.638   20.364  -13.659 1.00 25.48  ? 101 GTP A O1B   1 
HETATM 1030 O  O2B   . GTP B 2 .  ? 9.569   18.376  -12.453 1.00 34.48  ? 101 GTP A O2B   1 
HETATM 1031 O  O3A   . GTP B 2 .  ? 7.347   18.230  -13.664 1.00 34.62  ? 101 GTP A O3A   1 
HETATM 1032 P  PA    . GTP B 2 .  ? 6.817   16.772  -13.257 1.00 26.13  ? 101 GTP A PA    1 
HETATM 1033 O  O1A   . GTP B 2 .  ? 5.312   16.827  -13.269 1.00 29.05  ? 101 GTP A O1A   1 
HETATM 1034 O  O2A   . GTP B 2 .  ? 7.426   16.192  -12.000 1.00 26.42  ? 101 GTP A O2A   1 
HETATM 1035 O  "O5'" . GTP B 2 .  ? 7.337   15.960  -14.542 1.00 22.26  ? 101 GTP A "O5'" 1 
HETATM 1036 C  "C5'" . GTP B 2 .  ? 6.771   16.200  -15.800 1.00 20.36  ? 101 GTP A "C5'" 1 
HETATM 1037 C  "C4'" . GTP B 2 .  ? 7.625   15.552  -16.873 1.00 20.32  ? 101 GTP A "C4'" 1 
HETATM 1038 O  "O4'" . GTP B 2 .  ? 8.822   16.286  -17.003 1.00 20.47  ? 101 GTP A "O4'" 1 
HETATM 1039 C  "C3'" . GTP B 2 .  ? 8.075   14.142  -16.518 1.00 19.86  ? 101 GTP A "C3'" 1 
HETATM 1040 O  "O3'" . GTP B 2 .  ? 7.088   13.217  -16.895 1.00 16.43  ? 101 GTP A "O3'" 1 
HETATM 1041 C  "C2'" . GTP B 2 .  ? 9.329   14.036  -17.359 1.00 18.10  ? 101 GTP A "C2'" 1 
HETATM 1042 O  "O2'" . GTP B 2 .  ? 8.986   13.941  -18.718 1.00 16.97  ? 101 GTP A "O2'" 1 
HETATM 1043 C  "C1'" . GTP B 2 .  ? 9.918   15.417  -17.198 1.00 20.60  ? 101 GTP A "C1'" 1 
HETATM 1044 N  N9    . GTP B 2 .  ? 10.803  15.486  -16.025 1.00 19.02  ? 101 GTP A N9    1 
HETATM 1045 C  C8    . GTP B 2 .  ? 10.563  16.122  -14.831 1.00 20.07  ? 101 GTP A C8    1 
HETATM 1046 N  N7    . GTP B 2 .  ? 11.650  15.970  -14.032 1.00 18.14  ? 101 GTP A N7    1 
HETATM 1047 C  C5    . GTP B 2 .  ? 12.581  15.263  -14.717 1.00 16.85  ? 101 GTP A C5    1 
HETATM 1048 C  C6    . GTP B 2 .  ? 13.862  14.815  -14.397 1.00 17.58  ? 101 GTP A C6    1 
HETATM 1049 O  O6    . GTP B 2 .  ? 14.376  15.064  -13.311 1.00 18.98  ? 101 GTP A O6    1 
HETATM 1050 N  N1    . GTP B 2 .  ? 14.576  14.108  -15.345 1.00 16.74  ? 101 GTP A N1    1 
HETATM 1051 C  C2    . GTP B 2 .  ? 14.028  13.815  -16.579 1.00 15.61  ? 101 GTP A C2    1 
HETATM 1052 N  N2    . GTP B 2 .  ? 14.728  13.116  -17.471 1.00 17.39  ? 101 GTP A N2    1 
HETATM 1053 N  N3    . GTP B 2 .  ? 12.756  14.250  -16.894 1.00 16.33  ? 101 GTP A N3    1 
HETATM 1054 C  C4    . GTP B 2 .  ? 12.058  14.959  -15.969 1.00 16.16  ? 101 GTP A C4    1 
HETATM 1055 C  C10   . J8F C 3 .  ? 3.011   1.525   -4.432  1.00 16.68  ? 102 J8F A C10   1 
HETATM 1056 N  N12   . J8F C 3 .  ? 2.282   3.957   -6.955  1.00 20.07  ? 102 J8F A N12   1 
HETATM 1057 C  C13   . J8F C 3 .  ? 3.243   0.452   -5.505  1.00 16.77  ? 102 J8F A C13   1 
HETATM 1058 C  C15   . J8F C 3 .  ? 3.333   -0.357  -7.786  1.00 16.33  ? 102 J8F A C15   1 
HETATM 1059 C  C17   . J8F C 3 .  ? 3.955   -1.806  -5.964  1.00 16.51  ? 102 J8F A C17   1 
HETATM 1060 C  C20   . J8F C 3 .  ? 4.037   -2.411  -9.695  1.00 21.24  ? 102 J8F A C20   1 
HETATM 1061 C  C21   . J8F C 3 .  ? 5.766   -4.282  -7.434  1.00 24.33  ? 102 J8F A C21   1 
HETATM 1062 C  C01   . J8F C 3 .  ? 2.925   4.107   -1.046  1.00 15.03  ? 102 J8F A C01   1 
HETATM 1063 C  C02   . J8F C 3 .  ? 2.999   3.266   -2.143  1.00 17.53  ? 102 J8F A C02   1 
HETATM 1064 C  C03   . J8F C 3 .  ? 2.564   3.715   -3.379  1.00 18.60  ? 102 J8F A C03   1 
HETATM 1065 C  C04   . J8F C 3 .  ? 2.098   5.011   -3.537  1.00 17.92  ? 102 J8F A C04   1 
HETATM 1066 C  C05   . J8F C 3 .  ? 2.019   5.853   -2.442  1.00 16.95  ? 102 J8F A C05   1 
HETATM 1067 C  C06   . J8F C 3 .  ? 2.439   5.400   -1.204  1.00 17.90  ? 102 J8F A C06   1 
HETATM 1068 C  C07   . J8F C 3 .  ? 2.373   6.317   0.008   1.00 19.12  ? 102 J8F A C07   1 
HETATM 1069 C  C09   . J8F C 3 .  ? 2.676   2.805   -4.597  1.00 17.05  ? 102 J8F A C09   1 
HETATM 1070 C  C11   . J8F C 3 .  ? 2.439   3.455   -5.951  1.00 18.06  ? 102 J8F A C11   1 
HETATM 1071 C  C14   . J8F C 3 .  ? 3.068   0.658   -6.874  1.00 16.63  ? 102 J8F A C14   1 
HETATM 1072 C  C16   . J8F C 3 .  ? 3.774   -1.591  -7.327  1.00 17.74  ? 102 J8F A C16   1 
HETATM 1073 C  C18   . J8F C 3 .  ? 3.703   -0.787  -5.059  1.00 16.47  ? 102 J8F A C18   1 
HETATM 1074 C  C19   . J8F C 3 .  ? 4.291   -4.012  -7.764  1.00 17.29  ? 102 J8F A C19   1 
HETATM 1075 N  N08   . J8F C 3 .  ? 2.327   6.979   0.918   1.00 21.78  ? 102 J8F A N08   1 
HETATM 1076 N  N22   . J8F C 3 .  ? 4.049   -2.667  -8.266  1.00 18.20  ? 102 J8F A N22   1 
HETATM 1077 O  O23   . J8F C 3 .  ? 6.585   -3.652  -8.386  1.00 31.19  ? 102 J8F A O23   1 
HETATM 1078 MG MG    . MG  D 4 .  ? 2.105   -12.211 6.165   1.00 16.67  ? 103 MG  A MG    1 
HETATM 1079 MG MG    . MG  E 4 .  ? 9.672   -9.759  4.738   1.00 17.79  ? 104 MG  A MG    1 
HETATM 1080 MG MG    . MG  F 4 .  ? 8.225   8.269   -9.336  1.00 20.06  ? 105 MG  A MG    1 
HETATM 1081 MG MG    . MG  G 4 .  ? 7.524   0.862   4.940   1.00 16.31  ? 106 MG  A MG    1 
HETATM 1082 MG MG    . MG  H 4 .  ? 15.092  14.853  -7.524  1.00 27.98  ? 107 MG  A MG    1 
HETATM 1083 IR IR    . IRI I 5 .  ? 0.833   1.128   8.603   1.00 36.55  ? 108 IRI A IR    1 
HETATM 1084 N  N1    . IRI I 5 .  ? 2.601   0.350   7.429   1.00 12.43  ? 108 IRI A N1    1 
HETATM 1085 N  N2    . IRI I 5 .  ? -0.329  0.954   6.689   1.00 23.25  ? 108 IRI A N2    1 
HETATM 1086 N  N3    . IRI I 5 .  ? -0.974  1.957   9.688   1.00 21.65  ? 108 IRI A N3    1 
HETATM 1087 N  N4    . IRI I 5 .  ? 1.950   1.314   10.561  1.00 11.94  ? 108 IRI A N4    1 
HETATM 1088 N  N5    . IRI I 5 .  ? 0.201   -0.987  9.080   1.00 15.91  ? 108 IRI A N5    1 
HETATM 1089 N  N6    . IRI I 5 .  ? 1.431   3.213   8.001   1.00 13.03  ? 108 IRI A N6    1 
HETATM 1090 IR IR    . IRI J 5 .  ? -13.841 0.141   6.394   1.00 185.17 ? 109 IRI A IR    1 
HETATM 1091 N  N1    . IRI J 5 .  ? -12.218 1.104   5.167   1.00 112.23 ? 109 IRI A N1    1 
HETATM 1092 N  N2    . IRI J 5 .  ? -15.236 1.823   5.858   1.00 106.47 ? 109 IRI A N2    1 
HETATM 1093 N  N3    . IRI J 5 .  ? -15.464 -0.824  7.620   1.00 87.07  ? 109 IRI A N3    1 
HETATM 1094 N  N4    . IRI J 5 .  ? -12.441 -1.537  6.936   1.00 89.95  ? 109 IRI A N4    1 
HETATM 1095 N  N5    . IRI J 5 .  ? -14.527 -1.006  4.583   1.00 123.86 ? 109 IRI A N5    1 
HETATM 1096 N  N6    . IRI J 5 .  ? -13.156 1.289   8.205   1.00 93.72  ? 109 IRI A N6    1 
HETATM 1097 IR IR    . IRI K 5 .  ? 2.607   16.523  -16.593 1.00 168.67 ? 110 IRI A IR    1 
HETATM 1098 N  N1    . IRI K 5 .  ? 4.429   17.137  -17.774 1.00 37.94  ? 110 IRI A N1    1 
HETATM 1099 N  N2    . IRI K 5 .  ? 1.632   18.480  -17.130 1.00 67.59  ? 110 IRI A N2    1 
HETATM 1100 N  N3    . IRI K 5 .  ? 0.785   15.932  -15.409 1.00 73.79  ? 110 IRI A N3    1 
HETATM 1101 N  N4    . IRI K 5 .  ? 3.567   14.552  -16.074 1.00 52.18  ? 110 IRI A N4    1 
HETATM 1102 N  N5    . IRI K 5 .  ? 1.714   15.582  -18.433 1.00 77.18  ? 110 IRI A N5    1 
HETATM 1103 N  N6    . IRI K 5 .  ? 3.499   17.457  -14.750 1.00 52.43  ? 110 IRI A N6    1 
HETATM 1104 O  O     . HOH L 6 .  ? 8.600   -2.984  -8.562  1.00 26.73  ? 201 HOH A O     1 
HETATM 1105 O  O     . HOH L 6 .  ? 4.581   15.370  -19.146 1.00 38.99  ? 202 HOH A O     1 
HETATM 1106 O  O     . HOH L 6 .  ? -20.446 -7.324  20.903  1.00 49.29  ? 203 HOH A O     1 
HETATM 1107 O  O     . HOH L 6 .  ? 11.459  17.147  -11.805 1.00 25.59  ? 204 HOH A O     1 
HETATM 1108 O  O     . HOH L 6 .  ? -12.191 -2.616  -0.849  1.00 35.91  ? 205 HOH A O     1 
HETATM 1109 O  O     . HOH L 6 .  ? 3.717   19.749  -14.167 1.00 43.65  ? 206 HOH A O     1 
HETATM 1110 O  O     . HOH L 6 .  ? 9.660   15.456  -11.506 1.00 31.26  ? 207 HOH A O     1 
HETATM 1111 O  O     . HOH L 6 .  ? -22.391 -5.519  13.754  1.00 46.04  ? 208 HOH A O     1 
HETATM 1112 O  O     . HOH L 6 .  ? 22.616  14.045  -12.224 1.00 37.58  ? 209 HOH A O     1 
HETATM 1113 O  O     . HOH L 6 .  ? -11.284 -5.321  3.606   1.00 33.66  ? 210 HOH A O     1 
HETATM 1114 O  O     . HOH L 6 .  ? 0.882   -13.189 -0.003  1.00 29.21  ? 211 HOH A O     1 
HETATM 1115 O  O     . HOH L 6 .  ? 9.089   -4.239  -4.982  1.00 22.69  ? 212 HOH A O     1 
HETATM 1116 O  O     . HOH L 6 .  ? 3.476   -6.605  -10.738 1.00 29.02  ? 213 HOH A O     1 
HETATM 1117 O  O     . HOH L 6 .  ? 17.464  0.669   -2.095  1.00 30.98  ? 214 HOH A O     1 
HETATM 1118 O  O     . HOH L 6 .  ? 9.395   -17.118 -0.545  1.00 30.32  ? 215 HOH A O     1 
HETATM 1119 O  O     . HOH L 6 .  ? -7.153  -12.078 -4.190  1.00 32.43  ? 216 HOH A O     1 
HETATM 1120 O  O     . HOH L 6 .  ? 7.473   17.838  0.849   1.00 34.12  ? 217 HOH A O     1 
HETATM 1121 O  O     . HOH L 6 .  ? 16.344  14.940  -3.911  1.00 23.32  ? 218 HOH A O     1 
HETATM 1122 O  O     . HOH L 6 .  ? -5.378  -2.405  -0.502  1.00 27.61  ? 219 HOH A O     1 
HETATM 1123 O  O     . HOH L 6 .  ? -7.659  7.290   -6.137  1.00 33.98  ? 220 HOH A O     1 
HETATM 1124 O  O     . HOH L 6 .  ? -5.437  3.866   -7.684  1.00 30.24  ? 221 HOH A O     1 
HETATM 1125 O  O     . HOH L 6 .  ? -0.605  -8.508  13.264  1.00 21.98  ? 222 HOH A O     1 
HETATM 1126 O  O     . HOH L 6 .  ? -0.076  -9.041  4.838   1.00 16.06  ? 223 HOH A O     1 
HETATM 1127 O  O     . HOH L 6 .  ? 1.909   5.827   -11.613 1.00 30.90  ? 224 HOH A O     1 
HETATM 1128 O  O     . HOH L 6 .  ? -7.789  -12.571 12.557  1.00 32.04  ? 225 HOH A O     1 
HETATM 1129 O  O     . HOH L 6 .  ? 3.692   15.925  1.040   1.00 34.75  ? 226 HOH A O     1 
HETATM 1130 O  O     . HOH L 6 .  ? -1.197  -14.117 4.378   1.00 20.67  ? 227 HOH A O     1 
HETATM 1131 O  O     . HOH L 6 .  ? -13.237 -5.719  1.340   1.00 36.47  ? 228 HOH A O     1 
HETATM 1132 O  O     . HOH L 6 .  ? -4.820  -6.194  8.969   1.00 26.21  ? 229 HOH A O     1 
HETATM 1133 O  O     . HOH L 6 .  ? -5.949  -4.070  9.293   1.00 38.13  ? 230 HOH A O     1 
HETATM 1134 O  O     . HOH L 6 .  ? 13.821  13.252  -8.551  1.00 22.67  ? 231 HOH A O     1 
HETATM 1135 O  O     . HOH L 6 .  ? -7.492  2.496   -0.261  1.00 32.27  ? 232 HOH A O     1 
HETATM 1136 O  O     . HOH L 6 .  ? 10.945  -0.521  -11.008 1.00 23.57  ? 233 HOH A O     1 
HETATM 1137 O  O     . HOH L 6 .  ? 9.694   22.740  -13.173 1.00 22.17  ? 234 HOH A O     1 
HETATM 1138 O  O     . HOH L 6 .  ? 9.151   -9.089  2.689   1.00 15.74  ? 235 HOH A O     1 
HETATM 1139 O  O     . HOH L 6 .  ? 1.872   -11.686 4.092   1.00 16.94  ? 236 HOH A O     1 
HETATM 1140 O  O     . HOH L 6 .  ? 2.807   -0.794  3.883   1.00 18.90  ? 237 HOH A O     1 
HETATM 1141 O  O     . HOH L 6 .  ? 13.625  6.175   6.126   1.00 29.73  ? 238 HOH A O     1 
HETATM 1142 O  O     . HOH L 6 .  ? 5.592   -10.216 7.818   1.00 15.50  ? 239 HOH A O     1 
HETATM 1143 O  O     . HOH L 6 .  ? 9.695   12.969  -12.957 1.00 24.88  ? 240 HOH A O     1 
HETATM 1144 O  O     . HOH L 6 .  ? 13.394  -9.665  2.304   1.00 25.97  ? 241 HOH A O     1 
HETATM 1145 O  O     . HOH L 6 .  ? 5.093   -13.107 -3.794  1.00 28.76  ? 242 HOH A O     1 
HETATM 1146 O  O     . HOH L 6 .  ? -0.775  -0.379  3.068   1.00 24.94  ? 243 HOH A O     1 
HETATM 1147 O  O     . HOH L 6 .  ? 12.436  13.496  -10.787 1.00 25.38  ? 244 HOH A O     1 
HETATM 1148 O  O     . HOH L 6 .  ? 1.016   -1.281  -2.038  1.00 17.19  ? 245 HOH A O     1 
HETATM 1149 O  O     . HOH L 6 .  ? 7.493   3.104   -16.094 1.00 24.27  ? 246 HOH A O     1 
HETATM 1150 O  O     . HOH L 6 .  ? -0.557  -8.436  -4.604  1.00 17.99  ? 247 HOH A O     1 
HETATM 1151 O  O     . HOH L 6 .  ? 4.058   -13.065 5.877   1.00 15.41  ? 248 HOH A O     1 
HETATM 1152 O  O     . HOH L 6 .  ? 8.041   1.802   8.943   1.00 26.20  ? 249 HOH A O     1 
HETATM 1153 O  O     . HOH L 6 .  ? 9.747   9.310   -8.343  1.00 19.04  ? 250 HOH A O     1 
HETATM 1154 O  O     . HOH L 6 .  ? -11.274 -4.662  6.217   1.00 37.90  ? 251 HOH A O     1 
HETATM 1155 O  O     . HOH L 6 .  ? -0.715  -4.820  7.491   1.00 20.83  ? 252 HOH A O     1 
HETATM 1156 O  O     . HOH L 6 .  ? 8.958   10.653  -6.018  1.00 21.22  ? 253 HOH A O     1 
HETATM 1157 O  O     . HOH L 6 .  ? -10.438 -14.162 7.039   1.00 37.67  ? 254 HOH A O     1 
HETATM 1158 O  O     . HOH L 6 .  ? 20.307  10.472  0.623   1.00 30.95  ? 255 HOH A O     1 
HETATM 1159 O  O     . HOH L 6 .  ? 10.637  6.517   -20.427 1.00 19.52  ? 256 HOH A O     1 
HETATM 1160 O  O     . HOH L 6 .  ? -1.375  -18.627 3.125   1.00 31.04  ? 257 HOH A O     1 
HETATM 1161 O  O     . HOH L 6 .  ? 1.390   9.360   5.969   1.00 32.09  ? 258 HOH A O     1 
HETATM 1162 O  O     . HOH L 6 .  ? 7.465   -16.609 -1.508  1.00 30.49  ? 259 HOH A O     1 
HETATM 1163 O  O     . HOH L 6 .  ? 8.810   -3.618  5.361   1.00 25.56  ? 260 HOH A O     1 
HETATM 1164 O  O     . HOH L 6 .  ? 9.174   5.913   -12.692 1.00 20.47  ? 261 HOH A O     1 
HETATM 1165 O  O     . HOH L 6 .  ? 4.422   14.531  -9.042  1.00 36.34  ? 262 HOH A O     1 
HETATM 1166 O  O     . HOH L 6 .  ? -3.619  0.160   5.427   1.00 30.50  ? 263 HOH A O     1 
HETATM 1167 O  O     . HOH L 6 .  ? 5.838   13.002  -6.174  1.00 32.05  ? 264 HOH A O     1 
HETATM 1168 O  O     . HOH L 6 .  ? 0.051   -1.583  5.815   1.00 23.12  ? 265 HOH A O     1 
HETATM 1169 O  O     . HOH L 6 .  ? 13.762  -3.523  -6.324  1.00 25.23  ? 266 HOH A O     1 
HETATM 1170 O  O     . HOH L 6 .  ? -4.873  -2.010  -9.954  1.00 25.10  ? 267 HOH A O     1 
HETATM 1171 O  O     . HOH L 6 .  ? 10.250  -10.293 6.679   1.00 15.99  ? 268 HOH A O     1 
HETATM 1172 O  O     . HOH L 6 .  ? 2.318   -14.365 -2.129  1.00 28.44  ? 269 HOH A O     1 
HETATM 1173 O  O     . HOH L 6 .  ? 7.557   -8.837  -4.029  1.00 25.89  ? 270 HOH A O     1 
HETATM 1174 O  O     . HOH L 6 .  ? -1.186  -8.108  8.607   1.00 23.04  ? 271 HOH A O     1 
HETATM 1175 O  O     . HOH L 6 .  ? 5.133   -19.291 0.531   1.00 27.13  ? 272 HOH A O     1 
HETATM 1176 O  O     . HOH L 6 .  ? 6.042   5.130   9.251   1.00 19.45  ? 273 HOH A O     1 
HETATM 1177 O  O     . HOH L 6 .  ? 10.219  -3.174  2.631   1.00 25.03  ? 274 HOH A O     1 
HETATM 1178 O  O     . HOH L 6 .  ? 18.053  6.457   -13.636 1.00 14.51  ? 275 HOH A O     1 
HETATM 1179 O  O     . HOH L 6 .  ? 11.294  -13.755 8.901   1.00 20.18  ? 276 HOH A O     1 
HETATM 1180 O  O     . HOH L 6 .  ? 12.841  -0.047  -14.962 1.00 18.80  ? 277 HOH A O     1 
HETATM 1181 O  O     . HOH L 6 .  ? 8.973   -7.893  5.419   1.00 15.99  ? 278 HOH A O     1 
HETATM 1182 O  O     . HOH L 6 .  ? 8.018   7.031   -7.604  1.00 16.18  ? 279 HOH A O     1 
HETATM 1183 O  O     . HOH L 6 .  ? 3.512   -20.904 6.707   1.00 31.05  ? 280 HOH A O     1 
HETATM 1184 O  O     . HOH L 6 .  ? 8.965   11.379  3.758   1.00 26.25  ? 281 HOH A O     1 
HETATM 1185 O  O     . HOH L 6 .  ? -5.405  -4.804  3.111   1.00 26.46  ? 282 HOH A O     1 
HETATM 1186 O  O     . HOH L 6 .  ? 7.256   8.364   -5.408  1.00 19.35  ? 283 HOH A O     1 
HETATM 1187 O  O     . HOH L 6 .  ? 13.576  -1.055  2.936   1.00 26.75  ? 284 HOH A O     1 
HETATM 1188 O  O     . HOH L 6 .  ? 7.860   9.431   -13.515 1.00 21.80  ? 285 HOH A O     1 
HETATM 1189 O  O     . HOH L 6 .  ? 0.214   -11.231 6.471   1.00 15.68  ? 286 HOH A O     1 
HETATM 1190 O  O     . HOH L 6 .  ? 1.221   -14.029 5.817   1.00 16.26  ? 287 HOH A O     1 
HETATM 1191 O  O     . HOH L 6 .  ? 17.742  0.279   -10.286 1.00 27.09  ? 288 HOH A O     1 
HETATM 1192 O  O     . HOH L 6 .  ? 8.577   -13.607 -4.359  1.00 23.53  ? 289 HOH A O     1 
HETATM 1193 O  O     . HOH L 6 .  ? 5.366   8.523   -16.418 1.00 31.87  ? 290 HOH A O     1 
HETATM 1194 O  O     . HOH L 6 .  ? -0.223  -16.172 2.758   1.00 27.83  ? 291 HOH A O     1 
HETATM 1195 O  O     . HOH L 6 .  ? 12.783  15.233  -3.985  1.00 22.60  ? 292 HOH A O     1 
HETATM 1196 O  O     . HOH L 6 .  ? 4.574   -17.121 12.430  1.00 22.87  ? 293 HOH A O     1 
HETATM 1197 O  O     . HOH L 6 .  ? 1.102   -6.156  -7.811  1.00 20.78  ? 294 HOH A O     1 
HETATM 1198 O  O     . HOH L 6 .  ? -0.675  -10.853 10.196  1.00 22.29  ? 295 HOH A O     1 
HETATM 1199 O  O     . HOH L 6 .  ? 0.766   0.180   0.818   1.00 17.29  ? 296 HOH A O     1 
HETATM 1200 O  O     . HOH L 6 .  ? 4.518   2.820   7.184   1.00 16.82  ? 297 HOH A O     1 
HETATM 1201 O  O     . HOH L 6 .  ? -3.987  -15.305 -3.566  1.00 28.20  ? 298 HOH A O     1 
HETATM 1202 O  O     . HOH L 6 .  ? -8.541  -7.431  -7.813  1.00 31.45  ? 299 HOH A O     1 
HETATM 1203 O  O     . HOH L 6 .  ? 15.046  -4.939  -3.216  1.00 26.35  ? 300 HOH A O     1 
HETATM 1204 O  O     . HOH L 6 .  ? 5.449   -6.061  6.320   1.00 26.22  ? 301 HOH A O     1 
HETATM 1205 O  O     . HOH L 6 .  ? 6.170   14.142  -10.590 1.00 32.82  ? 302 HOH A O     1 
HETATM 1206 O  O     . HOH L 6 .  ? 2.712   -8.609  4.544   1.00 17.89  ? 303 HOH A O     1 
HETATM 1207 O  O     . HOH L 6 .  ? 5.655   6.108   -18.306 1.00 36.52  ? 304 HOH A O     1 
HETATM 1208 O  O     . HOH L 6 .  ? 13.219  9.654   1.772   1.00 27.74  ? 305 HOH A O     1 
HETATM 1209 O  O     . HOH L 6 .  ? 17.313  4.058   -12.399 1.00 20.38  ? 306 HOH A O     1 
HETATM 1210 O  O     . HOH L 6 .  ? -4.508  1.849   2.044   1.00 25.17  ? 307 HOH A O     1 
HETATM 1211 O  O     . HOH L 6 .  ? 4.951   -9.715  -3.417  1.00 17.50  ? 308 HOH A O     1 
HETATM 1212 O  O     . HOH L 6 .  ? 2.362   -9.788  -5.621  1.00 23.63  ? 309 HOH A O     1 
HETATM 1213 O  O     . HOH L 6 .  ? 9.120   0.902   -15.536 1.00 20.80  ? 310 HOH A O     1 
HETATM 1214 O  O     . HOH L 6 .  ? 15.263  13.504  -6.167  1.00 21.63  ? 311 HOH A O     1 
HETATM 1215 O  O     . HOH L 6 .  ? 6.268   -8.760  -0.124  1.00 17.18  ? 312 HOH A O     1 
HETATM 1216 O  O     . HOH L 6 .  ? 16.204  6.135   -1.810  1.00 28.40  ? 313 HOH A O     1 
HETATM 1217 O  O     . HOH L 6 .  ? 12.248  -3.658  -9.629  1.00 24.83  ? 314 HOH A O     1 
HETATM 1218 O  O     . HOH L 6 .  ? 11.074  -4.159  -3.351  1.00 22.70  ? 315 HOH A O     1 
HETATM 1219 O  O     . HOH L 6 .  ? 14.349  3.140   0.138   1.00 27.50  ? 316 HOH A O     1 
HETATM 1220 O  O     . HOH L 6 .  ? 6.491   13.385  -19.913 1.00 24.32  ? 317 HOH A O     1 
HETATM 1221 O  O     . HOH L 6 .  ? 13.461  12.288  -19.866 1.00 27.56  ? 318 HOH A O     1 
HETATM 1222 O  O     . HOH L 6 .  ? 14.204  17.217  -11.477 1.00 32.23  ? 319 HOH A O     1 
HETATM 1223 O  O     . HOH L 6 .  ? 1.632   -13.264 -6.179  1.00 29.98  ? 320 HOH A O     1 
HETATM 1224 O  O     . HOH L 6 .  ? -0.146  -2.763  -0.231  1.00 18.57  ? 321 HOH A O     1 
HETATM 1225 O  O     . HOH L 6 .  ? 8.138   -19.224 6.377   1.00 29.68  ? 322 HOH A O     1 
HETATM 1226 O  O     . HOH L 6 .  ? 0.394   4.419   -9.228  1.00 32.23  ? 323 HOH A O     1 
HETATM 1227 O  O     . HOH L 6 .  ? 7.405   -1.233  4.544   1.00 15.89  ? 324 HOH A O     1 
HETATM 1228 O  O     . HOH L 6 .  ? 9.796   3.826   -9.756  1.00 16.63  ? 325 HOH A O     1 
HETATM 1229 O  O     . HOH L 6 .  ? 17.369  12.147  -19.471 1.00 26.09  ? 326 HOH A O     1 
HETATM 1230 O  O     . HOH L 6 .  ? 6.136   0.617   6.453   1.00 16.71  ? 327 HOH A O     1 
HETATM 1231 O  O     . HOH L 6 .  ? 7.243   13.127  2.183   1.00 30.69  ? 328 HOH A O     1 
HETATM 1232 O  O     . HOH L 6 .  ? -4.888  -15.838 9.882   1.00 29.29  ? 329 HOH A O     1 
HETATM 1233 O  O     . HOH L 6 .  ? 7.690   -10.395 5.071   1.00 14.44  ? 330 HOH A O     1 
HETATM 1234 O  O     . HOH L 6 .  ? -13.400 2.990   -2.964  1.00 34.01  ? 331 HOH A O     1 
HETATM 1235 O  O     . HOH L 6 .  ? 11.605  13.688  -19.883 1.00 27.44  ? 332 HOH A O     1 
HETATM 1236 O  O     . HOH L 6 .  ? 9.614   6.778   -10.080 1.00 20.53  ? 333 HOH A O     1 
HETATM 1237 O  O     . HOH L 6 .  ? -8.962  -3.899  8.038   1.00 40.30  ? 334 HOH A O     1 
HETATM 1238 O  O     . HOH L 6 .  ? -9.114  -0.884  -0.539  1.00 30.52  ? 335 HOH A O     1 
HETATM 1239 O  O     . HOH L 6 .  ? 16.366  -2.199  -9.576  1.00 27.39  ? 336 HOH A O     1 
HETATM 1240 O  O     . HOH L 6 .  ? -2.191  3.245   -7.717  1.00 29.25  ? 337 HOH A O     1 
HETATM 1241 O  O     . HOH L 6 .  ? 10.508  -2.076  -7.206  1.00 23.32  ? 338 HOH A O     1 
HETATM 1242 O  O     . HOH L 6 .  ? 2.288   -11.598 -2.910  1.00 19.41  ? 339 HOH A O     1 
HETATM 1243 O  O     . HOH L 6 .  ? 5.688   -8.805  4.365   1.00 15.99  ? 340 HOH A O     1 
HETATM 1244 O  O     . HOH L 6 .  ? 10.678  4.225   8.947   1.00 25.06  ? 341 HOH A O     1 
HETATM 1245 O  O     . HOH L 6 .  ? 14.977  14.412  3.416   1.00 25.96  ? 342 HOH A O     1 
HETATM 1246 O  O     . HOH L 6 .  ? -6.808  0.040   -0.893  1.00 28.95  ? 343 HOH A O     1 
HETATM 1247 O  O     . HOH L 6 .  ? -2.955  -3.784  -0.450  1.00 25.08  ? 344 HOH A O     1 
HETATM 1248 O  O     . HOH L 6 .  ? 6.832   10.835  4.205   1.00 28.54  ? 345 HOH A O     1 
HETATM 1249 O  O     . HOH L 6 .  ? 3.062   -10.304 6.539   1.00 14.12  ? 346 HOH A O     1 
HETATM 1250 O  O     . HOH L 6 .  ? 9.203   13.409  -5.027  1.00 30.93  ? 347 HOH A O     1 
HETATM 1251 O  O     . HOH L 6 .  ? 12.717  -11.379 5.784   1.00 32.59  ? 348 HOH A O     1 
HETATM 1252 O  O     . HOH L 6 .  ? 6.064   21.145  -14.917 1.00 30.82  ? 349 HOH A O     1 
HETATM 1253 O  O     . HOH L 6 .  ? 9.097   0.283   6.392   1.00 18.28  ? 350 HOH A O     1 
HETATM 1254 O  O     . HOH L 6 .  ? 4.879   11.257  -10.212 1.00 33.11  ? 351 HOH A O     1 
HETATM 1255 O  O     . HOH L 6 .  ? 18.231  5.145   -4.654  1.00 29.48  ? 352 HOH A O     1 
HETATM 1256 O  O     . HOH L 6 .  ? 3.051   -7.005  -6.156  1.00 20.46  ? 353 HOH A O     1 
HETATM 1257 O  O     . HOH L 6 .  ? -3.640  -0.827  1.099   1.00 30.15  ? 354 HOH A O     1 
HETATM 1258 O  O     . HOH L 6 .  ? 6.048   5.868   -13.521 1.00 30.34  ? 355 HOH A O     1 
HETATM 1259 O  O     . HOH L 6 .  ? -2.941  7.253   -5.244  1.00 33.68  ? 356 HOH A O     1 
HETATM 1260 O  O     . HOH L 6 .  ? 10.247  23.073  -10.161 1.00 30.04  ? 357 HOH A O     1 
HETATM 1261 O  O     . HOH L 6 .  ? 11.307  13.487  -6.695  1.00 25.96  ? 358 HOH A O     1 
HETATM 1262 O  O     . HOH L 6 .  ? 8.609   9.426   -11.016 1.00 20.26  ? 359 HOH A O     1 
HETATM 1263 O  O     . HOH L 6 .  ? 11.725  21.192  -11.815 1.00 28.50  ? 360 HOH A O     1 
HETATM 1264 O  O     . HOH L 6 .  ? 7.075   9.897   -8.491  1.00 21.37  ? 361 HOH A O     1 
HETATM 1265 O  O     . HOH L 6 .  ? 2.697   -7.032  8.130   1.00 21.93  ? 362 HOH A O     1 
HETATM 1266 O  O     . HOH L 6 .  ? 19.125  13.632  -6.562  1.00 26.02  ? 363 HOH A O     1 
HETATM 1267 O  O     . HOH L 6 .  ? 11.688  -8.897  4.568   1.00 17.91  ? 364 HOH A O     1 
HETATM 1268 O  O     . HOH L 6 .  ? -19.276 -11.985 17.856  1.00 49.27  ? 365 HOH A O     1 
HETATM 1269 O  O     . HOH L 6 .  ? -8.073  -4.429  -10.018 1.00 35.69  ? 366 HOH A O     1 
HETATM 1270 O  O     . HOH L 6 .  ? 1.416   -9.512  8.742   1.00 14.61  ? 367 HOH A O     1 
HETATM 1271 O  O     . HOH L 6 .  ? 14.620  5.986   1.183   1.00 29.03  ? 368 HOH A O     1 
HETATM 1272 O  O     . HOH L 6 .  ? 13.735  9.642   -20.755 1.00 24.18  ? 369 HOH A O     1 
HETATM 1273 O  O     . HOH L 6 .  ? -5.188  1.089   -9.622  1.00 26.20  ? 370 HOH A O     1 
HETATM 1274 O  O     . HOH L 6 .  ? -8.695  -10.671 -6.018  1.00 33.24  ? 371 HOH A O     1 
HETATM 1275 O  O     . HOH L 6 .  ? 7.272   2.220   -12.098 1.00 26.51  ? 372 HOH A O     1 
HETATM 1276 O  O     . HOH L 6 .  ? 6.461   -0.044  -11.968 1.00 27.32  ? 373 HOH A O     1 
HETATM 1277 O  O     . HOH L 6 .  ? 4.724   -1.673  5.497   1.00 22.23  ? 374 HOH A O     1 
HETATM 1278 O  O     . HOH L 6 .  ? -15.106 -6.387  3.780   1.00 34.63  ? 375 HOH A O     1 
HETATM 1279 O  O     . HOH L 6 .  ? -11.675 -10.239 15.568  1.00 50.07  ? 376 HOH A O     1 
HETATM 1280 O  O     . HOH L 6 .  ? 10.444  12.172  -8.876  1.00 26.98  ? 377 HOH A O     1 
HETATM 1281 O  O     . HOH L 6 .  ? -0.551  9.841   -1.862  1.00 35.07  ? 378 HOH A O     1 
HETATM 1282 O  O     . HOH L 6 .  ? -3.697  -18.024 9.175   1.00 30.19  ? 379 HOH A O     1 
HETATM 1283 O  O     . HOH L 6 .  ? 17.154  9.864   2.763   1.00 32.87  ? 380 HOH A O     1 
HETATM 1284 O  O     . HOH L 6 .  ? -0.093  -15.619 -0.127  1.00 28.46  ? 381 HOH A O     1 
HETATM 1285 O  O     . HOH L 6 .  ? -9.382  -14.441 10.328  1.00 34.71  ? 382 HOH A O     1 
HETATM 1286 O  O     . HOH L 6 .  ? 3.523   -11.590 -5.103  1.00 27.43  ? 383 HOH A O     1 
HETATM 1287 O  O     . HOH L 6 .  ? -0.172  10.317  0.276   1.00 36.98  ? 384 HOH A O     1 
HETATM 1288 O  O     . HOH L 6 .  ? 7.909   -19.168 0.924   1.00 28.31  ? 385 HOH A O     1 
HETATM 1289 O  O     . HOH L 6 .  ? -3.359  -2.286  3.514   1.00 28.64  ? 386 HOH A O     1 
HETATM 1290 O  O     . HOH L 6 .  ? 15.080  1.306   2.124   1.00 30.09  ? 387 HOH A O     1 
HETATM 1291 O  O     . HOH L 6 .  ? 6.168   3.409   -13.989 1.00 31.89  ? 388 HOH A O     1 
HETATM 1292 O  O     . HOH L 6 .  ? 13.610  3.655   7.764   1.00 30.41  ? 389 HOH A O     1 
HETATM 1293 O  O     . HOH L 6 .  ? 7.231   -0.888  -14.736 1.00 33.06  ? 390 HOH A O     1 
HETATM 1294 O  O     . HOH L 6 .  ? 13.326  15.489  -6.682  1.00 29.13  ? 391 HOH A O     1 
HETATM 1295 O  O     . HOH L 6 .  ? -20.702 -6.256  7.726   1.00 37.65  ? 392 HOH A O     1 
HETATM 1296 O  O     . HOH L 6 .  ? -19.359 -5.771  4.455   1.00 41.87  ? 393 HOH A O     1 
# 
